data_3HHV
# 
_entry.id   3HHV 
# 
_audit_conform.dict_name       mmcif_pdbx.dic 
_audit_conform.dict_version    5.399 
_audit_conform.dict_location   http://mmcif.pdb.org/dictionaries/ascii/mmcif_pdbx.dic 
# 
loop_
_database_2.database_id 
_database_2.database_code 
_database_2.pdbx_database_accession 
_database_2.pdbx_DOI 
PDB   3HHV         pdb_00003hhv 10.2210/pdb3hhv/pdb 
RCSB  RCSB053152   ?            ?                   
WWPDB D_1000053152 ?            ?                   
# 
loop_
_pdbx_audit_revision_history.ordinal 
_pdbx_audit_revision_history.data_content_type 
_pdbx_audit_revision_history.major_revision 
_pdbx_audit_revision_history.minor_revision 
_pdbx_audit_revision_history.revision_date 
1 'Structure model' 1 0 2009-10-27 
2 'Structure model' 1 1 2011-07-13 
3 'Structure model' 1 2 2023-09-06 
4 'Structure model' 1 3 2024-11-20 
# 
_pdbx_audit_revision_details.ordinal             1 
_pdbx_audit_revision_details.revision_ordinal    1 
_pdbx_audit_revision_details.data_content_type   'Structure model' 
_pdbx_audit_revision_details.provider            repository 
_pdbx_audit_revision_details.type                'Initial release' 
_pdbx_audit_revision_details.description         ? 
_pdbx_audit_revision_details.details             ? 
# 
loop_
_pdbx_audit_revision_group.ordinal 
_pdbx_audit_revision_group.revision_ordinal 
_pdbx_audit_revision_group.data_content_type 
_pdbx_audit_revision_group.group 
1 2 'Structure model' 'Version format compliance' 
2 3 'Structure model' 'Data collection'           
3 3 'Structure model' 'Database references'       
4 3 'Structure model' 'Refinement description'    
5 4 'Structure model' 'Structure summary'         
# 
loop_
_pdbx_audit_revision_category.ordinal 
_pdbx_audit_revision_category.revision_ordinal 
_pdbx_audit_revision_category.data_content_type 
_pdbx_audit_revision_category.category 
1 3 'Structure model' chem_comp_atom                
2 3 'Structure model' chem_comp_bond                
3 3 'Structure model' database_2                    
4 3 'Structure model' pdbx_initial_refinement_model 
5 4 'Structure model' pdbx_entry_details            
6 4 'Structure model' pdbx_modification_feature     
# 
loop_
_pdbx_audit_revision_item.ordinal 
_pdbx_audit_revision_item.revision_ordinal 
_pdbx_audit_revision_item.data_content_type 
_pdbx_audit_revision_item.item 
1 3 'Structure model' '_database_2.pdbx_DOI'                
2 3 'Structure model' '_database_2.pdbx_database_accession' 
# 
_pdbx_database_status.status_code                     REL 
_pdbx_database_status.entry_id                        3HHV 
_pdbx_database_status.recvd_initial_deposition_date   2009-05-18 
_pdbx_database_status.deposit_site                    RCSB 
_pdbx_database_status.process_site                    RCSB 
_pdbx_database_status.status_code_sf                  REL 
_pdbx_database_status.status_code_mr                  ? 
_pdbx_database_status.SG_entry                        ? 
_pdbx_database_status.pdb_format_compatible           Y 
_pdbx_database_status.status_code_cs                  ? 
_pdbx_database_status.status_code_nmr_data            ? 
_pdbx_database_status.methods_development_category    ? 
# 
loop_
_audit_author.name 
_audit_author.pdbx_ordinal 
'Ruggiero, A.'   1 
'Masullo, M.'    2 
'Ruocco, M.R.'   3 
'Arcari, P.'     4 
'Zagari, A.'     5 
'Vitagliano, L.' 6 
# 
_citation.id                        primary 
_citation.title                     
'The dimeric structure of Sulfolobus solfataricus thioredoxin A2 and the basis of its thermostability' 
_citation.journal_abbrev            Proteins 
_citation.journal_volume            77 
_citation.page_first                1004 
_citation.page_last                 1008 
_citation.year                      2009 
_citation.journal_id_ASTM           PSFGEY 
_citation.country                   US 
_citation.journal_id_ISSN           0887-3585 
_citation.journal_id_CSD            0867 
_citation.book_publisher            ? 
_citation.pdbx_database_id_PubMed   19768676 
_citation.pdbx_database_id_DOI      10.1002/prot.22559 
# 
loop_
_citation_author.citation_id 
_citation_author.name 
_citation_author.ordinal 
_citation_author.identifier_ORCID 
primary 'Ruggiero, A.'   1 ? 
primary 'Masullo, M.'    2 ? 
primary 'Marasco, D.'    3 ? 
primary 'Ruocco, M.R.'   4 ? 
primary 'Grimaldi, P.'   5 ? 
primary 'Arcari, P.'     6 ? 
primary 'Zagari, A.'     7 ? 
primary 'Vitagliano, L.' 8 ? 
# 
loop_
_entity.id 
_entity.type 
_entity.src_method 
_entity.pdbx_description 
_entity.formula_weight 
_entity.pdbx_number_of_molecules 
_entity.pdbx_ec 
_entity.pdbx_mutation 
_entity.pdbx_fragment 
_entity.details 
1 polymer man 'Thioredoxin (TrxA-2)' 12638.670 1  ? 'Truncated form 26-135' 'Thioredoxin A2' ? 
2 water   nat water                  18.015    76 ? ?                       ?                ? 
# 
_entity_poly.entity_id                      1 
_entity_poly.type                           'polypeptide(L)' 
_entity_poly.nstd_linkage                   no 
_entity_poly.nstd_monomer                   no 
_entity_poly.pdbx_seq_one_letter_code       
;KEKVKEPVKHLNSKNFDEFITKNKIVVVDFWAEWCAPCLILAPVIEELANDYPQVAFGKLNTEESQDIAMRYGIMSLPTI
MFFKNGELVDQILGAVPREEIEVRLKSLLE
;
_entity_poly.pdbx_seq_one_letter_code_can   
;KEKVKEPVKHLNSKNFDEFITKNKIVVVDFWAEWCAPCLILAPVIEELANDYPQVAFGKLNTEESQDIAMRYGIMSLPTI
MFFKNGELVDQILGAVPREEIEVRLKSLLE
;
_entity_poly.pdbx_strand_id                 A 
_entity_poly.pdbx_target_identifier         ? 
# 
_pdbx_entity_nonpoly.entity_id   2 
_pdbx_entity_nonpoly.name        water 
_pdbx_entity_nonpoly.comp_id     HOH 
# 
loop_
_entity_poly_seq.entity_id 
_entity_poly_seq.num 
_entity_poly_seq.mon_id 
_entity_poly_seq.hetero 
1 1   LYS n 
1 2   GLU n 
1 3   LYS n 
1 4   VAL n 
1 5   LYS n 
1 6   GLU n 
1 7   PRO n 
1 8   VAL n 
1 9   LYS n 
1 10  HIS n 
1 11  LEU n 
1 12  ASN n 
1 13  SER n 
1 14  LYS n 
1 15  ASN n 
1 16  PHE n 
1 17  ASP n 
1 18  GLU n 
1 19  PHE n 
1 20  ILE n 
1 21  THR n 
1 22  LYS n 
1 23  ASN n 
1 24  LYS n 
1 25  ILE n 
1 26  VAL n 
1 27  VAL n 
1 28  VAL n 
1 29  ASP n 
1 30  PHE n 
1 31  TRP n 
1 32  ALA n 
1 33  GLU n 
1 34  TRP n 
1 35  CYS n 
1 36  ALA n 
1 37  PRO n 
1 38  CYS n 
1 39  LEU n 
1 40  ILE n 
1 41  LEU n 
1 42  ALA n 
1 43  PRO n 
1 44  VAL n 
1 45  ILE n 
1 46  GLU n 
1 47  GLU n 
1 48  LEU n 
1 49  ALA n 
1 50  ASN n 
1 51  ASP n 
1 52  TYR n 
1 53  PRO n 
1 54  GLN n 
1 55  VAL n 
1 56  ALA n 
1 57  PHE n 
1 58  GLY n 
1 59  LYS n 
1 60  LEU n 
1 61  ASN n 
1 62  THR n 
1 63  GLU n 
1 64  GLU n 
1 65  SER n 
1 66  GLN n 
1 67  ASP n 
1 68  ILE n 
1 69  ALA n 
1 70  MET n 
1 71  ARG n 
1 72  TYR n 
1 73  GLY n 
1 74  ILE n 
1 75  MET n 
1 76  SER n 
1 77  LEU n 
1 78  PRO n 
1 79  THR n 
1 80  ILE n 
1 81  MET n 
1 82  PHE n 
1 83  PHE n 
1 84  LYS n 
1 85  ASN n 
1 86  GLY n 
1 87  GLU n 
1 88  LEU n 
1 89  VAL n 
1 90  ASP n 
1 91  GLN n 
1 92  ILE n 
1 93  LEU n 
1 94  GLY n 
1 95  ALA n 
1 96  VAL n 
1 97  PRO n 
1 98  ARG n 
1 99  GLU n 
1 100 GLU n 
1 101 ILE n 
1 102 GLU n 
1 103 VAL n 
1 104 ARG n 
1 105 LEU n 
1 106 LYS n 
1 107 SER n 
1 108 LEU n 
1 109 LEU n 
1 110 GLU n 
# 
_entity_src_gen.entity_id                          1 
_entity_src_gen.pdbx_src_id                        1 
_entity_src_gen.pdbx_alt_source_flag               sample 
_entity_src_gen.pdbx_seq_type                      ? 
_entity_src_gen.pdbx_beg_seq_num                   ? 
_entity_src_gen.pdbx_end_seq_num                   ? 
_entity_src_gen.gene_src_common_name               ? 
_entity_src_gen.gene_src_genus                     ? 
_entity_src_gen.pdbx_gene_src_gene                 'trxA-2, SSO2232' 
_entity_src_gen.gene_src_species                   ? 
_entity_src_gen.gene_src_strain                    ? 
_entity_src_gen.gene_src_tissue                    ? 
_entity_src_gen.gene_src_tissue_fraction           ? 
_entity_src_gen.gene_src_details                   ? 
_entity_src_gen.pdbx_gene_src_fragment             ? 
_entity_src_gen.pdbx_gene_src_scientific_name      'Sulfolobus solfataricus' 
_entity_src_gen.pdbx_gene_src_ncbi_taxonomy_id     2287 
_entity_src_gen.pdbx_gene_src_variant              ? 
_entity_src_gen.pdbx_gene_src_cell_line            ? 
_entity_src_gen.pdbx_gene_src_atcc                 ? 
_entity_src_gen.pdbx_gene_src_organ                ? 
_entity_src_gen.pdbx_gene_src_organelle            ? 
_entity_src_gen.pdbx_gene_src_cell                 ? 
_entity_src_gen.pdbx_gene_src_cellular_location    ? 
_entity_src_gen.host_org_common_name               ? 
_entity_src_gen.pdbx_host_org_scientific_name      'Escherichia coli' 
_entity_src_gen.pdbx_host_org_ncbi_taxonomy_id     562 
_entity_src_gen.host_org_genus                     ? 
_entity_src_gen.pdbx_host_org_gene                 ? 
_entity_src_gen.pdbx_host_org_organ                ? 
_entity_src_gen.host_org_species                   ? 
_entity_src_gen.pdbx_host_org_tissue               ? 
_entity_src_gen.pdbx_host_org_tissue_fraction      ? 
_entity_src_gen.pdbx_host_org_strain               'BL21(DE3)' 
_entity_src_gen.pdbx_host_org_variant              ? 
_entity_src_gen.pdbx_host_org_cell_line            ? 
_entity_src_gen.pdbx_host_org_atcc                 ? 
_entity_src_gen.pdbx_host_org_culture_collection   ? 
_entity_src_gen.pdbx_host_org_cell                 ? 
_entity_src_gen.pdbx_host_org_organelle            ? 
_entity_src_gen.pdbx_host_org_cellular_location    ? 
_entity_src_gen.pdbx_host_org_vector_type          ? 
_entity_src_gen.pdbx_host_org_vector               ? 
_entity_src_gen.host_org_details                   ? 
_entity_src_gen.expression_system_id               ? 
_entity_src_gen.plasmid_name                       ? 
_entity_src_gen.plasmid_details                    ? 
_entity_src_gen.pdbx_description                   ? 
# 
loop_
_chem_comp.id 
_chem_comp.type 
_chem_comp.mon_nstd_flag 
_chem_comp.name 
_chem_comp.pdbx_synonyms 
_chem_comp.formula 
_chem_comp.formula_weight 
ALA 'L-peptide linking' y ALANINE         ? 'C3 H7 N O2'     89.093  
ARG 'L-peptide linking' y ARGININE        ? 'C6 H15 N4 O2 1' 175.209 
ASN 'L-peptide linking' y ASPARAGINE      ? 'C4 H8 N2 O3'    132.118 
ASP 'L-peptide linking' y 'ASPARTIC ACID' ? 'C4 H7 N O4'     133.103 
CYS 'L-peptide linking' y CYSTEINE        ? 'C3 H7 N O2 S'   121.158 
GLN 'L-peptide linking' y GLUTAMINE       ? 'C5 H10 N2 O3'   146.144 
GLU 'L-peptide linking' y 'GLUTAMIC ACID' ? 'C5 H9 N O4'     147.129 
GLY 'peptide linking'   y GLYCINE         ? 'C2 H5 N O2'     75.067  
HIS 'L-peptide linking' y HISTIDINE       ? 'C6 H10 N3 O2 1' 156.162 
HOH non-polymer         . WATER           ? 'H2 O'           18.015  
ILE 'L-peptide linking' y ISOLEUCINE      ? 'C6 H13 N O2'    131.173 
LEU 'L-peptide linking' y LEUCINE         ? 'C6 H13 N O2'    131.173 
LYS 'L-peptide linking' y LYSINE          ? 'C6 H15 N2 O2 1' 147.195 
MET 'L-peptide linking' y METHIONINE      ? 'C5 H11 N O2 S'  149.211 
PHE 'L-peptide linking' y PHENYLALANINE   ? 'C9 H11 N O2'    165.189 
PRO 'L-peptide linking' y PROLINE         ? 'C5 H9 N O2'     115.130 
SER 'L-peptide linking' y SERINE          ? 'C3 H7 N O3'     105.093 
THR 'L-peptide linking' y THREONINE       ? 'C4 H9 N O3'     119.119 
TRP 'L-peptide linking' y TRYPTOPHAN      ? 'C11 H12 N2 O2'  204.225 
TYR 'L-peptide linking' y TYROSINE        ? 'C9 H11 N O3'    181.189 
VAL 'L-peptide linking' y VALINE          ? 'C5 H11 N O2'    117.146 
# 
loop_
_pdbx_poly_seq_scheme.asym_id 
_pdbx_poly_seq_scheme.entity_id 
_pdbx_poly_seq_scheme.seq_id 
_pdbx_poly_seq_scheme.mon_id 
_pdbx_poly_seq_scheme.ndb_seq_num 
_pdbx_poly_seq_scheme.pdb_seq_num 
_pdbx_poly_seq_scheme.auth_seq_num 
_pdbx_poly_seq_scheme.pdb_mon_id 
_pdbx_poly_seq_scheme.auth_mon_id 
_pdbx_poly_seq_scheme.pdb_strand_id 
_pdbx_poly_seq_scheme.pdb_ins_code 
_pdbx_poly_seq_scheme.hetero 
A 1 1   LYS 1   26  ?   ?   ?   A . n 
A 1 2   GLU 2   27  ?   ?   ?   A . n 
A 1 3   LYS 3   28  ?   ?   ?   A . n 
A 1 4   VAL 4   29  ?   ?   ?   A . n 
A 1 5   LYS 5   30  ?   ?   ?   A . n 
A 1 6   GLU 6   31  ?   ?   ?   A . n 
A 1 7   PRO 7   32  32  PRO PRO A . n 
A 1 8   VAL 8   33  33  VAL VAL A . n 
A 1 9   LYS 9   34  34  LYS LYS A . n 
A 1 10  HIS 10  35  35  HIS HIS A . n 
A 1 11  LEU 11  36  36  LEU LEU A . n 
A 1 12  ASN 12  37  37  ASN ASN A . n 
A 1 13  SER 13  38  38  SER SER A . n 
A 1 14  LYS 14  39  39  LYS LYS A . n 
A 1 15  ASN 15  40  40  ASN ASN A . n 
A 1 16  PHE 16  41  41  PHE PHE A . n 
A 1 17  ASP 17  42  42  ASP ASP A . n 
A 1 18  GLU 18  43  43  GLU GLU A . n 
A 1 19  PHE 19  44  44  PHE PHE A . n 
A 1 20  ILE 20  45  45  ILE ILE A . n 
A 1 21  THR 21  46  46  THR THR A . n 
A 1 22  LYS 22  47  47  LYS LYS A . n 
A 1 23  ASN 23  48  48  ASN ASN A . n 
A 1 24  LYS 24  49  49  LYS LYS A . n 
A 1 25  ILE 25  50  50  ILE ILE A . n 
A 1 26  VAL 26  51  51  VAL VAL A . n 
A 1 27  VAL 27  52  52  VAL VAL A . n 
A 1 28  VAL 28  53  53  VAL VAL A . n 
A 1 29  ASP 29  54  54  ASP ASP A . n 
A 1 30  PHE 30  55  55  PHE PHE A . n 
A 1 31  TRP 31  56  56  TRP TRP A . n 
A 1 32  ALA 32  57  57  ALA ALA A . n 
A 1 33  GLU 33  58  58  GLU GLU A . n 
A 1 34  TRP 34  59  59  TRP TRP A . n 
A 1 35  CYS 35  60  60  CYS CYS A . n 
A 1 36  ALA 36  61  61  ALA ALA A . n 
A 1 37  PRO 37  62  62  PRO PRO A . n 
A 1 38  CYS 38  63  63  CYS CYS A . n 
A 1 39  LEU 39  64  64  LEU LEU A . n 
A 1 40  ILE 40  65  65  ILE ILE A . n 
A 1 41  LEU 41  66  66  LEU LEU A . n 
A 1 42  ALA 42  67  67  ALA ALA A . n 
A 1 43  PRO 43  68  68  PRO PRO A . n 
A 1 44  VAL 44  69  69  VAL VAL A . n 
A 1 45  ILE 45  70  70  ILE ILE A . n 
A 1 46  GLU 46  71  71  GLU GLU A . n 
A 1 47  GLU 47  72  72  GLU GLU A . n 
A 1 48  LEU 48  73  73  LEU LEU A . n 
A 1 49  ALA 49  74  74  ALA ALA A . n 
A 1 50  ASN 50  75  75  ASN ASN A . n 
A 1 51  ASP 51  76  76  ASP ASP A . n 
A 1 52  TYR 52  77  77  TYR TYR A . n 
A 1 53  PRO 53  78  78  PRO PRO A . n 
A 1 54  GLN 54  79  79  GLN GLN A . n 
A 1 55  VAL 55  80  80  VAL VAL A . n 
A 1 56  ALA 56  81  81  ALA ALA A . n 
A 1 57  PHE 57  82  82  PHE PHE A . n 
A 1 58  GLY 58  83  83  GLY GLY A . n 
A 1 59  LYS 59  84  84  LYS LYS A . n 
A 1 60  LEU 60  85  85  LEU LEU A . n 
A 1 61  ASN 61  86  86  ASN ASN A . n 
A 1 62  THR 62  87  87  THR THR A . n 
A 1 63  GLU 63  88  88  GLU GLU A . n 
A 1 64  GLU 64  89  89  GLU GLU A . n 
A 1 65  SER 65  90  90  SER SER A . n 
A 1 66  GLN 66  91  91  GLN GLN A . n 
A 1 67  ASP 67  92  92  ASP ASP A . n 
A 1 68  ILE 68  93  93  ILE ILE A . n 
A 1 69  ALA 69  94  94  ALA ALA A . n 
A 1 70  MET 70  95  95  MET MET A . n 
A 1 71  ARG 71  96  96  ARG ARG A . n 
A 1 72  TYR 72  97  97  TYR TYR A . n 
A 1 73  GLY 73  98  98  GLY GLY A . n 
A 1 74  ILE 74  99  99  ILE ILE A . n 
A 1 75  MET 75  100 100 MET MET A . n 
A 1 76  SER 76  101 101 SER SER A . n 
A 1 77  LEU 77  102 102 LEU LEU A . n 
A 1 78  PRO 78  103 103 PRO PRO A . n 
A 1 79  THR 79  104 104 THR THR A . n 
A 1 80  ILE 80  105 105 ILE ILE A . n 
A 1 81  MET 81  106 106 MET MET A . n 
A 1 82  PHE 82  107 107 PHE PHE A . n 
A 1 83  PHE 83  108 108 PHE PHE A . n 
A 1 84  LYS 84  109 109 LYS LYS A . n 
A 1 85  ASN 85  110 110 ASN ASN A . n 
A 1 86  GLY 86  111 111 GLY GLY A . n 
A 1 87  GLU 87  112 112 GLU GLU A . n 
A 1 88  LEU 88  113 113 LEU LEU A . n 
A 1 89  VAL 89  114 114 VAL VAL A . n 
A 1 90  ASP 90  115 115 ASP ASP A . n 
A 1 91  GLN 91  116 116 GLN GLN A . n 
A 1 92  ILE 92  117 117 ILE ILE A . n 
A 1 93  LEU 93  118 118 LEU LEU A . n 
A 1 94  GLY 94  119 119 GLY GLY A . n 
A 1 95  ALA 95  120 120 ALA ALA A . n 
A 1 96  VAL 96  121 121 VAL VAL A . n 
A 1 97  PRO 97  122 122 PRO PRO A . n 
A 1 98  ARG 98  123 123 ARG ARG A . n 
A 1 99  GLU 99  124 124 GLU GLU A . n 
A 1 100 GLU 100 125 125 GLU GLU A . n 
A 1 101 ILE 101 126 126 ILE ILE A . n 
A 1 102 GLU 102 127 127 GLU GLU A . n 
A 1 103 VAL 103 128 128 VAL VAL A . n 
A 1 104 ARG 104 129 129 ARG ARG A . n 
A 1 105 LEU 105 130 130 LEU LEU A . n 
A 1 106 LYS 106 131 131 LYS LYS A . n 
A 1 107 SER 107 132 132 SER SER A . n 
A 1 108 LEU 108 133 133 LEU LEU A . n 
A 1 109 LEU 109 134 134 LEU LEU A . n 
A 1 110 GLU 110 135 ?   ?   ?   A . n 
# 
loop_
_pdbx_nonpoly_scheme.asym_id 
_pdbx_nonpoly_scheme.entity_id 
_pdbx_nonpoly_scheme.mon_id 
_pdbx_nonpoly_scheme.ndb_seq_num 
_pdbx_nonpoly_scheme.pdb_seq_num 
_pdbx_nonpoly_scheme.auth_seq_num 
_pdbx_nonpoly_scheme.pdb_mon_id 
_pdbx_nonpoly_scheme.auth_mon_id 
_pdbx_nonpoly_scheme.pdb_strand_id 
_pdbx_nonpoly_scheme.pdb_ins_code 
B 2 HOH 1  2   2  HOH HOH A . 
B 2 HOH 2  3   3  HOH HOH A . 
B 2 HOH 3  4   4  HOH HOH A . 
B 2 HOH 4  5   5  HOH HOH A . 
B 2 HOH 5  6   6  HOH HOH A . 
B 2 HOH 6  7   7  HOH HOH A . 
B 2 HOH 7  8   8  HOH HOH A . 
B 2 HOH 8  9   9  HOH HOH A . 
B 2 HOH 9  10  10 HOH HOH A . 
B 2 HOH 10 11  11 HOH HOH A . 
B 2 HOH 11 12  12 HOH HOH A . 
B 2 HOH 12 13  13 HOH HOH A . 
B 2 HOH 13 14  14 HOH HOH A . 
B 2 HOH 14 15  15 HOH HOH A . 
B 2 HOH 15 16  16 HOH HOH A . 
B 2 HOH 16 17  17 HOH HOH A . 
B 2 HOH 17 18  18 HOH HOH A . 
B 2 HOH 18 19  19 HOH HOH A . 
B 2 HOH 19 20  20 HOH HOH A . 
B 2 HOH 20 21  21 HOH HOH A . 
B 2 HOH 21 22  22 HOH HOH A . 
B 2 HOH 22 23  23 HOH HOH A . 
B 2 HOH 23 24  24 HOH HOH A . 
B 2 HOH 24 136 26 HOH HOH A . 
B 2 HOH 25 137 27 HOH HOH A . 
B 2 HOH 26 138 29 HOH HOH A . 
B 2 HOH 27 139 30 HOH HOH A . 
B 2 HOH 28 140 31 HOH HOH A . 
B 2 HOH 29 141 33 HOH HOH A . 
B 2 HOH 30 142 34 HOH HOH A . 
B 2 HOH 31 143 35 HOH HOH A . 
B 2 HOH 32 144 36 HOH HOH A . 
B 2 HOH 33 145 37 HOH HOH A . 
B 2 HOH 34 146 38 HOH HOH A . 
B 2 HOH 35 147 39 HOH HOH A . 
B 2 HOH 36 148 40 HOH HOH A . 
B 2 HOH 37 149 42 HOH HOH A . 
B 2 HOH 38 150 43 HOH HOH A . 
B 2 HOH 39 151 44 HOH HOH A . 
B 2 HOH 40 152 45 HOH HOH A . 
B 2 HOH 41 153 46 HOH HOH A . 
B 2 HOH 42 154 47 HOH HOH A . 
B 2 HOH 43 155 48 HOH HOH A . 
B 2 HOH 44 156 49 HOH HOH A . 
B 2 HOH 45 157 50 HOH HOH A . 
B 2 HOH 46 158 51 HOH HOH A . 
B 2 HOH 47 159 52 HOH HOH A . 
B 2 HOH 48 160 53 HOH HOH A . 
B 2 HOH 49 161 54 HOH HOH A . 
B 2 HOH 50 162 55 HOH HOH A . 
B 2 HOH 51 163 56 HOH HOH A . 
B 2 HOH 52 164 57 HOH HOH A . 
B 2 HOH 53 165 59 HOH HOH A . 
B 2 HOH 54 166 60 HOH HOH A . 
B 2 HOH 55 167 61 HOH HOH A . 
B 2 HOH 56 168 62 HOH HOH A . 
B 2 HOH 57 169 63 HOH HOH A . 
B 2 HOH 58 170 64 HOH HOH A . 
B 2 HOH 59 171 65 HOH HOH A . 
B 2 HOH 60 172 67 HOH HOH A . 
B 2 HOH 61 173 68 HOH HOH A . 
B 2 HOH 62 174 69 HOH HOH A . 
B 2 HOH 63 175 70 HOH HOH A . 
B 2 HOH 64 176 71 HOH HOH A . 
B 2 HOH 65 177 72 HOH HOH A . 
B 2 HOH 66 178 73 HOH HOH A . 
B 2 HOH 67 179 74 HOH HOH A . 
B 2 HOH 68 180 76 HOH HOH A . 
B 2 HOH 69 181 77 HOH HOH A . 
B 2 HOH 70 182 78 HOH HOH A . 
B 2 HOH 71 183 79 HOH HOH A . 
B 2 HOH 72 184 82 HOH HOH A . 
B 2 HOH 73 185 84 HOH HOH A . 
B 2 HOH 74 186 85 HOH HOH A . 
B 2 HOH 75 187 86 HOH HOH A . 
B 2 HOH 76 188 87 HOH HOH A . 
# 
loop_
_pdbx_unobs_or_zero_occ_atoms.id 
_pdbx_unobs_or_zero_occ_atoms.PDB_model_num 
_pdbx_unobs_or_zero_occ_atoms.polymer_flag 
_pdbx_unobs_or_zero_occ_atoms.occupancy_flag 
_pdbx_unobs_or_zero_occ_atoms.auth_asym_id 
_pdbx_unobs_or_zero_occ_atoms.auth_comp_id 
_pdbx_unobs_or_zero_occ_atoms.auth_seq_id 
_pdbx_unobs_or_zero_occ_atoms.PDB_ins_code 
_pdbx_unobs_or_zero_occ_atoms.auth_atom_id 
_pdbx_unobs_or_zero_occ_atoms.label_alt_id 
_pdbx_unobs_or_zero_occ_atoms.label_asym_id 
_pdbx_unobs_or_zero_occ_atoms.label_comp_id 
_pdbx_unobs_or_zero_occ_atoms.label_seq_id 
_pdbx_unobs_or_zero_occ_atoms.label_atom_id 
1  1 Y 1 A GLU 72  ? CD  ? A GLU 47  CD  
2  1 Y 1 A GLU 72  ? OE1 ? A GLU 47  OE1 
3  1 Y 1 A GLU 72  ? OE2 ? A GLU 47  OE2 
4  1 Y 1 A LYS 84  ? CE  ? A LYS 59  CE  
5  1 Y 1 A LYS 84  ? NZ  ? A LYS 59  NZ  
6  1 Y 1 A GLU 124 ? CG  ? A GLU 99  CG  
7  1 Y 1 A GLU 124 ? CD  ? A GLU 99  CD  
8  1 Y 1 A GLU 124 ? OE1 ? A GLU 99  OE1 
9  1 Y 1 A GLU 124 ? OE2 ? A GLU 99  OE2 
10 1 Y 1 A LYS 131 ? CE  ? A LYS 106 CE  
11 1 Y 1 A LYS 131 ? NZ  ? A LYS 106 NZ  
# 
loop_
_software.name 
_software.classification 
_software.version 
_software.citation_id 
_software.pdbx_ordinal 
HKL-2000 'data collection' .   ? 1 
AMoRE    phasing           .   ? 2 
REFMAC   refinement        5.0 ? 3 
HKL-2000 'data reduction'  .   ? 4 
HKL-2000 'data scaling'    .   ? 5 
# 
_cell.entry_id           3HHV 
_cell.length_a           28.272 
_cell.length_b           27.882 
_cell.length_c           62.060 
_cell.angle_alpha        90.00 
_cell.angle_beta         92.34 
_cell.angle_gamma        90.00 
_cell.Z_PDB              2 
_cell.pdbx_unique_axis   ? 
_cell.length_a_esd       ? 
_cell.length_b_esd       ? 
_cell.length_c_esd       ? 
_cell.angle_alpha_esd    ? 
_cell.angle_beta_esd     ? 
_cell.angle_gamma_esd    ? 
# 
_symmetry.entry_id                         3HHV 
_symmetry.space_group_name_H-M             'P 1 2 1' 
_symmetry.pdbx_full_space_group_name_H-M   ? 
_symmetry.cell_setting                     ? 
_symmetry.Int_Tables_number                3 
_symmetry.space_group_name_Hall            ? 
# 
_exptl.entry_id          3HHV 
_exptl.method            'X-RAY DIFFRACTION' 
_exptl.crystals_number   1 
# 
_exptl_crystal.id                    1 
_exptl_crystal.density_meas          ? 
_exptl_crystal.density_Matthews      1.93 
_exptl_crystal.density_percent_sol   36.39 
_exptl_crystal.description           ? 
_exptl_crystal.F_000                 ? 
_exptl_crystal.preparation           ? 
# 
_exptl_crystal_grow.crystal_id      1 
_exptl_crystal_grow.method          'VAPOR DIFFUSION, HANGING DROP' 
_exptl_crystal_grow.temp            298 
_exptl_crystal_grow.temp_details    ? 
_exptl_crystal_grow.pH              6.2 
_exptl_crystal_grow.pdbx_details    
'18-22% PEG3350, 0.2 M ammonium iodide, pH 6.2, VAPOR DIFFUSION, HANGING DROP, temperature 298K' 
_exptl_crystal_grow.pdbx_pH_range   ? 
# 
_diffrn.id                     1 
_diffrn.ambient_temp           100 
_diffrn.ambient_temp_details   ? 
_diffrn.crystal_id             1 
# 
_diffrn_detector.diffrn_id              1 
_diffrn_detector.detector               CCD 
_diffrn_detector.type                   'RIGAKU SATURN 944' 
_diffrn_detector.pdbx_collection_date   2006-07-17 
_diffrn_detector.details                mirrors 
# 
_diffrn_radiation.diffrn_id                        1 
_diffrn_radiation.wavelength_id                    1 
_diffrn_radiation.pdbx_monochromatic_or_laue_m_l   M 
_diffrn_radiation.monochromator                    mirrors 
_diffrn_radiation.pdbx_diffrn_protocol             'SINGLE WAVELENGTH' 
_diffrn_radiation.pdbx_scattering_type             x-ray 
# 
_diffrn_radiation_wavelength.id           1 
_diffrn_radiation_wavelength.wavelength   1.54 
_diffrn_radiation_wavelength.wt           1.0 
# 
_diffrn_source.diffrn_id                   1 
_diffrn_source.source                      'ROTATING ANODE' 
_diffrn_source.type                        'RIGAKU MICROMAX-007 HF' 
_diffrn_source.pdbx_synchrotron_site       ? 
_diffrn_source.pdbx_synchrotron_beamline   ? 
_diffrn_source.pdbx_wavelength             ? 
_diffrn_source.pdbx_wavelength_list        1.54 
# 
_reflns.entry_id                     3HHV 
_reflns.observed_criterion_sigma_I   0 
_reflns.observed_criterion_sigma_F   0 
_reflns.d_resolution_low             50 
_reflns.d_resolution_high            1.83 
_reflns.number_obs                   8660 
_reflns.number_all                   8660 
_reflns.percent_possible_obs         98.8 
_reflns.pdbx_Rmerge_I_obs            0.058 
_reflns.pdbx_Rsym_value              ? 
_reflns.pdbx_netI_over_sigmaI        29.8 
_reflns.B_iso_Wilson_estimate        ? 
_reflns.pdbx_redundancy              2.7 
_reflns.R_free_details               ? 
_reflns.limit_h_max                  ? 
_reflns.limit_h_min                  ? 
_reflns.limit_k_max                  ? 
_reflns.limit_k_min                  ? 
_reflns.limit_l_max                  ? 
_reflns.limit_l_min                  ? 
_reflns.observed_criterion_F_max     ? 
_reflns.observed_criterion_F_min     ? 
_reflns.pdbx_chi_squared             ? 
_reflns.pdbx_scaling_rejects         ? 
_reflns.pdbx_diffrn_id               1 
_reflns.pdbx_ordinal                 1 
# 
_reflns_shell.d_res_high             1.83 
_reflns_shell.d_res_low              1.90 
_reflns_shell.percent_possible_all   96.5 
_reflns_shell.Rmerge_I_obs           0.176 
_reflns_shell.pdbx_Rsym_value        ? 
_reflns_shell.meanI_over_sigI_obs    ? 
_reflns_shell.pdbx_redundancy        ? 
_reflns_shell.percent_possible_obs   ? 
_reflns_shell.number_unique_all      ? 
_reflns_shell.number_measured_all    ? 
_reflns_shell.number_measured_obs    ? 
_reflns_shell.number_unique_obs      ? 
_reflns_shell.pdbx_chi_squared       ? 
_reflns_shell.pdbx_diffrn_id         ? 
_reflns_shell.pdbx_ordinal           1 
# 
_refine.entry_id                                 3HHV 
_refine.ls_number_reflns_obs                     8653 
_refine.ls_number_reflns_all                     8653 
_refine.pdbx_ls_sigma_I                          0 
_refine.pdbx_ls_sigma_F                          0 
_refine.pdbx_data_cutoff_high_absF               ? 
_refine.pdbx_data_cutoff_low_absF                ? 
_refine.pdbx_data_cutoff_high_rms_absF           ? 
_refine.ls_d_res_low                             50.0 
_refine.ls_d_res_high                            1.83 
_refine.ls_percent_reflns_obs                    98 
_refine.ls_R_factor_obs                          0.199 
_refine.ls_R_factor_all                          0.199 
_refine.ls_R_factor_R_work                       0.196 
_refine.ls_R_factor_R_free                       0.246 
_refine.ls_R_factor_R_free_error                 ? 
_refine.ls_R_factor_R_free_error_details         ? 
_refine.ls_percent_reflns_R_free                 ? 
_refine.ls_number_reflns_R_free                  408 
_refine.ls_number_parameters                     ? 
_refine.ls_number_restraints                     ? 
_refine.occupancy_min                            ? 
_refine.occupancy_max                            ? 
_refine.correlation_coeff_Fo_to_Fc               ? 
_refine.correlation_coeff_Fo_to_Fc_free          ? 
_refine.B_iso_mean                               ? 
_refine.aniso_B[1][1]                            ? 
_refine.aniso_B[2][2]                            ? 
_refine.aniso_B[3][3]                            ? 
_refine.aniso_B[1][2]                            ? 
_refine.aniso_B[1][3]                            ? 
_refine.aniso_B[2][3]                            ? 
_refine.solvent_model_details                    ? 
_refine.solvent_model_param_ksol                 ? 
_refine.solvent_model_param_bsol                 ? 
_refine.pdbx_solvent_vdw_probe_radii             ? 
_refine.pdbx_solvent_ion_probe_radii             ? 
_refine.pdbx_solvent_shrinkage_radii             ? 
_refine.pdbx_ls_cross_valid_method               THROUGHOUT 
_refine.details                                  ? 
_refine.pdbx_starting_model                      'PDB ENTRY 1FB6' 
_refine.pdbx_method_to_determine_struct          'MOLECULAR REPLACEMENT' 
_refine.pdbx_isotropic_thermal_model             Isotropic 
_refine.pdbx_stereochemistry_target_values       'Engh & Huber' 
_refine.pdbx_stereochem_target_val_spec_case     ? 
_refine.pdbx_R_Free_selection_details            Random 
_refine.pdbx_overall_ESU_R                       ? 
_refine.pdbx_overall_ESU_R_Free                  ? 
_refine.overall_SU_ML                            ? 
_refine.overall_SU_B                             ? 
_refine.ls_redundancy_reflns_obs                 ? 
_refine.B_iso_min                                ? 
_refine.B_iso_max                                ? 
_refine.overall_SU_R_Cruickshank_DPI             ? 
_refine.overall_SU_R_free                        ? 
_refine.ls_wR_factor_R_free                      ? 
_refine.ls_wR_factor_R_work                      ? 
_refine.overall_FOM_free_R_set                   ? 
_refine.overall_FOM_work_R_set                   ? 
_refine.pdbx_overall_phase_error                 ? 
_refine.pdbx_refine_id                           'X-RAY DIFFRACTION' 
_refine.pdbx_diffrn_id                           1 
_refine.pdbx_TLS_residual_ADP_flag               ? 
_refine.pdbx_overall_SU_R_free_Cruickshank_DPI   ? 
_refine.pdbx_overall_SU_R_Blow_DPI               ? 
_refine.pdbx_overall_SU_R_free_Blow_DPI          ? 
# 
_refine_hist.pdbx_refine_id                   'X-RAY DIFFRACTION' 
_refine_hist.cycle_id                         LAST 
_refine_hist.pdbx_number_atoms_protein        815 
_refine_hist.pdbx_number_atoms_nucleic_acid   0 
_refine_hist.pdbx_number_atoms_ligand         0 
_refine_hist.number_atoms_solvent             76 
_refine_hist.number_atoms_total               891 
_refine_hist.d_res_high                       1.83 
_refine_hist.d_res_low                        50.0 
# 
loop_
_refine_ls_restr.type 
_refine_ls_restr.dev_ideal 
_refine_ls_restr.dev_ideal_target 
_refine_ls_restr.weight 
_refine_ls_restr.number 
_refine_ls_restr.pdbx_refine_id 
_refine_ls_restr.pdbx_restraint_function 
o_bond_d    0.016 ? ? ? 'X-RAY DIFFRACTION' ? 
o_angle_deg 1.50  ? ? ? 'X-RAY DIFFRACTION' ? 
# 
_struct.entry_id                  3HHV 
_struct.title                     'The crystal structure of the Thioredoxin A2 from Sulfolobus solfataricus' 
_struct.pdbx_model_details        ? 
_struct.pdbx_CASP_flag            ? 
_struct.pdbx_model_type_details   ? 
# 
_struct_keywords.entry_id        3HHV 
_struct_keywords.pdbx_keywords   OXIDOREDUCTASE 
_struct_keywords.text            
'Protein dimeric interface, protein structure-stability, redox state, disulfide bonds, protein structure-function., OXIDOREDUCTASE' 
# 
loop_
_struct_asym.id 
_struct_asym.pdbx_blank_PDB_chainid_flag 
_struct_asym.pdbx_modified 
_struct_asym.entity_id 
_struct_asym.details 
A N N 1 ? 
B N N 2 ? 
# 
_struct_ref.id                         1 
_struct_ref.db_name                    UNP 
_struct_ref.db_code                    Q97WI4_SULSO 
_struct_ref.pdbx_db_accession          Q97WI4 
_struct_ref.entity_id                  1 
_struct_ref.pdbx_seq_one_letter_code   
;KEKVKEPVKHLNSKNFDEFITKNKIVVVDFWAEWCAPCLILAPVIEELANDYPQVAFGKLNTEESQDIAMRYGIMSLPTI
MFFKNGELVDQILGAVPREEIEVRLKSLLE
;
_struct_ref.pdbx_align_begin           26 
_struct_ref.pdbx_db_isoform            ? 
# 
_struct_ref_seq.align_id                      1 
_struct_ref_seq.ref_id                        1 
_struct_ref_seq.pdbx_PDB_id_code              3HHV 
_struct_ref_seq.pdbx_strand_id                A 
_struct_ref_seq.seq_align_beg                 1 
_struct_ref_seq.pdbx_seq_align_beg_ins_code   ? 
_struct_ref_seq.seq_align_end                 110 
_struct_ref_seq.pdbx_seq_align_end_ins_code   ? 
_struct_ref_seq.pdbx_db_accession             Q97WI4 
_struct_ref_seq.db_align_beg                  26 
_struct_ref_seq.pdbx_db_align_beg_ins_code    ? 
_struct_ref_seq.db_align_end                  135 
_struct_ref_seq.pdbx_db_align_end_ins_code    ? 
_struct_ref_seq.pdbx_auth_seq_align_beg       26 
_struct_ref_seq.pdbx_auth_seq_align_end       135 
# 
_pdbx_struct_assembly.id                   1 
_pdbx_struct_assembly.details              author_and_software_defined_assembly 
_pdbx_struct_assembly.method_details       PISA 
_pdbx_struct_assembly.oligomeric_details   dimeric 
_pdbx_struct_assembly.oligomeric_count     2 
# 
loop_
_pdbx_struct_assembly_prop.biol_id 
_pdbx_struct_assembly_prop.type 
_pdbx_struct_assembly_prop.value 
_pdbx_struct_assembly_prop.details 
1 'ABSA (A^2)' 1530 ? 
1 MORE         -13  ? 
1 'SSA (A^2)'  9360 ? 
# 
_pdbx_struct_assembly_gen.assembly_id       1 
_pdbx_struct_assembly_gen.oper_expression   1,2 
_pdbx_struct_assembly_gen.asym_id_list      A,B 
# 
loop_
_pdbx_struct_oper_list.id 
_pdbx_struct_oper_list.type 
_pdbx_struct_oper_list.name 
_pdbx_struct_oper_list.symmetry_operation 
_pdbx_struct_oper_list.matrix[1][1] 
_pdbx_struct_oper_list.matrix[1][2] 
_pdbx_struct_oper_list.matrix[1][3] 
_pdbx_struct_oper_list.vector[1] 
_pdbx_struct_oper_list.matrix[2][1] 
_pdbx_struct_oper_list.matrix[2][2] 
_pdbx_struct_oper_list.matrix[2][3] 
_pdbx_struct_oper_list.vector[2] 
_pdbx_struct_oper_list.matrix[3][1] 
_pdbx_struct_oper_list.matrix[3][2] 
_pdbx_struct_oper_list.matrix[3][3] 
_pdbx_struct_oper_list.vector[3] 
1 'identity operation'         1_555 x,y,z     1.0000000000  0.0000000000  0.0000000000 0.0000000000  0.0000000000  1.0000000000 0.0000000000  0.0000000000 0.0000000000 0.0000000000  1.0000000000  0.0000000000 
2 'crystal symmetry operation' 2_556 -x,y,-z+1 -0.9208413471 -0.3549930416 0.1613417304 27.9008616340 -0.3549930416 0.5919934825 -0.7235493467 6.2935776374 0.1613417304 -0.7235493467 -0.6711521354 0.1585556627 
# 
_struct_biol.id        1 
_struct_biol.details   ? 
# 
loop_
_struct_conf.conf_type_id 
_struct_conf.id 
_struct_conf.pdbx_PDB_helix_id 
_struct_conf.beg_label_comp_id 
_struct_conf.beg_label_asym_id 
_struct_conf.beg_label_seq_id 
_struct_conf.pdbx_beg_PDB_ins_code 
_struct_conf.end_label_comp_id 
_struct_conf.end_label_asym_id 
_struct_conf.end_label_seq_id 
_struct_conf.pdbx_end_PDB_ins_code 
_struct_conf.beg_auth_comp_id 
_struct_conf.beg_auth_asym_id 
_struct_conf.beg_auth_seq_id 
_struct_conf.end_auth_comp_id 
_struct_conf.end_auth_asym_id 
_struct_conf.end_auth_seq_id 
_struct_conf.pdbx_PDB_helix_class 
_struct_conf.details 
_struct_conf.pdbx_PDB_helix_length 
HELX_P HELX_P1 1 ASN A 15 ? ASN A 23  ? ASN A 40  ASN A 48  1 ? 9  
HELX_P HELX_P2 2 CYS A 35 ? TYR A 52  ? CYS A 60  TYR A 77  1 ? 18 
HELX_P HELX_P3 3 SER A 65 ? GLY A 73  ? SER A 90  GLY A 98  1 ? 9  
HELX_P HELX_P4 4 PRO A 97 ? LEU A 109 ? PRO A 122 LEU A 134 1 ? 13 
# 
_struct_conf_type.id          HELX_P 
_struct_conf_type.criteria    ? 
_struct_conf_type.reference   ? 
# 
_struct_conn.id                            disulf1 
_struct_conn.conn_type_id                  disulf 
_struct_conn.pdbx_leaving_atom_flag        ? 
_struct_conn.pdbx_PDB_id                   ? 
_struct_conn.ptnr1_label_asym_id           A 
_struct_conn.ptnr1_label_comp_id           CYS 
_struct_conn.ptnr1_label_seq_id            35 
_struct_conn.ptnr1_label_atom_id           SG 
_struct_conn.pdbx_ptnr1_label_alt_id       ? 
_struct_conn.pdbx_ptnr1_PDB_ins_code       ? 
_struct_conn.pdbx_ptnr1_standard_comp_id   ? 
_struct_conn.ptnr1_symmetry                1_555 
_struct_conn.ptnr2_label_asym_id           A 
_struct_conn.ptnr2_label_comp_id           CYS 
_struct_conn.ptnr2_label_seq_id            38 
_struct_conn.ptnr2_label_atom_id           SG 
_struct_conn.pdbx_ptnr2_label_alt_id       ? 
_struct_conn.pdbx_ptnr2_PDB_ins_code       ? 
_struct_conn.ptnr1_auth_asym_id            A 
_struct_conn.ptnr1_auth_comp_id            CYS 
_struct_conn.ptnr1_auth_seq_id             60 
_struct_conn.ptnr2_auth_asym_id            A 
_struct_conn.ptnr2_auth_comp_id            CYS 
_struct_conn.ptnr2_auth_seq_id             63 
_struct_conn.ptnr2_symmetry                1_555 
_struct_conn.pdbx_ptnr3_label_atom_id      ? 
_struct_conn.pdbx_ptnr3_label_seq_id       ? 
_struct_conn.pdbx_ptnr3_label_comp_id      ? 
_struct_conn.pdbx_ptnr3_label_asym_id      ? 
_struct_conn.pdbx_ptnr3_label_alt_id       ? 
_struct_conn.pdbx_ptnr3_PDB_ins_code       ? 
_struct_conn.details                       ? 
_struct_conn.pdbx_dist_value               2.108 
_struct_conn.pdbx_value_order              ? 
_struct_conn.pdbx_role                     ? 
# 
_struct_conn_type.id          disulf 
_struct_conn_type.criteria    ? 
_struct_conn_type.reference   ? 
# 
_pdbx_modification_feature.ordinal                            1 
_pdbx_modification_feature.label_comp_id                      CYS 
_pdbx_modification_feature.label_asym_id                      A 
_pdbx_modification_feature.label_seq_id                       35 
_pdbx_modification_feature.label_alt_id                       ? 
_pdbx_modification_feature.modified_residue_label_comp_id     CYS 
_pdbx_modification_feature.modified_residue_label_asym_id     A 
_pdbx_modification_feature.modified_residue_label_seq_id      38 
_pdbx_modification_feature.modified_residue_label_alt_id      ? 
_pdbx_modification_feature.auth_comp_id                       CYS 
_pdbx_modification_feature.auth_asym_id                       A 
_pdbx_modification_feature.auth_seq_id                        60 
_pdbx_modification_feature.PDB_ins_code                       ? 
_pdbx_modification_feature.symmetry                           1_555 
_pdbx_modification_feature.modified_residue_auth_comp_id      CYS 
_pdbx_modification_feature.modified_residue_auth_asym_id      A 
_pdbx_modification_feature.modified_residue_auth_seq_id       63 
_pdbx_modification_feature.modified_residue_PDB_ins_code      ? 
_pdbx_modification_feature.modified_residue_symmetry          1_555 
_pdbx_modification_feature.comp_id_linking_atom               SG 
_pdbx_modification_feature.modified_residue_id_linking_atom   SG 
_pdbx_modification_feature.modified_residue_id                . 
_pdbx_modification_feature.ref_pcm_id                         . 
_pdbx_modification_feature.ref_comp_id                        . 
_pdbx_modification_feature.type                               None 
_pdbx_modification_feature.category                           'Disulfide bridge' 
# 
_struct_mon_prot_cis.pdbx_id                1 
_struct_mon_prot_cis.label_comp_id          LEU 
_struct_mon_prot_cis.label_seq_id           77 
_struct_mon_prot_cis.label_asym_id          A 
_struct_mon_prot_cis.label_alt_id           . 
_struct_mon_prot_cis.pdbx_PDB_ins_code      ? 
_struct_mon_prot_cis.auth_comp_id           LEU 
_struct_mon_prot_cis.auth_seq_id            102 
_struct_mon_prot_cis.auth_asym_id           A 
_struct_mon_prot_cis.pdbx_label_comp_id_2   PRO 
_struct_mon_prot_cis.pdbx_label_seq_id_2    78 
_struct_mon_prot_cis.pdbx_label_asym_id_2   A 
_struct_mon_prot_cis.pdbx_PDB_ins_code_2    ? 
_struct_mon_prot_cis.pdbx_auth_comp_id_2    PRO 
_struct_mon_prot_cis.pdbx_auth_seq_id_2     103 
_struct_mon_prot_cis.pdbx_auth_asym_id_2    A 
_struct_mon_prot_cis.pdbx_PDB_model_num     1 
_struct_mon_prot_cis.pdbx_omega_angle       -7.67 
# 
_struct_sheet.id               A 
_struct_sheet.type             ? 
_struct_sheet.number_strands   5 
_struct_sheet.details          ? 
# 
loop_
_struct_sheet_order.sheet_id 
_struct_sheet_order.range_id_1 
_struct_sheet_order.range_id_2 
_struct_sheet_order.offset 
_struct_sheet_order.sense 
A 1 2 ? parallel      
A 2 3 ? parallel      
A 3 4 ? anti-parallel 
A 4 5 ? anti-parallel 
# 
loop_
_struct_sheet_range.sheet_id 
_struct_sheet_range.id 
_struct_sheet_range.beg_label_comp_id 
_struct_sheet_range.beg_label_asym_id 
_struct_sheet_range.beg_label_seq_id 
_struct_sheet_range.pdbx_beg_PDB_ins_code 
_struct_sheet_range.end_label_comp_id 
_struct_sheet_range.end_label_asym_id 
_struct_sheet_range.end_label_seq_id 
_struct_sheet_range.pdbx_end_PDB_ins_code 
_struct_sheet_range.beg_auth_comp_id 
_struct_sheet_range.beg_auth_asym_id 
_struct_sheet_range.beg_auth_seq_id 
_struct_sheet_range.end_auth_comp_id 
_struct_sheet_range.end_auth_asym_id 
_struct_sheet_range.end_auth_seq_id 
A 1 VAL A 8  ? LEU A 11 ? VAL A 33  LEU A 36  
A 2 ALA A 56 ? ASN A 61 ? ALA A 81  ASN A 86  
A 3 ILE A 25 ? TRP A 31 ? ILE A 50  TRP A 56  
A 4 THR A 79 ? LYS A 84 ? THR A 104 LYS A 109 
A 5 GLU A 87 ? LEU A 93 ? GLU A 112 LEU A 118 
# 
loop_
_pdbx_struct_sheet_hbond.sheet_id 
_pdbx_struct_sheet_hbond.range_id_1 
_pdbx_struct_sheet_hbond.range_id_2 
_pdbx_struct_sheet_hbond.range_1_label_atom_id 
_pdbx_struct_sheet_hbond.range_1_label_comp_id 
_pdbx_struct_sheet_hbond.range_1_label_asym_id 
_pdbx_struct_sheet_hbond.range_1_label_seq_id 
_pdbx_struct_sheet_hbond.range_1_PDB_ins_code 
_pdbx_struct_sheet_hbond.range_1_auth_atom_id 
_pdbx_struct_sheet_hbond.range_1_auth_comp_id 
_pdbx_struct_sheet_hbond.range_1_auth_asym_id 
_pdbx_struct_sheet_hbond.range_1_auth_seq_id 
_pdbx_struct_sheet_hbond.range_2_label_atom_id 
_pdbx_struct_sheet_hbond.range_2_label_comp_id 
_pdbx_struct_sheet_hbond.range_2_label_asym_id 
_pdbx_struct_sheet_hbond.range_2_label_seq_id 
_pdbx_struct_sheet_hbond.range_2_PDB_ins_code 
_pdbx_struct_sheet_hbond.range_2_auth_atom_id 
_pdbx_struct_sheet_hbond.range_2_auth_comp_id 
_pdbx_struct_sheet_hbond.range_2_auth_asym_id 
_pdbx_struct_sheet_hbond.range_2_auth_seq_id 
A 1 2 N LYS A 9  ? N LYS A 34  O LYS A 59 ? O LYS A 84  
A 2 3 O LEU A 60 ? O LEU A 85  N ASP A 29 ? N ASP A 54  
A 3 4 N PHE A 30 ? N PHE A 55  O THR A 79 ? O THR A 104 
A 4 5 N PHE A 82 ? N PHE A 107 O VAL A 89 ? O VAL A 114 
# 
_pdbx_entry_details.entry_id                   3HHV 
_pdbx_entry_details.compound_details           ? 
_pdbx_entry_details.source_details             ? 
_pdbx_entry_details.nonpolymer_details         ? 
_pdbx_entry_details.sequence_details           ? 
_pdbx_entry_details.has_ligand_of_interest     ? 
_pdbx_entry_details.has_protein_modification   Y 
# 
_pdbx_validate_torsion.id              1 
_pdbx_validate_torsion.PDB_model_num   1 
_pdbx_validate_torsion.auth_comp_id    MET 
_pdbx_validate_torsion.auth_asym_id    A 
_pdbx_validate_torsion.auth_seq_id     100 
_pdbx_validate_torsion.PDB_ins_code    ? 
_pdbx_validate_torsion.label_alt_id    ? 
_pdbx_validate_torsion.phi             -150.32 
_pdbx_validate_torsion.psi             -25.36 
# 
loop_
_pdbx_unobs_or_zero_occ_residues.id 
_pdbx_unobs_or_zero_occ_residues.PDB_model_num 
_pdbx_unobs_or_zero_occ_residues.polymer_flag 
_pdbx_unobs_or_zero_occ_residues.occupancy_flag 
_pdbx_unobs_or_zero_occ_residues.auth_asym_id 
_pdbx_unobs_or_zero_occ_residues.auth_comp_id 
_pdbx_unobs_or_zero_occ_residues.auth_seq_id 
_pdbx_unobs_or_zero_occ_residues.PDB_ins_code 
_pdbx_unobs_or_zero_occ_residues.label_asym_id 
_pdbx_unobs_or_zero_occ_residues.label_comp_id 
_pdbx_unobs_or_zero_occ_residues.label_seq_id 
1 1 Y 1 A LYS 26  ? A LYS 1   
2 1 Y 1 A GLU 27  ? A GLU 2   
3 1 Y 1 A LYS 28  ? A LYS 3   
4 1 Y 1 A VAL 29  ? A VAL 4   
5 1 Y 1 A LYS 30  ? A LYS 5   
6 1 Y 1 A GLU 31  ? A GLU 6   
7 1 Y 1 A GLU 135 ? A GLU 110 
# 
loop_
_chem_comp_atom.comp_id 
_chem_comp_atom.atom_id 
_chem_comp_atom.type_symbol 
_chem_comp_atom.pdbx_aromatic_flag 
_chem_comp_atom.pdbx_stereo_config 
_chem_comp_atom.pdbx_ordinal 
ALA N    N N N 1   
ALA CA   C N S 2   
ALA C    C N N 3   
ALA O    O N N 4   
ALA CB   C N N 5   
ALA OXT  O N N 6   
ALA H    H N N 7   
ALA H2   H N N 8   
ALA HA   H N N 9   
ALA HB1  H N N 10  
ALA HB2  H N N 11  
ALA HB3  H N N 12  
ALA HXT  H N N 13  
ARG N    N N N 14  
ARG CA   C N S 15  
ARG C    C N N 16  
ARG O    O N N 17  
ARG CB   C N N 18  
ARG CG   C N N 19  
ARG CD   C N N 20  
ARG NE   N N N 21  
ARG CZ   C N N 22  
ARG NH1  N N N 23  
ARG NH2  N N N 24  
ARG OXT  O N N 25  
ARG H    H N N 26  
ARG H2   H N N 27  
ARG HA   H N N 28  
ARG HB2  H N N 29  
ARG HB3  H N N 30  
ARG HG2  H N N 31  
ARG HG3  H N N 32  
ARG HD2  H N N 33  
ARG HD3  H N N 34  
ARG HE   H N N 35  
ARG HH11 H N N 36  
ARG HH12 H N N 37  
ARG HH21 H N N 38  
ARG HH22 H N N 39  
ARG HXT  H N N 40  
ASN N    N N N 41  
ASN CA   C N S 42  
ASN C    C N N 43  
ASN O    O N N 44  
ASN CB   C N N 45  
ASN CG   C N N 46  
ASN OD1  O N N 47  
ASN ND2  N N N 48  
ASN OXT  O N N 49  
ASN H    H N N 50  
ASN H2   H N N 51  
ASN HA   H N N 52  
ASN HB2  H N N 53  
ASN HB3  H N N 54  
ASN HD21 H N N 55  
ASN HD22 H N N 56  
ASN HXT  H N N 57  
ASP N    N N N 58  
ASP CA   C N S 59  
ASP C    C N N 60  
ASP O    O N N 61  
ASP CB   C N N 62  
ASP CG   C N N 63  
ASP OD1  O N N 64  
ASP OD2  O N N 65  
ASP OXT  O N N 66  
ASP H    H N N 67  
ASP H2   H N N 68  
ASP HA   H N N 69  
ASP HB2  H N N 70  
ASP HB3  H N N 71  
ASP HD2  H N N 72  
ASP HXT  H N N 73  
CYS N    N N N 74  
CYS CA   C N R 75  
CYS C    C N N 76  
CYS O    O N N 77  
CYS CB   C N N 78  
CYS SG   S N N 79  
CYS OXT  O N N 80  
CYS H    H N N 81  
CYS H2   H N N 82  
CYS HA   H N N 83  
CYS HB2  H N N 84  
CYS HB3  H N N 85  
CYS HG   H N N 86  
CYS HXT  H N N 87  
GLN N    N N N 88  
GLN CA   C N S 89  
GLN C    C N N 90  
GLN O    O N N 91  
GLN CB   C N N 92  
GLN CG   C N N 93  
GLN CD   C N N 94  
GLN OE1  O N N 95  
GLN NE2  N N N 96  
GLN OXT  O N N 97  
GLN H    H N N 98  
GLN H2   H N N 99  
GLN HA   H N N 100 
GLN HB2  H N N 101 
GLN HB3  H N N 102 
GLN HG2  H N N 103 
GLN HG3  H N N 104 
GLN HE21 H N N 105 
GLN HE22 H N N 106 
GLN HXT  H N N 107 
GLU N    N N N 108 
GLU CA   C N S 109 
GLU C    C N N 110 
GLU O    O N N 111 
GLU CB   C N N 112 
GLU CG   C N N 113 
GLU CD   C N N 114 
GLU OE1  O N N 115 
GLU OE2  O N N 116 
GLU OXT  O N N 117 
GLU H    H N N 118 
GLU H2   H N N 119 
GLU HA   H N N 120 
GLU HB2  H N N 121 
GLU HB3  H N N 122 
GLU HG2  H N N 123 
GLU HG3  H N N 124 
GLU HE2  H N N 125 
GLU HXT  H N N 126 
GLY N    N N N 127 
GLY CA   C N N 128 
GLY C    C N N 129 
GLY O    O N N 130 
GLY OXT  O N N 131 
GLY H    H N N 132 
GLY H2   H N N 133 
GLY HA2  H N N 134 
GLY HA3  H N N 135 
GLY HXT  H N N 136 
HIS N    N N N 137 
HIS CA   C N S 138 
HIS C    C N N 139 
HIS O    O N N 140 
HIS CB   C N N 141 
HIS CG   C Y N 142 
HIS ND1  N Y N 143 
HIS CD2  C Y N 144 
HIS CE1  C Y N 145 
HIS NE2  N Y N 146 
HIS OXT  O N N 147 
HIS H    H N N 148 
HIS H2   H N N 149 
HIS HA   H N N 150 
HIS HB2  H N N 151 
HIS HB3  H N N 152 
HIS HD1  H N N 153 
HIS HD2  H N N 154 
HIS HE1  H N N 155 
HIS HE2  H N N 156 
HIS HXT  H N N 157 
HOH O    O N N 158 
HOH H1   H N N 159 
HOH H2   H N N 160 
ILE N    N N N 161 
ILE CA   C N S 162 
ILE C    C N N 163 
ILE O    O N N 164 
ILE CB   C N S 165 
ILE CG1  C N N 166 
ILE CG2  C N N 167 
ILE CD1  C N N 168 
ILE OXT  O N N 169 
ILE H    H N N 170 
ILE H2   H N N 171 
ILE HA   H N N 172 
ILE HB   H N N 173 
ILE HG12 H N N 174 
ILE HG13 H N N 175 
ILE HG21 H N N 176 
ILE HG22 H N N 177 
ILE HG23 H N N 178 
ILE HD11 H N N 179 
ILE HD12 H N N 180 
ILE HD13 H N N 181 
ILE HXT  H N N 182 
LEU N    N N N 183 
LEU CA   C N S 184 
LEU C    C N N 185 
LEU O    O N N 186 
LEU CB   C N N 187 
LEU CG   C N N 188 
LEU CD1  C N N 189 
LEU CD2  C N N 190 
LEU OXT  O N N 191 
LEU H    H N N 192 
LEU H2   H N N 193 
LEU HA   H N N 194 
LEU HB2  H N N 195 
LEU HB3  H N N 196 
LEU HG   H N N 197 
LEU HD11 H N N 198 
LEU HD12 H N N 199 
LEU HD13 H N N 200 
LEU HD21 H N N 201 
LEU HD22 H N N 202 
LEU HD23 H N N 203 
LEU HXT  H N N 204 
LYS N    N N N 205 
LYS CA   C N S 206 
LYS C    C N N 207 
LYS O    O N N 208 
LYS CB   C N N 209 
LYS CG   C N N 210 
LYS CD   C N N 211 
LYS CE   C N N 212 
LYS NZ   N N N 213 
LYS OXT  O N N 214 
LYS H    H N N 215 
LYS H2   H N N 216 
LYS HA   H N N 217 
LYS HB2  H N N 218 
LYS HB3  H N N 219 
LYS HG2  H N N 220 
LYS HG3  H N N 221 
LYS HD2  H N N 222 
LYS HD3  H N N 223 
LYS HE2  H N N 224 
LYS HE3  H N N 225 
LYS HZ1  H N N 226 
LYS HZ2  H N N 227 
LYS HZ3  H N N 228 
LYS HXT  H N N 229 
MET N    N N N 230 
MET CA   C N S 231 
MET C    C N N 232 
MET O    O N N 233 
MET CB   C N N 234 
MET CG   C N N 235 
MET SD   S N N 236 
MET CE   C N N 237 
MET OXT  O N N 238 
MET H    H N N 239 
MET H2   H N N 240 
MET HA   H N N 241 
MET HB2  H N N 242 
MET HB3  H N N 243 
MET HG2  H N N 244 
MET HG3  H N N 245 
MET HE1  H N N 246 
MET HE2  H N N 247 
MET HE3  H N N 248 
MET HXT  H N N 249 
PHE N    N N N 250 
PHE CA   C N S 251 
PHE C    C N N 252 
PHE O    O N N 253 
PHE CB   C N N 254 
PHE CG   C Y N 255 
PHE CD1  C Y N 256 
PHE CD2  C Y N 257 
PHE CE1  C Y N 258 
PHE CE2  C Y N 259 
PHE CZ   C Y N 260 
PHE OXT  O N N 261 
PHE H    H N N 262 
PHE H2   H N N 263 
PHE HA   H N N 264 
PHE HB2  H N N 265 
PHE HB3  H N N 266 
PHE HD1  H N N 267 
PHE HD2  H N N 268 
PHE HE1  H N N 269 
PHE HE2  H N N 270 
PHE HZ   H N N 271 
PHE HXT  H N N 272 
PRO N    N N N 273 
PRO CA   C N S 274 
PRO C    C N N 275 
PRO O    O N N 276 
PRO CB   C N N 277 
PRO CG   C N N 278 
PRO CD   C N N 279 
PRO OXT  O N N 280 
PRO H    H N N 281 
PRO HA   H N N 282 
PRO HB2  H N N 283 
PRO HB3  H N N 284 
PRO HG2  H N N 285 
PRO HG3  H N N 286 
PRO HD2  H N N 287 
PRO HD3  H N N 288 
PRO HXT  H N N 289 
SER N    N N N 290 
SER CA   C N S 291 
SER C    C N N 292 
SER O    O N N 293 
SER CB   C N N 294 
SER OG   O N N 295 
SER OXT  O N N 296 
SER H    H N N 297 
SER H2   H N N 298 
SER HA   H N N 299 
SER HB2  H N N 300 
SER HB3  H N N 301 
SER HG   H N N 302 
SER HXT  H N N 303 
THR N    N N N 304 
THR CA   C N S 305 
THR C    C N N 306 
THR O    O N N 307 
THR CB   C N R 308 
THR OG1  O N N 309 
THR CG2  C N N 310 
THR OXT  O N N 311 
THR H    H N N 312 
THR H2   H N N 313 
THR HA   H N N 314 
THR HB   H N N 315 
THR HG1  H N N 316 
THR HG21 H N N 317 
THR HG22 H N N 318 
THR HG23 H N N 319 
THR HXT  H N N 320 
TRP N    N N N 321 
TRP CA   C N S 322 
TRP C    C N N 323 
TRP O    O N N 324 
TRP CB   C N N 325 
TRP CG   C Y N 326 
TRP CD1  C Y N 327 
TRP CD2  C Y N 328 
TRP NE1  N Y N 329 
TRP CE2  C Y N 330 
TRP CE3  C Y N 331 
TRP CZ2  C Y N 332 
TRP CZ3  C Y N 333 
TRP CH2  C Y N 334 
TRP OXT  O N N 335 
TRP H    H N N 336 
TRP H2   H N N 337 
TRP HA   H N N 338 
TRP HB2  H N N 339 
TRP HB3  H N N 340 
TRP HD1  H N N 341 
TRP HE1  H N N 342 
TRP HE3  H N N 343 
TRP HZ2  H N N 344 
TRP HZ3  H N N 345 
TRP HH2  H N N 346 
TRP HXT  H N N 347 
TYR N    N N N 348 
TYR CA   C N S 349 
TYR C    C N N 350 
TYR O    O N N 351 
TYR CB   C N N 352 
TYR CG   C Y N 353 
TYR CD1  C Y N 354 
TYR CD2  C Y N 355 
TYR CE1  C Y N 356 
TYR CE2  C Y N 357 
TYR CZ   C Y N 358 
TYR OH   O N N 359 
TYR OXT  O N N 360 
TYR H    H N N 361 
TYR H2   H N N 362 
TYR HA   H N N 363 
TYR HB2  H N N 364 
TYR HB3  H N N 365 
TYR HD1  H N N 366 
TYR HD2  H N N 367 
TYR HE1  H N N 368 
TYR HE2  H N N 369 
TYR HH   H N N 370 
TYR HXT  H N N 371 
VAL N    N N N 372 
VAL CA   C N S 373 
VAL C    C N N 374 
VAL O    O N N 375 
VAL CB   C N N 376 
VAL CG1  C N N 377 
VAL CG2  C N N 378 
VAL OXT  O N N 379 
VAL H    H N N 380 
VAL H2   H N N 381 
VAL HA   H N N 382 
VAL HB   H N N 383 
VAL HG11 H N N 384 
VAL HG12 H N N 385 
VAL HG13 H N N 386 
VAL HG21 H N N 387 
VAL HG22 H N N 388 
VAL HG23 H N N 389 
VAL HXT  H N N 390 
# 
loop_
_chem_comp_bond.comp_id 
_chem_comp_bond.atom_id_1 
_chem_comp_bond.atom_id_2 
_chem_comp_bond.value_order 
_chem_comp_bond.pdbx_aromatic_flag 
_chem_comp_bond.pdbx_stereo_config 
_chem_comp_bond.pdbx_ordinal 
ALA N   CA   sing N N 1   
ALA N   H    sing N N 2   
ALA N   H2   sing N N 3   
ALA CA  C    sing N N 4   
ALA CA  CB   sing N N 5   
ALA CA  HA   sing N N 6   
ALA C   O    doub N N 7   
ALA C   OXT  sing N N 8   
ALA CB  HB1  sing N N 9   
ALA CB  HB2  sing N N 10  
ALA CB  HB3  sing N N 11  
ALA OXT HXT  sing N N 12  
ARG N   CA   sing N N 13  
ARG N   H    sing N N 14  
ARG N   H2   sing N N 15  
ARG CA  C    sing N N 16  
ARG CA  CB   sing N N 17  
ARG CA  HA   sing N N 18  
ARG C   O    doub N N 19  
ARG C   OXT  sing N N 20  
ARG CB  CG   sing N N 21  
ARG CB  HB2  sing N N 22  
ARG CB  HB3  sing N N 23  
ARG CG  CD   sing N N 24  
ARG CG  HG2  sing N N 25  
ARG CG  HG3  sing N N 26  
ARG CD  NE   sing N N 27  
ARG CD  HD2  sing N N 28  
ARG CD  HD3  sing N N 29  
ARG NE  CZ   sing N N 30  
ARG NE  HE   sing N N 31  
ARG CZ  NH1  sing N N 32  
ARG CZ  NH2  doub N N 33  
ARG NH1 HH11 sing N N 34  
ARG NH1 HH12 sing N N 35  
ARG NH2 HH21 sing N N 36  
ARG NH2 HH22 sing N N 37  
ARG OXT HXT  sing N N 38  
ASN N   CA   sing N N 39  
ASN N   H    sing N N 40  
ASN N   H2   sing N N 41  
ASN CA  C    sing N N 42  
ASN CA  CB   sing N N 43  
ASN CA  HA   sing N N 44  
ASN C   O    doub N N 45  
ASN C   OXT  sing N N 46  
ASN CB  CG   sing N N 47  
ASN CB  HB2  sing N N 48  
ASN CB  HB3  sing N N 49  
ASN CG  OD1  doub N N 50  
ASN CG  ND2  sing N N 51  
ASN ND2 HD21 sing N N 52  
ASN ND2 HD22 sing N N 53  
ASN OXT HXT  sing N N 54  
ASP N   CA   sing N N 55  
ASP N   H    sing N N 56  
ASP N   H2   sing N N 57  
ASP CA  C    sing N N 58  
ASP CA  CB   sing N N 59  
ASP CA  HA   sing N N 60  
ASP C   O    doub N N 61  
ASP C   OXT  sing N N 62  
ASP CB  CG   sing N N 63  
ASP CB  HB2  sing N N 64  
ASP CB  HB3  sing N N 65  
ASP CG  OD1  doub N N 66  
ASP CG  OD2  sing N N 67  
ASP OD2 HD2  sing N N 68  
ASP OXT HXT  sing N N 69  
CYS N   CA   sing N N 70  
CYS N   H    sing N N 71  
CYS N   H2   sing N N 72  
CYS CA  C    sing N N 73  
CYS CA  CB   sing N N 74  
CYS CA  HA   sing N N 75  
CYS C   O    doub N N 76  
CYS C   OXT  sing N N 77  
CYS CB  SG   sing N N 78  
CYS CB  HB2  sing N N 79  
CYS CB  HB3  sing N N 80  
CYS SG  HG   sing N N 81  
CYS OXT HXT  sing N N 82  
GLN N   CA   sing N N 83  
GLN N   H    sing N N 84  
GLN N   H2   sing N N 85  
GLN CA  C    sing N N 86  
GLN CA  CB   sing N N 87  
GLN CA  HA   sing N N 88  
GLN C   O    doub N N 89  
GLN C   OXT  sing N N 90  
GLN CB  CG   sing N N 91  
GLN CB  HB2  sing N N 92  
GLN CB  HB3  sing N N 93  
GLN CG  CD   sing N N 94  
GLN CG  HG2  sing N N 95  
GLN CG  HG3  sing N N 96  
GLN CD  OE1  doub N N 97  
GLN CD  NE2  sing N N 98  
GLN NE2 HE21 sing N N 99  
GLN NE2 HE22 sing N N 100 
GLN OXT HXT  sing N N 101 
GLU N   CA   sing N N 102 
GLU N   H    sing N N 103 
GLU N   H2   sing N N 104 
GLU CA  C    sing N N 105 
GLU CA  CB   sing N N 106 
GLU CA  HA   sing N N 107 
GLU C   O    doub N N 108 
GLU C   OXT  sing N N 109 
GLU CB  CG   sing N N 110 
GLU CB  HB2  sing N N 111 
GLU CB  HB3  sing N N 112 
GLU CG  CD   sing N N 113 
GLU CG  HG2  sing N N 114 
GLU CG  HG3  sing N N 115 
GLU CD  OE1  doub N N 116 
GLU CD  OE2  sing N N 117 
GLU OE2 HE2  sing N N 118 
GLU OXT HXT  sing N N 119 
GLY N   CA   sing N N 120 
GLY N   H    sing N N 121 
GLY N   H2   sing N N 122 
GLY CA  C    sing N N 123 
GLY CA  HA2  sing N N 124 
GLY CA  HA3  sing N N 125 
GLY C   O    doub N N 126 
GLY C   OXT  sing N N 127 
GLY OXT HXT  sing N N 128 
HIS N   CA   sing N N 129 
HIS N   H    sing N N 130 
HIS N   H2   sing N N 131 
HIS CA  C    sing N N 132 
HIS CA  CB   sing N N 133 
HIS CA  HA   sing N N 134 
HIS C   O    doub N N 135 
HIS C   OXT  sing N N 136 
HIS CB  CG   sing N N 137 
HIS CB  HB2  sing N N 138 
HIS CB  HB3  sing N N 139 
HIS CG  ND1  sing Y N 140 
HIS CG  CD2  doub Y N 141 
HIS ND1 CE1  doub Y N 142 
HIS ND1 HD1  sing N N 143 
HIS CD2 NE2  sing Y N 144 
HIS CD2 HD2  sing N N 145 
HIS CE1 NE2  sing Y N 146 
HIS CE1 HE1  sing N N 147 
HIS NE2 HE2  sing N N 148 
HIS OXT HXT  sing N N 149 
HOH O   H1   sing N N 150 
HOH O   H2   sing N N 151 
ILE N   CA   sing N N 152 
ILE N   H    sing N N 153 
ILE N   H2   sing N N 154 
ILE CA  C    sing N N 155 
ILE CA  CB   sing N N 156 
ILE CA  HA   sing N N 157 
ILE C   O    doub N N 158 
ILE C   OXT  sing N N 159 
ILE CB  CG1  sing N N 160 
ILE CB  CG2  sing N N 161 
ILE CB  HB   sing N N 162 
ILE CG1 CD1  sing N N 163 
ILE CG1 HG12 sing N N 164 
ILE CG1 HG13 sing N N 165 
ILE CG2 HG21 sing N N 166 
ILE CG2 HG22 sing N N 167 
ILE CG2 HG23 sing N N 168 
ILE CD1 HD11 sing N N 169 
ILE CD1 HD12 sing N N 170 
ILE CD1 HD13 sing N N 171 
ILE OXT HXT  sing N N 172 
LEU N   CA   sing N N 173 
LEU N   H    sing N N 174 
LEU N   H2   sing N N 175 
LEU CA  C    sing N N 176 
LEU CA  CB   sing N N 177 
LEU CA  HA   sing N N 178 
LEU C   O    doub N N 179 
LEU C   OXT  sing N N 180 
LEU CB  CG   sing N N 181 
LEU CB  HB2  sing N N 182 
LEU CB  HB3  sing N N 183 
LEU CG  CD1  sing N N 184 
LEU CG  CD2  sing N N 185 
LEU CG  HG   sing N N 186 
LEU CD1 HD11 sing N N 187 
LEU CD1 HD12 sing N N 188 
LEU CD1 HD13 sing N N 189 
LEU CD2 HD21 sing N N 190 
LEU CD2 HD22 sing N N 191 
LEU CD2 HD23 sing N N 192 
LEU OXT HXT  sing N N 193 
LYS N   CA   sing N N 194 
LYS N   H    sing N N 195 
LYS N   H2   sing N N 196 
LYS CA  C    sing N N 197 
LYS CA  CB   sing N N 198 
LYS CA  HA   sing N N 199 
LYS C   O    doub N N 200 
LYS C   OXT  sing N N 201 
LYS CB  CG   sing N N 202 
LYS CB  HB2  sing N N 203 
LYS CB  HB3  sing N N 204 
LYS CG  CD   sing N N 205 
LYS CG  HG2  sing N N 206 
LYS CG  HG3  sing N N 207 
LYS CD  CE   sing N N 208 
LYS CD  HD2  sing N N 209 
LYS CD  HD3  sing N N 210 
LYS CE  NZ   sing N N 211 
LYS CE  HE2  sing N N 212 
LYS CE  HE3  sing N N 213 
LYS NZ  HZ1  sing N N 214 
LYS NZ  HZ2  sing N N 215 
LYS NZ  HZ3  sing N N 216 
LYS OXT HXT  sing N N 217 
MET N   CA   sing N N 218 
MET N   H    sing N N 219 
MET N   H2   sing N N 220 
MET CA  C    sing N N 221 
MET CA  CB   sing N N 222 
MET CA  HA   sing N N 223 
MET C   O    doub N N 224 
MET C   OXT  sing N N 225 
MET CB  CG   sing N N 226 
MET CB  HB2  sing N N 227 
MET CB  HB3  sing N N 228 
MET CG  SD   sing N N 229 
MET CG  HG2  sing N N 230 
MET CG  HG3  sing N N 231 
MET SD  CE   sing N N 232 
MET CE  HE1  sing N N 233 
MET CE  HE2  sing N N 234 
MET CE  HE3  sing N N 235 
MET OXT HXT  sing N N 236 
PHE N   CA   sing N N 237 
PHE N   H    sing N N 238 
PHE N   H2   sing N N 239 
PHE CA  C    sing N N 240 
PHE CA  CB   sing N N 241 
PHE CA  HA   sing N N 242 
PHE C   O    doub N N 243 
PHE C   OXT  sing N N 244 
PHE CB  CG   sing N N 245 
PHE CB  HB2  sing N N 246 
PHE CB  HB3  sing N N 247 
PHE CG  CD1  doub Y N 248 
PHE CG  CD2  sing Y N 249 
PHE CD1 CE1  sing Y N 250 
PHE CD1 HD1  sing N N 251 
PHE CD2 CE2  doub Y N 252 
PHE CD2 HD2  sing N N 253 
PHE CE1 CZ   doub Y N 254 
PHE CE1 HE1  sing N N 255 
PHE CE2 CZ   sing Y N 256 
PHE CE2 HE2  sing N N 257 
PHE CZ  HZ   sing N N 258 
PHE OXT HXT  sing N N 259 
PRO N   CA   sing N N 260 
PRO N   CD   sing N N 261 
PRO N   H    sing N N 262 
PRO CA  C    sing N N 263 
PRO CA  CB   sing N N 264 
PRO CA  HA   sing N N 265 
PRO C   O    doub N N 266 
PRO C   OXT  sing N N 267 
PRO CB  CG   sing N N 268 
PRO CB  HB2  sing N N 269 
PRO CB  HB3  sing N N 270 
PRO CG  CD   sing N N 271 
PRO CG  HG2  sing N N 272 
PRO CG  HG3  sing N N 273 
PRO CD  HD2  sing N N 274 
PRO CD  HD3  sing N N 275 
PRO OXT HXT  sing N N 276 
SER N   CA   sing N N 277 
SER N   H    sing N N 278 
SER N   H2   sing N N 279 
SER CA  C    sing N N 280 
SER CA  CB   sing N N 281 
SER CA  HA   sing N N 282 
SER C   O    doub N N 283 
SER C   OXT  sing N N 284 
SER CB  OG   sing N N 285 
SER CB  HB2  sing N N 286 
SER CB  HB3  sing N N 287 
SER OG  HG   sing N N 288 
SER OXT HXT  sing N N 289 
THR N   CA   sing N N 290 
THR N   H    sing N N 291 
THR N   H2   sing N N 292 
THR CA  C    sing N N 293 
THR CA  CB   sing N N 294 
THR CA  HA   sing N N 295 
THR C   O    doub N N 296 
THR C   OXT  sing N N 297 
THR CB  OG1  sing N N 298 
THR CB  CG2  sing N N 299 
THR CB  HB   sing N N 300 
THR OG1 HG1  sing N N 301 
THR CG2 HG21 sing N N 302 
THR CG2 HG22 sing N N 303 
THR CG2 HG23 sing N N 304 
THR OXT HXT  sing N N 305 
TRP N   CA   sing N N 306 
TRP N   H    sing N N 307 
TRP N   H2   sing N N 308 
TRP CA  C    sing N N 309 
TRP CA  CB   sing N N 310 
TRP CA  HA   sing N N 311 
TRP C   O    doub N N 312 
TRP C   OXT  sing N N 313 
TRP CB  CG   sing N N 314 
TRP CB  HB2  sing N N 315 
TRP CB  HB3  sing N N 316 
TRP CG  CD1  doub Y N 317 
TRP CG  CD2  sing Y N 318 
TRP CD1 NE1  sing Y N 319 
TRP CD1 HD1  sing N N 320 
TRP CD2 CE2  doub Y N 321 
TRP CD2 CE3  sing Y N 322 
TRP NE1 CE2  sing Y N 323 
TRP NE1 HE1  sing N N 324 
TRP CE2 CZ2  sing Y N 325 
TRP CE3 CZ3  doub Y N 326 
TRP CE3 HE3  sing N N 327 
TRP CZ2 CH2  doub Y N 328 
TRP CZ2 HZ2  sing N N 329 
TRP CZ3 CH2  sing Y N 330 
TRP CZ3 HZ3  sing N N 331 
TRP CH2 HH2  sing N N 332 
TRP OXT HXT  sing N N 333 
TYR N   CA   sing N N 334 
TYR N   H    sing N N 335 
TYR N   H2   sing N N 336 
TYR CA  C    sing N N 337 
TYR CA  CB   sing N N 338 
TYR CA  HA   sing N N 339 
TYR C   O    doub N N 340 
TYR C   OXT  sing N N 341 
TYR CB  CG   sing N N 342 
TYR CB  HB2  sing N N 343 
TYR CB  HB3  sing N N 344 
TYR CG  CD1  doub Y N 345 
TYR CG  CD2  sing Y N 346 
TYR CD1 CE1  sing Y N 347 
TYR CD1 HD1  sing N N 348 
TYR CD2 CE2  doub Y N 349 
TYR CD2 HD2  sing N N 350 
TYR CE1 CZ   doub Y N 351 
TYR CE1 HE1  sing N N 352 
TYR CE2 CZ   sing Y N 353 
TYR CE2 HE2  sing N N 354 
TYR CZ  OH   sing N N 355 
TYR OH  HH   sing N N 356 
TYR OXT HXT  sing N N 357 
VAL N   CA   sing N N 358 
VAL N   H    sing N N 359 
VAL N   H2   sing N N 360 
VAL CA  C    sing N N 361 
VAL CA  CB   sing N N 362 
VAL CA  HA   sing N N 363 
VAL C   O    doub N N 364 
VAL C   OXT  sing N N 365 
VAL CB  CG1  sing N N 366 
VAL CB  CG2  sing N N 367 
VAL CB  HB   sing N N 368 
VAL CG1 HG11 sing N N 369 
VAL CG1 HG12 sing N N 370 
VAL CG1 HG13 sing N N 371 
VAL CG2 HG21 sing N N 372 
VAL CG2 HG22 sing N N 373 
VAL CG2 HG23 sing N N 374 
VAL OXT HXT  sing N N 375 
# 
_pdbx_initial_refinement_model.id               1 
_pdbx_initial_refinement_model.entity_id_list   ? 
_pdbx_initial_refinement_model.type             'experimental model' 
_pdbx_initial_refinement_model.source_name      PDB 
_pdbx_initial_refinement_model.accession_code   1FB6 
_pdbx_initial_refinement_model.details          'PDB ENTRY 1FB6' 
# 
_atom_sites.entry_id                    3HHV 
_atom_sites.fract_transf_matrix[1][1]   -0.00186575 
_atom_sites.fract_transf_matrix[1][2]   -0.01497109 
_atom_sites.fract_transf_matrix[1][3]   -0.03202483 
_atom_sites.fract_transf_matrix[2][1]   -0.00713518 
_atom_sites.fract_transf_matrix[2][2]   0.03199827 
_atom_sites.fract_transf_matrix[2][3]   -0.01454298 
_atom_sites.fract_transf_matrix[3][1]   0.01573379 
_atom_sites.fract_transf_matrix[3][2]   0.00227669 
_atom_sites.fract_transf_matrix[3][3]   -0.00271014 
_atom_sites.fract_transf_vector[1]      0.075759 
_atom_sites.fract_transf_vector[2]      0.027338 
_atom_sites.fract_transf_vector[3]      0.273561 
# 
loop_
_atom_type.symbol 
C 
N 
O 
S 
# 
loop_
_atom_site.group_PDB 
_atom_site.id 
_atom_site.type_symbol 
_atom_site.label_atom_id 
_atom_site.label_alt_id 
_atom_site.label_comp_id 
_atom_site.label_asym_id 
_atom_site.label_entity_id 
_atom_site.label_seq_id 
_atom_site.pdbx_PDB_ins_code 
_atom_site.Cartn_x 
_atom_site.Cartn_y 
_atom_site.Cartn_z 
_atom_site.occupancy 
_atom_site.B_iso_or_equiv 
_atom_site.pdbx_formal_charge 
_atom_site.auth_seq_id 
_atom_site.auth_comp_id 
_atom_site.auth_asym_id 
_atom_site.auth_atom_id 
_atom_site.pdbx_PDB_model_num 
ATOM   1   N N   . PRO A 1 7   ? -7.075  -5.484  9.815   1.00 23.73 ? 32  PRO A N   1 
ATOM   2   C CA  . PRO A 1 7   ? -7.718  -5.401  8.507   1.00 22.86 ? 32  PRO A CA  1 
ATOM   3   C C   . PRO A 1 7   ? -6.692  -5.219  7.383   1.00 22.02 ? 32  PRO A C   1 
ATOM   4   O O   . PRO A 1 7   ? -7.078  -5.203  6.221   1.00 22.76 ? 32  PRO A O   1 
ATOM   5   C CB  . PRO A 1 7   ? -8.576  -4.138  8.635   1.00 23.45 ? 32  PRO A CB  1 
ATOM   6   C CG  . PRO A 1 7   ? -7.852  -3.323  9.621   1.00 23.09 ? 32  PRO A CG  1 
ATOM   7   C CD  . PRO A 1 7   ? -7.341  -4.276  10.623  1.00 23.45 ? 32  PRO A CD  1 
ATOM   8   N N   . VAL A 1 8   ? -5.403  -5.092  7.732   1.00 20.03 ? 33  VAL A N   1 
ATOM   9   C CA  . VAL A 1 8   ? -4.324  -4.911  6.730   1.00 18.87 ? 33  VAL A CA  1 
ATOM   10  C C   . VAL A 1 8   ? -3.621  -6.236  6.474   1.00 18.95 ? 33  VAL A C   1 
ATOM   11  O O   . VAL A 1 8   ? -3.087  -6.872  7.401   1.00 19.12 ? 33  VAL A O   1 
ATOM   12  C CB  . VAL A 1 8   ? -3.304  -3.808  7.130   1.00 18.29 ? 33  VAL A CB  1 
ATOM   13  C CG1 . VAL A 1 8   ? -2.262  -3.597  6.036   1.00 16.73 ? 33  VAL A CG1 1 
ATOM   14  C CG2 . VAL A 1 8   ? -4.029  -2.471  7.399   1.00 18.93 ? 33  VAL A CG2 1 
ATOM   15  N N   . LYS A 1 9   ? -3.647  -6.663  5.214   1.00 17.58 ? 34  LYS A N   1 
ATOM   16  C CA  . LYS A 1 9   ? -3.098  -7.948  4.851   1.00 17.47 ? 34  LYS A CA  1 
ATOM   17  C C   . LYS A 1 9   ? -1.574  -7.859  4.783   1.00 16.94 ? 34  LYS A C   1 
ATOM   18  O O   . LYS A 1 9   ? -1.011  -6.865  4.304   1.00 15.54 ? 34  LYS A O   1 
ATOM   19  C CB  . LYS A 1 9   ? -3.669  -8.376  3.499   1.00 18.31 ? 34  LYS A CB  1 
ATOM   20  C CG  . LYS A 1 9   ? -3.210  -9.767  3.019   1.00 20.71 ? 34  LYS A CG  1 
ATOM   21  C CD  . LYS A 1 9   ? -4.293  -10.397 2.148   1.00 24.19 ? 34  LYS A CD  1 
ATOM   22  C CE  . LYS A 1 9   ? -3.717  -11.368 1.137   1.00 26.40 ? 34  LYS A CE  1 
ATOM   23  N NZ  . LYS A 1 9   ? -3.335  -12.649 1.745   1.00 26.17 ? 34  LYS A NZ  1 
ATOM   24  N N   . HIS A 1 10  ? -0.910  -8.925  5.201   1.00 15.89 ? 35  HIS A N   1 
ATOM   25  C CA  . HIS A 1 10  ? 0.536   -8.994  5.020   1.00 16.43 ? 35  HIS A CA  1 
ATOM   26  C C   . HIS A 1 10  ? 0.795   -9.729  3.698   1.00 16.58 ? 35  HIS A C   1 
ATOM   27  O O   . HIS A 1 10  ? 0.468   -10.914 3.531   1.00 15.81 ? 35  HIS A O   1 
ATOM   28  C CB  . HIS A 1 10  ? 1.222   -9.583  6.261   1.00 17.51 ? 35  HIS A CB  1 
ATOM   29  C CG  . HIS A 1 10  ? 1.066   -8.722  7.492   1.00 21.55 ? 35  HIS A CG  1 
ATOM   30  N ND1 . HIS A 1 10  ? 1.852   -8.870  8.617   1.00 22.65 ? 35  HIS A ND1 1 
ATOM   31  C CD2 . HIS A 1 10  ? 0.236   -7.677  7.755   1.00 23.12 ? 35  HIS A CD2 1 
ATOM   32  C CE1 . HIS A 1 10  ? 1.495   -7.982  9.528   1.00 23.27 ? 35  HIS A CE1 1 
ATOM   33  N NE2 . HIS A 1 10  ? 0.526   -7.236  9.025   1.00 23.85 ? 35  HIS A NE2 1 
ATOM   34  N N   . LEU A 1 11  ? 1.274   -8.971  2.711   1.00 14.32 ? 36  LEU A N   1 
ATOM   35  C CA  . LEU A 1 11  ? 1.451   -9.501  1.362   1.00 15.05 ? 36  LEU A CA  1 
ATOM   36  C C   . LEU A 1 11  ? 2.823   -10.122 1.196   1.00 15.04 ? 36  LEU A C   1 
ATOM   37  O O   . LEU A 1 11  ? 3.804   -9.752  1.889   1.00 14.32 ? 36  LEU A O   1 
ATOM   38  C CB  . LEU A 1 11  ? 1.288   -8.394  0.301   1.00 14.09 ? 36  LEU A CB  1 
ATOM   39  C CG  . LEU A 1 11  ? -0.026  -7.634  0.317   1.00 15.40 ? 36  LEU A CG  1 
ATOM   40  C CD1 . LEU A 1 11  ? -0.022  -6.473  -0.675  1.00 14.22 ? 36  LEU A CD1 1 
ATOM   41  C CD2 . LEU A 1 11  ? -1.182  -8.591  0.064   1.00 18.78 ? 36  LEU A CD2 1 
ATOM   42  N N   . ASN A 1 12  ? 2.896   -11.072 0.272   1.00 14.25 ? 37  ASN A N   1 
ATOM   43  C CA  . ASN A 1 12  ? 4.166   -11.709 -0.038  1.00 13.69 ? 37  ASN A CA  1 
ATOM   44  C C   . ASN A 1 12  ? 4.225   -11.990 -1.547  1.00 13.93 ? 37  ASN A C   1 
ATOM   45  O O   . ASN A 1 12  ? 3.265   -11.714 -2.263  1.00 13.21 ? 37  ASN A O   1 
ATOM   46  C CB  . ASN A 1 12  ? 4.370   -12.966 0.840   1.00 15.12 ? 37  ASN A CB  1 
ATOM   47  C CG  . ASN A 1 12  ? 3.472   -14.159 0.439   1.00 15.92 ? 37  ASN A CG  1 
ATOM   48  O OD1 . ASN A 1 12  ? 2.901   -14.210 -0.644  1.00 15.03 ? 37  ASN A OD1 1 
ATOM   49  N ND2 . ASN A 1 12  ? 3.383   -15.155 1.342   1.00 19.24 ? 37  ASN A ND2 1 
ATOM   50  N N   . SER A 1 13  ? 5.363   -12.490 -2.020  1.00 13.20 ? 38  SER A N   1 
ATOM   51  C CA  . SER A 1 13  ? 5.551   -12.769 -3.433  1.00 14.47 ? 38  SER A CA  1 
ATOM   52  C C   . SER A 1 13  ? 4.487   -13.682 -4.029  1.00 14.17 ? 38  SER A C   1 
ATOM   53  O O   . SER A 1 13  ? 4.132   -13.533 -5.210  1.00 14.23 ? 38  SER A O   1 
ATOM   54  C CB  . SER A 1 13  ? 6.933   -13.357 -3.682  1.00 15.59 ? 38  SER A CB  1 
ATOM   55  O OG  . SER A 1 13  ? 7.937   -12.583 -3.031  1.00 17.72 ? 38  SER A OG  1 
ATOM   56  N N   . LYS A 1 14  ? 3.995   -14.632 -3.241  1.00 14.39 ? 39  LYS A N   1 
ATOM   57  C CA  . LYS A 1 14  ? 3.043   -15.631 -3.754  1.00 16.12 ? 39  LYS A CA  1 
ATOM   58  C C   . LYS A 1 14  ? 1.599   -15.105 -3.867  1.00 14.88 ? 39  LYS A C   1 
ATOM   59  O O   . LYS A 1 14  ? 0.851   -15.537 -4.772  1.00 15.37 ? 39  LYS A O   1 
ATOM   60  C CB  . LYS A 1 14  ? 3.120   -16.928 -2.916  1.00 16.43 ? 39  LYS A CB  1 
ATOM   61  C CG  . LYS A 1 14  ? 1.939   -17.902 -3.064  1.00 21.75 ? 39  LYS A CG  1 
ATOM   62  C CD  . LYS A 1 14  ? 0.901   -17.717 -1.944  1.00 26.68 ? 39  LYS A CD  1 
ATOM   63  C CE  . LYS A 1 14  ? -0.565  -17.852 -2.420  1.00 27.16 ? 39  LYS A CE  1 
ATOM   64  N NZ  . LYS A 1 14  ? -0.796  -19.014 -3.339  1.00 30.47 ? 39  LYS A NZ  1 
ATOM   65  N N   . ASN A 1 15  ? 1.218   -14.175 -2.987  1.00 13.92 ? 40  ASN A N   1 
ATOM   66  C CA  . ASN A 1 15  ? -0.189  -13.771 -2.896  1.00 13.67 ? 40  ASN A CA  1 
ATOM   67  C C   . ASN A 1 15  ? -0.474  -12.370 -3.398  1.00 12.01 ? 40  ASN A C   1 
ATOM   68  O O   . ASN A 1 15  ? -1.631  -11.944 -3.442  1.00 11.05 ? 40  ASN A O   1 
ATOM   69  C CB  . ASN A 1 15  ? -0.748  -13.952 -1.469  1.00 14.87 ? 40  ASN A CB  1 
ATOM   70  C CG  . ASN A 1 15  ? -0.102  -13.011 -0.416  1.00 16.81 ? 40  ASN A CG  1 
ATOM   71  O OD1 . ASN A 1 15  ? 0.438   -11.929 -0.726  1.00 14.03 ? 40  ASN A OD1 1 
ATOM   72  N ND2 . ASN A 1 15  ? -0.174  -13.438 0.853   1.00 17.61 ? 40  ASN A ND2 1 
ATOM   73  N N   . PHE A 1 16  ? 0.583   -11.665 -3.777  1.00 11.05 ? 41  PHE A N   1 
ATOM   74  C CA  . PHE A 1 16  ? 0.453   -10.295 -4.214  1.00 10.60 ? 41  PHE A CA  1 
ATOM   75  C C   . PHE A 1 16  ? -0.512  -10.110 -5.379  1.00 11.80 ? 41  PHE A C   1 
ATOM   76  O O   . PHE A 1 16  ? -1.443  -9.312  -5.301  1.00 10.77 ? 41  PHE A O   1 
ATOM   77  C CB  . PHE A 1 16  ? 1.817   -9.720  -4.615  1.00 11.75 ? 41  PHE A CB  1 
ATOM   78  C CG  . PHE A 1 16  ? 1.750   -8.267  -4.929  1.00 10.98 ? 41  PHE A CG  1 
ATOM   79  C CD1 . PHE A 1 16  ? 1.811   -7.327  -3.906  1.00 13.80 ? 41  PHE A CD1 1 
ATOM   80  C CD2 . PHE A 1 16  ? 1.557   -7.834  -6.243  1.00 14.09 ? 41  PHE A CD2 1 
ATOM   81  C CE1 . PHE A 1 16  ? 1.708   -5.953  -4.189  1.00 12.72 ? 41  PHE A CE1 1 
ATOM   82  C CE2 . PHE A 1 16  ? 1.439   -6.475  -6.540  1.00 13.87 ? 41  PHE A CE2 1 
ATOM   83  C CZ  . PHE A 1 16  ? 1.530   -5.525  -5.526  1.00 12.81 ? 41  PHE A CZ  1 
ATOM   84  N N   . ASP A 1 17  ? -0.270  -10.832 -6.472  1.00 12.30 ? 42  ASP A N   1 
ATOM   85  C CA  . ASP A 1 17  ? -1.104  -10.688 -7.662  1.00 13.05 ? 42  ASP A CA  1 
ATOM   86  C C   . ASP A 1 17  ? -2.540  -11.010 -7.364  1.00 13.16 ? 42  ASP A C   1 
ATOM   87  O O   . ASP A 1 17  ? -3.437  -10.288 -7.788  1.00 12.20 ? 42  ASP A O   1 
ATOM   88  C CB  . ASP A 1 17  ? -0.600  -11.587 -8.783  1.00 13.07 ? 42  ASP A CB  1 
ATOM   89  C CG  . ASP A 1 17  ? 0.542   -10.975 -9.562  1.00 16.55 ? 42  ASP A CG  1 
ATOM   90  O OD1 . ASP A 1 17  ? 0.943   -9.806  -9.286  1.00 16.60 ? 42  ASP A OD1 1 
ATOM   91  O OD2 . ASP A 1 17  ? 1.017   -11.692 -10.467 1.00 19.89 ? 42  ASP A OD2 1 
ATOM   92  N N   . GLU A 1 18  ? -2.773  -12.103 -6.635  1.00 13.14 ? 43  GLU A N   1 
ATOM   93  C CA  . GLU A 1 18  ? -4.130  -12.465 -6.272  1.00 15.30 ? 43  GLU A CA  1 
ATOM   94  C C   . GLU A 1 18  ? -4.830  -11.308 -5.548  1.00 14.50 ? 43  GLU A C   1 
ATOM   95  O O   . GLU A 1 18  ? -6.008  -11.041 -5.806  1.00 13.97 ? 43  GLU A O   1 
ATOM   96  C CB  . GLU A 1 18  ? -4.156  -13.736 -5.408  1.00 14.80 ? 43  GLU A CB  1 
ATOM   97  C CG  . GLU A 1 18  ? -5.573  -14.288 -5.172  1.00 19.12 ? 43  GLU A CG  1 
ATOM   98  C CD  . GLU A 1 18  ? -5.536  -15.640 -4.463  1.00 20.94 ? 43  GLU A CD  1 
ATOM   99  O OE1 . GLU A 1 18  ? -4.497  -16.330 -4.568  1.00 26.57 ? 43  GLU A OE1 1 
ATOM   100 O OE2 . GLU A 1 18  ? -6.546  -16.019 -3.815  1.00 30.76 ? 43  GLU A OE2 1 
ATOM   101 N N   . PHE A 1 19  ? -4.088  -10.611 -4.674  1.00 14.01 ? 44  PHE A N   1 
ATOM   102 C CA  . PHE A 1 19  ? -4.667  -9.597  -3.820  1.00 14.23 ? 44  PHE A CA  1 
ATOM   103 C C   . PHE A 1 19  ? -5.158  -8.423  -4.645  1.00 13.76 ? 44  PHE A C   1 
ATOM   104 O O   . PHE A 1 19  ? -6.229  -7.894  -4.388  1.00 14.32 ? 44  PHE A O   1 
ATOM   105 C CB  . PHE A 1 19  ? -3.643  -9.135  -2.777  1.00 14.81 ? 44  PHE A CB  1 
ATOM   106 C CG  . PHE A 1 19  ? -4.193  -8.180  -1.749  1.00 12.64 ? 44  PHE A CG  1 
ATOM   107 C CD1 . PHE A 1 19  ? -5.125  -8.611  -0.807  1.00 15.27 ? 44  PHE A CD1 1 
ATOM   108 C CD2 . PHE A 1 19  ? -3.737  -6.874  -1.683  1.00 14.56 ? 44  PHE A CD2 1 
ATOM   109 C CE1 . PHE A 1 19  ? -5.620  -7.733  0.175   1.00 15.58 ? 44  PHE A CE1 1 
ATOM   110 C CE2 . PHE A 1 19  ? -4.225  -5.980  -0.675  1.00 13.95 ? 44  PHE A CE2 1 
ATOM   111 C CZ  . PHE A 1 19  ? -5.167  -6.433  0.225   1.00 15.61 ? 44  PHE A CZ  1 
ATOM   112 N N   . ILE A 1 20  ? -4.339  -7.996  -5.608  1.00 13.19 ? 45  ILE A N   1 
ATOM   113 C CA  . ILE A 1 20  ? -4.693  -6.845  -6.428  1.00 13.07 ? 45  ILE A CA  1 
ATOM   114 C C   . ILE A 1 20  ? -5.617  -7.245  -7.580  1.00 14.52 ? 45  ILE A C   1 
ATOM   115 O O   . ILE A 1 20  ? -6.183  -6.365  -8.229  1.00 14.97 ? 45  ILE A O   1 
ATOM   116 C CB  . ILE A 1 20  ? -3.443  -6.061  -6.917  1.00 12.50 ? 45  ILE A CB  1 
ATOM   117 C CG1 . ILE A 1 20  ? -2.567  -6.881  -7.868  1.00 11.28 ? 45  ILE A CG1 1 
ATOM   118 C CG2 . ILE A 1 20  ? -2.603  -5.634  -5.708  1.00 11.99 ? 45  ILE A CG2 1 
ATOM   119 C CD1 . ILE A 1 20  ? -1.587  -6.053  -8.697  1.00 12.93 ? 45  ILE A CD1 1 
ATOM   120 N N   . THR A 1 21  ? -5.778  -8.556  -7.811  1.00 15.07 ? 46  THR A N   1 
ATOM   121 C CA  . THR A 1 21  ? -6.730  -9.038  -8.849  1.00 17.33 ? 46  THR A CA  1 
ATOM   122 C C   . THR A 1 21  ? -8.135  -9.224  -8.304  1.00 18.49 ? 46  THR A C   1 
ATOM   123 O O   . THR A 1 21  ? -9.090  -8.697  -8.885  1.00 20.11 ? 46  THR A O   1 
ATOM   124 C CB  . THR A 1 21  ? -6.244  -10.316 -9.564  1.00 17.33 ? 46  THR A CB  1 
ATOM   125 O OG1 . THR A 1 21  ? -4.991  -10.034 -10.179 1.00 16.63 ? 46  THR A OG1 1 
ATOM   126 C CG2 . THR A 1 21  ? -7.237  -10.744 -10.682 1.00 18.08 ? 46  THR A CG2 1 
ATOM   127 N N   . LYS A 1 22  ? -8.261  -9.994  -7.221  1.00 18.86 ? 47  LYS A N   1 
ATOM   128 C CA  . LYS A 1 22  ? -9.554  -10.274 -6.579  1.00 20.04 ? 47  LYS A CA  1 
ATOM   129 C C   . LYS A 1 22  ? -10.230 -9.042  -5.931  1.00 18.87 ? 47  LYS A C   1 
ATOM   130 O O   . LYS A 1 22  ? -11.458 -8.988  -5.809  1.00 18.55 ? 47  LYS A O   1 
ATOM   131 C CB  . LYS A 1 22  ? -9.418  -11.460 -5.592  1.00 20.17 ? 47  LYS A CB  1 
ATOM   132 C CG  . LYS A 1 22  ? -8.993  -11.085 -4.177  1.00 23.25 ? 47  LYS A CG  1 
ATOM   133 C CD  . LYS A 1 22  ? -8.357  -12.266 -3.399  1.00 24.11 ? 47  LYS A CD  1 
ATOM   134 C CE  . LYS A 1 22  ? -7.583  -11.708 -2.195  1.00 24.74 ? 47  LYS A CE  1 
ATOM   135 N NZ  . LYS A 1 22  ? -6.497  -12.534 -1.661  1.00 26.27 ? 47  LYS A NZ  1 
ATOM   136 N N   . ASN A 1 23  ? -9.435  -8.043  -5.544  1.00 17.53 ? 48  ASN A N   1 
ATOM   137 C CA  . ASN A 1 23  ? -9.955  -6.838  -4.916  1.00 17.50 ? 48  ASN A CA  1 
ATOM   138 C C   . ASN A 1 23  ? -9.940  -5.675  -5.905  1.00 17.63 ? 48  ASN A C   1 
ATOM   139 O O   . ASN A 1 23  ? -8.905  -5.362  -6.471  1.00 17.43 ? 48  ASN A O   1 
ATOM   140 C CB  . ASN A 1 23  ? -9.129  -6.491  -3.667  1.00 17.22 ? 48  ASN A CB  1 
ATOM   141 C CG  . ASN A 1 23  ? -9.228  -7.546  -2.600  1.00 18.33 ? 48  ASN A CG  1 
ATOM   142 O OD1 . ASN A 1 23  ? -10.261 -7.676  -1.950  1.00 19.36 ? 48  ASN A OD1 1 
ATOM   143 N ND2 . ASN A 1 23  ? -8.169  -8.301  -2.409  1.00 14.41 ? 48  ASN A ND2 1 
ATOM   144 N N   . LYS A 1 24  ? -11.087 -5.024  -6.098  1.00 18.16 ? 49  LYS A N   1 
ATOM   145 C CA  . LYS A 1 24  ? -11.201 -3.965  -7.127  1.00 18.32 ? 49  LYS A CA  1 
ATOM   146 C C   . LYS A 1 24  ? -10.373 -2.713  -6.797  1.00 17.23 ? 49  LYS A C   1 
ATOM   147 O O   . LYS A 1 24  ? -9.636  -2.211  -7.654  1.00 16.20 ? 49  LYS A O   1 
ATOM   148 C CB  . LYS A 1 24  ? -12.672 -3.607  -7.357  1.00 19.41 ? 49  LYS A CB  1 
ATOM   149 C CG  . LYS A 1 24  ? -12.919 -2.405  -8.267  1.00 21.71 ? 49  LYS A CG  1 
ATOM   150 C CD  . LYS A 1 24  ? -13.673 -2.788  -9.518  1.00 27.85 ? 49  LYS A CD  1 
ATOM   151 C CE  . LYS A 1 24  ? -14.011 -1.569  -10.363 1.00 30.57 ? 49  LYS A CE  1 
ATOM   152 N NZ  . LYS A 1 24  ? -14.654 -1.971  -11.657 1.00 34.36 ? 49  LYS A NZ  1 
ATOM   153 N N   . ILE A 1 25  ? -10.502 -2.224  -5.558  1.00 16.07 ? 50  ILE A N   1 
ATOM   154 C CA  . ILE A 1 25  ? -9.781  -1.037  -5.086  1.00 16.06 ? 50  ILE A CA  1 
ATOM   155 C C   . ILE A 1 25  ? -8.837  -1.496  -3.969  1.00 14.33 ? 50  ILE A C   1 
ATOM   156 O O   . ILE A 1 25  ? -9.272  -2.077  -2.952  1.00 13.24 ? 50  ILE A O   1 
ATOM   157 C CB  . ILE A 1 25  ? -10.719 0.092   -4.539  1.00 16.69 ? 50  ILE A CB  1 
ATOM   158 C CG1 . ILE A 1 25  ? -11.835 0.468   -5.544  1.00 19.46 ? 50  ILE A CG1 1 
ATOM   159 C CG2 . ILE A 1 25  ? -9.903  1.361   -4.169  1.00 16.07 ? 50  ILE A CG2 1 
ATOM   160 C CD1 . ILE A 1 25  ? -11.332 0.953   -6.908  1.00 18.63 ? 50  ILE A CD1 1 
ATOM   161 N N   . VAL A 1 26  ? -7.554  -1.204  -4.158  1.00 13.37 ? 51  VAL A N   1 
ATOM   162 C CA  . VAL A 1 26  ? -6.514  -1.710  -3.288  1.00 12.22 ? 51  VAL A CA  1 
ATOM   163 C C   . VAL A 1 26  ? -5.521  -0.610  -2.934  1.00 11.41 ? 51  VAL A C   1 
ATOM   164 O O   . VAL A 1 26  ? -5.145  0.199   -3.773  1.00 10.20 ? 51  VAL A O   1 
ATOM   165 C CB  . VAL A 1 26  ? -5.734  -2.848  -3.976  1.00 12.27 ? 51  VAL A CB  1 
ATOM   166 C CG1 . VAL A 1 26  ? -4.410  -3.137  -3.252  1.00 14.80 ? 51  VAL A CG1 1 
ATOM   167 C CG2 . VAL A 1 26  ? -6.579  -4.107  -4.079  1.00 12.97 ? 51  VAL A CG2 1 
ATOM   168 N N   . VAL A 1 27  ? -5.064  -0.624  -1.692  1.00 10.22 ? 52  VAL A N   1 
ATOM   169 C CA  . VAL A 1 27  ? -3.932  0.214   -1.305  1.00 10.60 ? 52  VAL A CA  1 
ATOM   170 C C   . VAL A 1 27  ? -2.807  -0.723  -0.852  1.00 11.62 ? 52  VAL A C   1 
ATOM   171 O O   . VAL A 1 27  ? -3.044  -1.640  -0.038  1.00 10.93 ? 52  VAL A O   1 
ATOM   172 C CB  . VAL A 1 27  ? -4.329  1.184   -0.162  1.00 9.89  ? 52  VAL A CB  1 
ATOM   173 C CG1 . VAL A 1 27  ? -3.076  1.808   0.474   1.00 13.95 ? 52  VAL A CG1 1 
ATOM   174 C CG2 . VAL A 1 27  ? -5.252  2.323   -0.669  1.00 9.99  ? 52  VAL A CG2 1 
ATOM   175 N N   . VAL A 1 28  ? -1.582  -0.493  -1.357  1.00 10.46 ? 53  VAL A N   1 
ATOM   176 C CA  . VAL A 1 28  ? -0.455  -1.273  -0.894  1.00 9.82  ? 53  VAL A CA  1 
ATOM   177 C C   . VAL A 1 28  ? 0.586   -0.348  -0.272  1.00 9.77  ? 53  VAL A C   1 
ATOM   178 O O   . VAL A 1 28  ? 1.036   0.626   -0.917  1.00 9.07  ? 53  VAL A O   1 
ATOM   179 C CB  . VAL A 1 28  ? 0.218   -2.086  -2.040  1.00 10.32 ? 53  VAL A CB  1 
ATOM   180 C CG1 . VAL A 1 28  ? 1.419   -2.840  -1.520  1.00 9.95  ? 53  VAL A CG1 1 
ATOM   181 C CG2 . VAL A 1 28  ? -0.811  -3.053  -2.735  1.00 9.75  ? 53  VAL A CG2 1 
ATOM   182 N N   . ASP A 1 29  ? 0.965   -0.660  0.960   1.00 8.33  ? 54  ASP A N   1 
ATOM   183 C CA  . ASP A 1 29  ? 1.991   0.085   1.652   1.00 9.32  ? 54  ASP A CA  1 
ATOM   184 C C   . ASP A 1 29  ? 3.315   -0.684  1.492   1.00 9.64  ? 54  ASP A C   1 
ATOM   185 O O   . ASP A 1 29  ? 3.470   -1.773  2.079   1.00 10.24 ? 54  ASP A O   1 
ATOM   186 C CB  . ASP A 1 29  ? 1.580   0.251   3.120   1.00 10.42 ? 54  ASP A CB  1 
ATOM   187 C CG  . ASP A 1 29  ? 2.707   0.792   4.022   1.00 12.89 ? 54  ASP A CG  1 
ATOM   188 O OD1 . ASP A 1 29  ? 3.753   1.261   3.535   1.00 11.38 ? 54  ASP A OD1 1 
ATOM   189 O OD2 . ASP A 1 29  ? 2.509   0.746   5.253   1.00 13.59 ? 54  ASP A OD2 1 
ATOM   190 N N   . PHE A 1 30  ? 4.243   -0.124  0.704   1.00 8.90  ? 55  PHE A N   1 
ATOM   191 C CA  . PHE A 1 30  ? 5.590   -0.696  0.516   1.00 9.72  ? 55  PHE A CA  1 
ATOM   192 C C   . PHE A 1 30  ? 6.502   -0.059  1.554   1.00 9.83  ? 55  PHE A C   1 
ATOM   193 O O   . PHE A 1 30  ? 6.630   1.181   1.600   1.00 9.17  ? 55  PHE A O   1 
ATOM   194 C CB  . PHE A 1 30  ? 6.175   -0.418  -0.866  1.00 10.26 ? 55  PHE A CB  1 
ATOM   195 C CG  . PHE A 1 30  ? 5.561   -1.236  -1.984  1.00 10.59 ? 55  PHE A CG  1 
ATOM   196 C CD1 . PHE A 1 30  ? 4.408   -0.792  -2.629  1.00 12.60 ? 55  PHE A CD1 1 
ATOM   197 C CD2 . PHE A 1 30  ? 6.145   -2.448  -2.383  1.00 9.72  ? 55  PHE A CD2 1 
ATOM   198 C CE1 . PHE A 1 30  ? 3.857   -1.532  -3.707  1.00 13.52 ? 55  PHE A CE1 1 
ATOM   199 C CE2 . PHE A 1 30  ? 5.635   -3.184  -3.428  1.00 13.00 ? 55  PHE A CE2 1 
ATOM   200 C CZ  . PHE A 1 30  ? 4.467   -2.738  -4.098  1.00 12.86 ? 55  PHE A CZ  1 
ATOM   201 N N   . TRP A 1 31  ? 7.042   -0.889  2.433   1.00 9.32  ? 56  TRP A N   1 
ATOM   202 C CA  . TRP A 1 31  ? 7.772   -0.402  3.618   1.00 10.76 ? 56  TRP A CA  1 
ATOM   203 C C   . TRP A 1 31  ? 9.020   -1.252  3.899   1.00 10.78 ? 56  TRP A C   1 
ATOM   204 O O   . TRP A 1 31  ? 9.252   -2.290  3.250   1.00 11.34 ? 56  TRP A O   1 
ATOM   205 C CB  . TRP A 1 31  ? 6.855   -0.383  4.837   1.00 11.23 ? 56  TRP A CB  1 
ATOM   206 C CG  . TRP A 1 31  ? 6.556   -1.783  5.333   1.00 10.51 ? 56  TRP A CG  1 
ATOM   207 C CD1 . TRP A 1 31  ? 5.743   -2.704  4.724   1.00 11.18 ? 56  TRP A CD1 1 
ATOM   208 C CD2 . TRP A 1 31  ? 7.092   -2.435  6.508   1.00 11.23 ? 56  TRP A CD2 1 
ATOM   209 N NE1 . TRP A 1 31  ? 5.705   -3.859  5.464   1.00 12.85 ? 56  TRP A NE1 1 
ATOM   210 C CE2 . TRP A 1 31  ? 6.528   -3.735  6.551   1.00 13.20 ? 56  TRP A CE2 1 
ATOM   211 C CE3 . TRP A 1 31  ? 7.972   -2.040  7.535   1.00 12.19 ? 56  TRP A CE3 1 
ATOM   212 C CZ2 . TRP A 1 31  ? 6.828   -4.660  7.576   1.00 13.73 ? 56  TRP A CZ2 1 
ATOM   213 C CZ3 . TRP A 1 31  ? 8.277   -2.965  8.575   1.00 13.39 ? 56  TRP A CZ3 1 
ATOM   214 C CH2 . TRP A 1 31  ? 7.701   -4.260  8.579   1.00 13.65 ? 56  TRP A CH2 1 
ATOM   215 N N   . ALA A 1 32  ? 9.843   -0.768  4.830   1.00 9.68  ? 57  ALA A N   1 
ATOM   216 C CA  . ALA A 1 32  ? 11.011  -1.492  5.294   1.00 10.26 ? 57  ALA A CA  1 
ATOM   217 C C   . ALA A 1 32  ? 11.223  -1.206  6.759   1.00 10.12 ? 57  ALA A C   1 
ATOM   218 O O   . ALA A 1 32  ? 10.895  -0.111  7.249   1.00 11.07 ? 57  ALA A O   1 
ATOM   219 C CB  . ALA A 1 32  ? 12.278  -1.130  4.477   1.00 8.84  ? 57  ALA A CB  1 
ATOM   220 N N   . GLU A 1 33  ? 11.826  -2.177  7.451   1.00 11.28 ? 58  GLU A N   1 
ATOM   221 C CA  . GLU A 1 33  ? 11.971  -2.126  8.911   1.00 12.06 ? 58  GLU A CA  1 
ATOM   222 C C   . GLU A 1 33  ? 12.850  -0.978  9.399   1.00 12.21 ? 58  GLU A C   1 
ATOM   223 O O   . GLU A 1 33  ? 12.705  -0.523  10.523  1.00 12.75 ? 58  GLU A O   1 
ATOM   224 C CB  . GLU A 1 33  ? 12.538  -3.452  9.424   1.00 13.69 ? 58  GLU A CB  1 
ATOM   225 C CG  . GLU A 1 33  ? 11.553  -4.633  9.260   1.00 19.70 ? 58  GLU A CG  1 
ATOM   226 C CD  . GLU A 1 33  ? 12.298  -5.952  9.103   1.00 27.69 ? 58  GLU A CD  1 
ATOM   227 O OE1 . GLU A 1 33  ? 13.381  -6.098  9.736   1.00 29.34 ? 58  GLU A OE1 1 
ATOM   228 O OE2 . GLU A 1 33  ? 11.816  -6.825  8.326   1.00 29.87 ? 58  GLU A OE2 1 
ATOM   229 N N   . TRP A 1 34  ? 13.785  -0.540  8.550   1.00 11.74 ? 59  TRP A N   1 
ATOM   230 C CA  . TRP A 1 34  ? 14.756  0.500   8.874   1.00 11.06 ? 59  TRP A CA  1 
ATOM   231 C C   . TRP A 1 34  ? 14.278  1.903   8.518   1.00 11.60 ? 59  TRP A C   1 
ATOM   232 O O   . TRP A 1 34  ? 14.984  2.862   8.737   1.00 11.56 ? 59  TRP A O   1 
ATOM   233 C CB  . TRP A 1 34  ? 16.069  0.228   8.094   1.00 11.50 ? 59  TRP A CB  1 
ATOM   234 C CG  . TRP A 1 34  ? 15.847  -0.015  6.597   1.00 10.29 ? 59  TRP A CG  1 
ATOM   235 C CD1 . TRP A 1 34  ? 15.793  -1.220  5.965   1.00 13.46 ? 59  TRP A CD1 1 
ATOM   236 C CD2 . TRP A 1 34  ? 15.666  0.982   5.580   1.00 11.14 ? 59  TRP A CD2 1 
ATOM   237 N NE1 . TRP A 1 34  ? 15.583  -1.033  4.616   1.00 12.89 ? 59  TRP A NE1 1 
ATOM   238 C CE2 . TRP A 1 34  ? 15.487  0.307   4.361   1.00 12.14 ? 59  TRP A CE2 1 
ATOM   239 C CE3 . TRP A 1 34  ? 15.617  2.390   5.589   1.00 11.93 ? 59  TRP A CE3 1 
ATOM   240 C CZ2 . TRP A 1 34  ? 15.303  0.991   3.145   1.00 13.02 ? 59  TRP A CZ2 1 
ATOM   241 C CZ3 . TRP A 1 34  ? 15.403  3.074   4.371   1.00 11.31 ? 59  TRP A CZ3 1 
ATOM   242 C CH2 . TRP A 1 34  ? 15.252  2.363   3.174   1.00 11.86 ? 59  TRP A CH2 1 
ATOM   243 N N   . CYS A 1 35  ? 13.077  2.003   7.929   1.00 10.45 ? 60  CYS A N   1 
ATOM   244 C CA  . CYS A 1 35  ? 12.579  3.239   7.380   1.00 10.20 ? 60  CYS A CA  1 
ATOM   245 C C   . CYS A 1 35  ? 11.689  3.928   8.399   1.00 9.82  ? 60  CYS A C   1 
ATOM   246 O O   . CYS A 1 35  ? 10.533  3.507   8.616   1.00 9.28  ? 60  CYS A O   1 
ATOM   247 C CB  . CYS A 1 35  ? 11.810  2.902   6.079   1.00 10.58 ? 60  CYS A CB  1 
ATOM   248 S SG  . CYS A 1 35  ? 10.797  4.208   5.412   1.00 12.64 ? 60  CYS A SG  1 
ATOM   249 N N   . ALA A 1 36  ? 12.199  4.960   9.059   1.00 10.68 ? 61  ALA A N   1 
ATOM   250 C CA  . ALA A 1 36  ? 11.403  5.647   10.098  1.00 10.35 ? 61  ALA A CA  1 
ATOM   251 C C   . ALA A 1 36  ? 10.019  6.215   9.617   1.00 10.72 ? 61  ALA A C   1 
ATOM   252 O O   . ALA A 1 36  ? 8.986   5.952   10.269  1.00 10.87 ? 61  ALA A O   1 
ATOM   253 C CB  . ALA A 1 36  ? 12.238  6.712   10.815  1.00 12.01 ? 61  ALA A CB  1 
ATOM   254 N N   . PRO A 1 37  ? 9.981   6.953   8.481   1.00 11.52 ? 62  PRO A N   1 
ATOM   255 C CA  . PRO A 1 37  ? 8.683   7.419   8.012   1.00 11.74 ? 62  PRO A CA  1 
ATOM   256 C C   . PRO A 1 37  ? 7.717   6.269   7.739   1.00 10.99 ? 62  PRO A C   1 
ATOM   257 O O   . PRO A 1 37  ? 6.500   6.452   7.895   1.00 10.80 ? 62  PRO A O   1 
ATOM   258 C CB  . PRO A 1 37  ? 9.008   8.149   6.697   1.00 11.69 ? 62  PRO A CB  1 
ATOM   259 C CG  . PRO A 1 37  ? 10.438  8.492   6.782   1.00 15.25 ? 62  PRO A CG  1 
ATOM   260 C CD  . PRO A 1 37  ? 11.076  7.407   7.593   1.00 11.85 ? 62  PRO A CD  1 
ATOM   261 N N   . CYS A 1 38  ? 8.250   5.116   7.296   1.00 10.75 ? 63  CYS A N   1 
ATOM   262 C CA  . CYS A 1 38  ? 7.451   3.885   7.120   1.00 10.80 ? 63  CYS A CA  1 
ATOM   263 C C   . CYS A 1 38  ? 6.783   3.445   8.420   1.00 11.01 ? 63  CYS A C   1 
ATOM   264 O O   . CYS A 1 38  ? 5.567   3.188   8.466   1.00 10.21 ? 63  CYS A O   1 
ATOM   265 C CB  . CYS A 1 38  ? 8.320   2.736   6.558   1.00 11.40 ? 63  CYS A CB  1 
ATOM   266 S SG  . CYS A 1 38  ? 9.056   3.122   4.925   1.00 12.70 ? 63  CYS A SG  1 
ATOM   267 N N   . LEU A 1 39  ? 7.582   3.379   9.470   1.00 10.65 ? 64  LEU A N   1 
ATOM   268 C CA  . LEU A 1 39  ? 7.106   2.893   10.786  1.00 11.03 ? 64  LEU A CA  1 
ATOM   269 C C   . LEU A 1 39  ? 6.079   3.855   11.362  1.00 12.03 ? 64  LEU A C   1 
ATOM   270 O O   . LEU A 1 39  ? 5.063   3.459   11.981  1.00 12.39 ? 64  LEU A O   1 
ATOM   271 C CB  . LEU A 1 39  ? 8.316   2.714   11.711  1.00 10.98 ? 64  LEU A CB  1 
ATOM   272 C CG  . LEU A 1 39  ? 9.310   1.623   11.235  1.00 12.12 ? 64  LEU A CG  1 
ATOM   273 C CD1 . LEU A 1 39  ? 10.514  1.541   12.175  1.00 14.28 ? 64  LEU A CD1 1 
ATOM   274 C CD2 . LEU A 1 39  ? 8.648   0.241   11.092  1.00 14.78 ? 64  LEU A CD2 1 
ATOM   275 N N   . ILE A 1 40  ? 6.354   5.136   11.151  1.00 11.45 ? 65  ILE A N   1 
ATOM   276 C CA  . ILE A 1 40  ? 5.478   6.249   11.552  1.00 13.39 ? 65  ILE A CA  1 
ATOM   277 C C   . ILE A 1 40  ? 4.119   6.180   10.833  1.00 12.31 ? 65  ILE A C   1 
ATOM   278 O O   . ILE A 1 40  ? 3.049   6.448   11.437  1.00 12.25 ? 65  ILE A O   1 
ATOM   279 C CB  . ILE A 1 40  ? 6.227   7.579   11.218  1.00 13.24 ? 65  ILE A CB  1 
ATOM   280 C CG1 . ILE A 1 40  ? 7.218   7.926   12.363  1.00 12.73 ? 65  ILE A CG1 1 
ATOM   281 C CG2 . ILE A 1 40  ? 5.269   8.704   10.889  1.00 16.91 ? 65  ILE A CG2 1 
ATOM   282 C CD1 . ILE A 1 40  ? 8.024   9.225   12.120  1.00 15.50 ? 65  ILE A CD1 1 
ATOM   283 N N   . LEU A 1 41  ? 4.157   5.786   9.561   1.00 13.19 ? 66  LEU A N   1 
ATOM   284 C CA  . LEU A 1 41  ? 2.957   5.777   8.744   1.00 13.64 ? 66  LEU A CA  1 
ATOM   285 C C   . LEU A 1 41  ? 2.073   4.572   9.013   1.00 13.33 ? 66  LEU A C   1 
ATOM   286 O O   . LEU A 1 41  ? 0.827   4.660   8.856   1.00 13.88 ? 66  LEU A O   1 
ATOM   287 C CB  . LEU A 1 41  ? 3.316   5.847   7.258   1.00 14.83 ? 66  LEU A CB  1 
ATOM   288 C CG  . LEU A 1 41  ? 2.153   6.030   6.279   1.00 17.23 ? 66  LEU A CG  1 
ATOM   289 C CD1 . LEU A 1 41  ? 1.639   7.453   6.360   1.00 20.89 ? 66  LEU A CD1 1 
ATOM   290 C CD2 . LEU A 1 41  ? 2.611   5.682   4.872   1.00 21.52 ? 66  LEU A CD2 1 
ATOM   291 N N   . ALA A 1 42  ? 2.682   3.455   9.422   1.00 12.83 ? 67  ALA A N   1 
ATOM   292 C CA  . ALA A 1 42  ? 1.942   2.206   9.656   1.00 12.58 ? 67  ALA A CA  1 
ATOM   293 C C   . ALA A 1 42  ? 0.648   2.367   10.501  1.00 13.96 ? 67  ALA A C   1 
ATOM   294 O O   . ALA A 1 42  ? -0.408  1.892   10.054  1.00 13.18 ? 67  ALA A O   1 
ATOM   295 C CB  . ALA A 1 42  ? 2.852   1.072   10.208  1.00 11.86 ? 67  ALA A CB  1 
ATOM   296 N N   . PRO A 1 43  ? 0.710   3.018   11.704  1.00 13.11 ? 68  PRO A N   1 
ATOM   297 C CA  . PRO A 1 43  ? -0.540  3.238   12.474  1.00 13.84 ? 68  PRO A CA  1 
ATOM   298 C C   . PRO A 1 43  ? -1.591  4.013   11.726  1.00 14.57 ? 68  PRO A C   1 
ATOM   299 O O   . PRO A 1 43  ? -2.780  3.719   11.891  1.00 16.02 ? 68  PRO A O   1 
ATOM   300 C CB  . PRO A 1 43  ? -0.093  4.092   13.673  1.00 13.63 ? 68  PRO A CB  1 
ATOM   301 C CG  . PRO A 1 43  ? 1.314   3.897   13.783  1.00 13.56 ? 68  PRO A CG  1 
ATOM   302 C CD  . PRO A 1 43  ? 1.873   3.561   12.431  1.00 14.68 ? 68  PRO A CD  1 
ATOM   303 N N   . VAL A 1 44  ? -1.186  4.993   10.919  1.00 14.72 ? 69  VAL A N   1 
ATOM   304 C CA  . VAL A 1 44  ? -2.190  5.728   10.155  1.00 15.27 ? 69  VAL A CA  1 
ATOM   305 C C   . VAL A 1 44  ? -2.812  4.860   9.042   1.00 15.37 ? 69  VAL A C   1 
ATOM   306 O O   . VAL A 1 44  ? -4.016  4.925   8.829   1.00 13.19 ? 69  VAL A O   1 
ATOM   307 C CB  . VAL A 1 44  ? -1.813  7.255   9.788   1.00 17.33 ? 69  VAL A CB  1 
ATOM   308 C CG1 . VAL A 1 44  ? -0.465  7.747   10.370  1.00 16.97 ? 69  VAL A CG1 1 
ATOM   309 C CG2 . VAL A 1 44  ? -2.096  7.641   8.339   1.00 15.60 ? 69  VAL A CG2 1 
ATOM   310 N N   . ILE A 1 45  ? -2.009  4.010   8.396   1.00 13.87 ? 70  ILE A N   1 
ATOM   311 C CA  . ILE A 1 45  ? -2.559  3.021   7.430   1.00 14.39 ? 70  ILE A CA  1 
ATOM   312 C C   . ILE A 1 45  ? -3.571  2.084   8.150   1.00 14.24 ? 70  ILE A C   1 
ATOM   313 O O   . ILE A 1 45  ? -4.672  1.812   7.644   1.00 13.48 ? 70  ILE A O   1 
ATOM   314 C CB  . ILE A 1 45  ? -1.429  2.182   6.754   1.00 14.84 ? 70  ILE A CB  1 
ATOM   315 C CG1 . ILE A 1 45  ? -0.518  3.060   5.847   1.00 14.69 ? 70  ILE A CG1 1 
ATOM   316 C CG2 . ILE A 1 45  ? -2.002  0.946   5.986   1.00 14.89 ? 70  ILE A CG2 1 
ATOM   317 C CD1 . ILE A 1 45  ? -1.251  3.801   4.718   1.00 16.96 ? 70  ILE A CD1 1 
ATOM   318 N N   . GLU A 1 46  ? -3.200  1.596   9.336   1.00 13.42 ? 71  GLU A N   1 
ATOM   319 C CA  . GLU A 1 46  ? -4.082  0.722   10.100  1.00 13.52 ? 71  GLU A CA  1 
ATOM   320 C C   . GLU A 1 46  ? -5.439  1.349   10.389  1.00 13.03 ? 71  GLU A C   1 
ATOM   321 O O   . GLU A 1 46  ? -6.466  0.681   10.276  1.00 12.55 ? 71  GLU A O   1 
ATOM   322 C CB  . GLU A 1 46  ? -3.423  0.262   11.411  1.00 12.93 ? 71  GLU A CB  1 
ATOM   323 C CG  . GLU A 1 46  ? -2.208  -0.660  11.165  1.00 16.10 ? 71  GLU A CG  1 
ATOM   324 C CD  . GLU A 1 46  ? -2.605  -2.053  10.674  1.00 18.57 ? 71  GLU A CD  1 
ATOM   325 O OE1 . GLU A 1 46  ? -1.730  -2.724  10.099  1.00 21.12 ? 71  GLU A OE1 1 
ATOM   326 O OE2 . GLU A 1 46  ? -3.774  -2.474  10.885  1.00 18.96 ? 71  GLU A OE2 1 
ATOM   327 N N   . GLU A 1 47  ? -5.429  2.614   10.783  1.00 12.69 ? 72  GLU A N   1 
ATOM   328 C CA  . GLU A 1 47  ? -6.681  3.310   11.158  1.00 13.42 ? 72  GLU A CA  1 
ATOM   329 C C   . GLU A 1 47  ? -7.518  3.622   9.911   1.00 13.95 ? 72  GLU A C   1 
ATOM   330 O O   . GLU A 1 47  ? -8.760  3.551   9.929   1.00 13.92 ? 72  GLU A O   1 
ATOM   331 C CB  . GLU A 1 47  ? -6.349  4.555   11.969  1.00 12.91 ? 72  GLU A CB  1 
ATOM   332 C CG  . GLU A 1 47  ? -7.496  5.112   12.793  1.00 14.87 ? 72  GLU A CG  1 
ATOM   333 N N   . LEU A 1 48  ? -6.840  3.969   8.813   1.00 13.74 ? 73  LEU A N   1 
ATOM   334 C CA  . LEU A 1 48  ? -7.523  4.114   7.535   1.00 13.22 ? 73  LEU A CA  1 
ATOM   335 C C   . LEU A 1 48  ? -8.199  2.809   7.075   1.00 13.76 ? 73  LEU A C   1 
ATOM   336 O O   . LEU A 1 48  ? -9.364  2.827   6.662   1.00 13.93 ? 73  LEU A O   1 
ATOM   337 C CB  . LEU A 1 48  ? -6.545  4.635   6.488   1.00 13.59 ? 73  LEU A CB  1 
ATOM   338 C CG  . LEU A 1 48  ? -6.429  6.167   6.392   1.00 14.45 ? 73  LEU A CG  1 
ATOM   339 C CD1 . LEU A 1 48  ? -5.253  6.475   5.520   1.00 16.65 ? 73  LEU A CD1 1 
ATOM   340 C CD2 . LEU A 1 48  ? -7.725  6.800   5.837   1.00 17.40 ? 73  LEU A CD2 1 
ATOM   341 N N   . ALA A 1 49  ? -7.498  1.683   7.185   1.00 13.45 ? 74  ALA A N   1 
ATOM   342 C CA  . ALA A 1 49  ? -8.070  0.352   6.877   1.00 14.18 ? 74  ALA A CA  1 
ATOM   343 C C   . ALA A 1 49  ? -9.355  0.059   7.705   1.00 15.27 ? 74  ALA A C   1 
ATOM   344 O O   . ALA A 1 49  ? -10.350 -0.467  7.188   1.00 15.50 ? 74  ALA A O   1 
ATOM   345 C CB  . ALA A 1 49  ? -7.005  -0.746  7.095   1.00 12.12 ? 74  ALA A CB  1 
ATOM   346 N N   . ASN A 1 50  ? -9.311  0.426   8.979   1.00 15.83 ? 75  ASN A N   1 
ATOM   347 C CA  . ASN A 1 50  ? -10.486 0.442   9.846   1.00 17.49 ? 75  ASN A CA  1 
ATOM   348 C C   . ASN A 1 50  ? -11.680 1.218   9.297   1.00 16.85 ? 75  ASN A C   1 
ATOM   349 O O   . ASN A 1 50  ? -12.819 0.744   9.363   1.00 17.40 ? 75  ASN A O   1 
ATOM   350 C CB  . ASN A 1 50  ? -10.116 1.150   11.137  1.00 18.02 ? 75  ASN A CB  1 
ATOM   351 C CG  . ASN A 1 50  ? -10.148 0.264   12.292  1.00 24.18 ? 75  ASN A CG  1 
ATOM   352 O OD1 . ASN A 1 50  ? -9.108  0.023   12.932  1.00 31.54 ? 75  ASN A OD1 1 
ATOM   353 N ND2 . ASN A 1 50  ? -11.348 -0.231  12.627  1.00 23.90 ? 75  ASN A ND2 1 
ATOM   354 N N   . ASP A 1 51  ? -11.423 2.426   8.802   1.00 16.25 ? 76  ASP A N   1 
ATOM   355 C CA  . ASP A 1 51  ? -12.490 3.325   8.390   1.00 16.22 ? 76  ASP A CA  1 
ATOM   356 C C   . ASP A 1 51  ? -13.000 3.051   6.989   1.00 16.06 ? 76  ASP A C   1 
ATOM   357 O O   . ASP A 1 51  ? -14.081 3.502   6.649   1.00 15.52 ? 76  ASP A O   1 
ATOM   358 C CB  . ASP A 1 51  ? -12.050 4.775   8.444   1.00 16.77 ? 76  ASP A CB  1 
ATOM   359 C CG  . ASP A 1 51  ? -11.756 5.244   9.864   1.00 19.53 ? 76  ASP A CG  1 
ATOM   360 O OD1 . ASP A 1 51  ? -12.251 4.596   10.831  1.00 21.06 ? 76  ASP A OD1 1 
ATOM   361 O OD2 . ASP A 1 51  ? -10.991 6.230   9.996   1.00 17.55 ? 76  ASP A OD2 1 
ATOM   362 N N   . TYR A 1 52  ? -12.189 2.376   6.179   1.00 14.73 ? 77  TYR A N   1 
ATOM   363 C CA  . TYR A 1 52  ? -12.487 2.115   4.773   1.00 14.65 ? 77  TYR A CA  1 
ATOM   364 C C   . TYR A 1 52  ? -12.484 0.627   4.448   1.00 14.46 ? 77  TYR A C   1 
ATOM   365 O O   . TYR A 1 52  ? -11.664 0.171   3.648   1.00 13.60 ? 77  TYR A O   1 
ATOM   366 C CB  . TYR A 1 52  ? -11.478 2.859   3.868   1.00 15.25 ? 77  TYR A CB  1 
ATOM   367 C CG  . TYR A 1 52  ? -11.736 4.329   3.816   1.00 14.53 ? 77  TYR A CG  1 
ATOM   368 C CD1 . TYR A 1 52  ? -11.100 5.208   4.691   1.00 15.07 ? 77  TYR A CD1 1 
ATOM   369 C CD2 . TYR A 1 52  ? -12.647 4.842   2.897   1.00 17.76 ? 77  TYR A CD2 1 
ATOM   370 C CE1 . TYR A 1 52  ? -11.352 6.592   4.633   1.00 17.60 ? 77  TYR A CE1 1 
ATOM   371 C CE2 . TYR A 1 52  ? -12.918 6.206   2.838   1.00 18.30 ? 77  TYR A CE2 1 
ATOM   372 C CZ  . TYR A 1 52  ? -12.289 7.067   3.712   1.00 17.68 ? 77  TYR A CZ  1 
ATOM   373 O OH  . TYR A 1 52  ? -12.588 8.402   3.617   1.00 18.91 ? 77  TYR A OH  1 
ATOM   374 N N   . PRO A 1 53  ? -13.420 -0.138  5.036   1.00 14.86 ? 78  PRO A N   1 
ATOM   375 C CA  . PRO A 1 53  ? -13.491 -1.560  4.770   1.00 14.76 ? 78  PRO A CA  1 
ATOM   376 C C   . PRO A 1 53  ? -13.902 -1.863  3.315   1.00 14.28 ? 78  PRO A C   1 
ATOM   377 O O   . PRO A 1 53  ? -13.735 -2.990  2.867   1.00 14.19 ? 78  PRO A O   1 
ATOM   378 C CB  . PRO A 1 53  ? -14.558 -2.046  5.759   1.00 15.27 ? 78  PRO A CB  1 
ATOM   379 C CG  . PRO A 1 53  ? -15.413 -0.908  5.983   1.00 14.10 ? 78  PRO A CG  1 
ATOM   380 C CD  . PRO A 1 53  ? -14.500 0.288   5.953   1.00 15.44 ? 78  PRO A CD  1 
ATOM   381 N N   . GLN A 1 54  ? -14.358 -0.841  2.582   1.00 14.09 ? 79  GLN A N   1 
ATOM   382 C CA  . GLN A 1 54  ? -14.662 -0.974  1.145   1.00 14.30 ? 79  GLN A CA  1 
ATOM   383 C C   . GLN A 1 54  ? -13.403 -0.974  0.244   1.00 15.20 ? 79  GLN A C   1 
ATOM   384 O O   . GLN A 1 54  ? -13.493 -1.201  -0.971  1.00 16.27 ? 79  GLN A O   1 
ATOM   385 C CB  . GLN A 1 54  ? -15.701 0.066   0.690   1.00 13.77 ? 79  GLN A CB  1 
ATOM   386 C CG  . GLN A 1 54  ? -15.284 1.556   0.711   1.00 14.48 ? 79  GLN A CG  1 
ATOM   387 C CD  . GLN A 1 54  ? -15.390 2.234   2.074   1.00 13.66 ? 79  GLN A CD  1 
ATOM   388 O OE1 . GLN A 1 54  ? -15.168 1.618   3.110   1.00 16.15 ? 79  GLN A OE1 1 
ATOM   389 N NE2 . GLN A 1 54  ? -15.743 3.509   2.074   1.00 15.11 ? 79  GLN A NE2 1 
ATOM   390 N N   . VAL A 1 55  ? -12.254 -0.736  0.862   1.00 13.92 ? 80  VAL A N   1 
ATOM   391 C CA  . VAL A 1 55  ? -10.944 -0.811  0.196   1.00 13.01 ? 80  VAL A CA  1 
ATOM   392 C C   . VAL A 1 55  ? -10.097 -1.909  0.840   1.00 12.52 ? 80  VAL A C   1 
ATOM   393 O O   . VAL A 1 55  ? -10.055 -2.029  2.056   1.00 11.78 ? 80  VAL A O   1 
ATOM   394 C CB  . VAL A 1 55  ? -10.215 0.540   0.342   1.00 14.10 ? 80  VAL A CB  1 
ATOM   395 C CG1 . VAL A 1 55  ? -8.789  0.482   -0.303  1.00 12.14 ? 80  VAL A CG1 1 
ATOM   396 C CG2 . VAL A 1 55  ? -11.075 1.639   -0.239  1.00 12.86 ? 80  VAL A CG2 1 
ATOM   397 N N   . ALA A 1 56  ? -9.388  -2.688  0.026   1.00 11.62 ? 81  ALA A N   1 
ATOM   398 C CA  . ALA A 1 56  ? -8.467  -3.700  0.567   1.00 11.01 ? 81  ALA A CA  1 
ATOM   399 C C   . ALA A 1 56  ? -7.118  -3.032  0.768   1.00 11.58 ? 81  ALA A C   1 
ATOM   400 O O   . ALA A 1 56  ? -6.556  -2.495  -0.205  1.00 11.56 ? 81  ALA A O   1 
ATOM   401 C CB  . ALA A 1 56  ? -8.308  -4.864  -0.432  1.00 11.29 ? 81  ALA A CB  1 
ATOM   402 N N   . PHE A 1 57  ? -6.593  -3.094  2.000   1.00 9.67  ? 82  PHE A N   1 
ATOM   403 C CA  . PHE A 1 57  ? -5.253  -2.567  2.312   1.00 9.16  ? 82  PHE A CA  1 
ATOM   404 C C   . PHE A 1 57  ? -4.290  -3.716  2.532   1.00 9.72  ? 82  PHE A C   1 
ATOM   405 O O   . PHE A 1 57  ? -4.635  -4.700  3.181   1.00 10.23 ? 82  PHE A O   1 
ATOM   406 C CB  . PHE A 1 57  ? -5.283  -1.724  3.604   1.00 8.19  ? 82  PHE A CB  1 
ATOM   407 C CG  . PHE A 1 57  ? -5.968  -0.357  3.456   1.00 9.81  ? 82  PHE A CG  1 
ATOM   408 C CD1 . PHE A 1 57  ? -7.346  -0.265  3.440   1.00 9.82  ? 82  PHE A CD1 1 
ATOM   409 C CD2 . PHE A 1 57  ? -5.221  0.821   3.349   1.00 10.65 ? 82  PHE A CD2 1 
ATOM   410 C CE1 . PHE A 1 57  ? -7.985  0.974   3.331   1.00 8.66  ? 82  PHE A CE1 1 
ATOM   411 C CE2 . PHE A 1 57  ? -5.830  2.041   3.247   1.00 8.91  ? 82  PHE A CE2 1 
ATOM   412 C CZ  . PHE A 1 57  ? -7.246  2.116   3.231   1.00 9.38  ? 82  PHE A CZ  1 
ATOM   413 N N   . GLY A 1 58  ? -3.073  -3.589  2.007   1.00 10.38 ? 83  GLY A N   1 
ATOM   414 C CA  . GLY A 1 58  ? -2.069  -4.610  2.204   1.00 9.67  ? 83  GLY A CA  1 
ATOM   415 C C   . GLY A 1 58  ? -0.734  -3.937  2.487   1.00 9.99  ? 83  GLY A C   1 
ATOM   416 O O   . GLY A 1 58  ? -0.525  -2.764  2.133   1.00 9.99  ? 83  GLY A O   1 
ATOM   417 N N   . LYS A 1 59  ? 0.163   -4.656  3.135   1.00 10.01 ? 84  LYS A N   1 
ATOM   418 C CA  . LYS A 1 59  ? 1.530   -4.148  3.385   1.00 10.85 ? 84  LYS A CA  1 
ATOM   419 C C   . LYS A 1 59  ? 2.526   -5.112  2.751   1.00 10.17 ? 84  LYS A C   1 
ATOM   420 O O   . LYS A 1 59  ? 2.388   -6.338  2.859   1.00 11.24 ? 84  LYS A O   1 
ATOM   421 C CB  . LYS A 1 59  ? 1.861   -4.074  4.889   1.00 12.08 ? 84  LYS A CB  1 
ATOM   422 C CG  . LYS A 1 59  ? 1.140   -2.989  5.683   1.00 16.20 ? 84  LYS A CG  1 
ATOM   423 C CD  . LYS A 1 59  ? 1.199   -3.352  7.171   1.00 19.21 ? 84  LYS A CD  1 
ATOM   424 N N   . LEU A 1 60  ? 3.546   -4.549  2.101   1.00 9.90  ? 85  LEU A N   1 
ATOM   425 C CA  . LEU A 1 60  ? 4.537   -5.352  1.408   1.00 9.72  ? 85  LEU A CA  1 
ATOM   426 C C   . LEU A 1 60  ? 5.911   -4.939  1.960   1.00 10.13 ? 85  LEU A C   1 
ATOM   427 O O   . LEU A 1 60  ? 6.366   -3.825  1.711   1.00 8.87  ? 85  LEU A O   1 
ATOM   428 C CB  . LEU A 1 60  ? 4.480   -5.073  -0.105  1.00 10.15 ? 85  LEU A CB  1 
ATOM   429 C CG  . LEU A 1 60  ? 5.299   -5.926  -1.100  1.00 11.06 ? 85  LEU A CG  1 
ATOM   430 C CD1 . LEU A 1 60  ? 6.839   -5.764  -1.008  1.00 11.32 ? 85  LEU A CD1 1 
ATOM   431 C CD2 . LEU A 1 60  ? 4.921   -7.385  -0.959  1.00 11.36 ? 85  LEU A CD2 1 
ATOM   432 N N   . ASN A 1 61  ? 6.539   -5.842  2.714   1.00 9.67  ? 86  ASN A N   1 
ATOM   433 C CA  . ASN A 1 61  ? 7.875   -5.624  3.280   1.00 10.25 ? 86  ASN A CA  1 
ATOM   434 C C   . ASN A 1 61  ? 8.899   -5.867  2.170   1.00 10.40 ? 86  ASN A C   1 
ATOM   435 O O   . ASN A 1 61  ? 9.059   -6.997  1.666   1.00 10.52 ? 86  ASN A O   1 
ATOM   436 C CB  . ASN A 1 61  ? 8.084   -6.551  4.507   1.00 10.72 ? 86  ASN A CB  1 
ATOM   437 C CG  . ASN A 1 61  ? 9.492   -6.413  5.153   1.00 12.74 ? 86  ASN A CG  1 
ATOM   438 O OD1 . ASN A 1 61  ? 10.436  -5.940  4.539   1.00 12.95 ? 86  ASN A OD1 1 
ATOM   439 N ND2 . ASN A 1 61  ? 9.610   -6.850  6.407   1.00 16.13 ? 86  ASN A ND2 1 
ATOM   440 N N   . THR A 1 62  ? 9.537   -4.789  1.713   1.00 10.87 ? 87  THR A N   1 
ATOM   441 C CA  . THR A 1 62  ? 10.441  -4.854  0.567   1.00 11.62 ? 87  THR A CA  1 
ATOM   442 C C   . THR A 1 62  ? 11.570  -5.887  0.731   1.00 12.09 ? 87  THR A C   1 
ATOM   443 O O   . THR A 1 62  ? 11.958  -6.535  -0.216  1.00 11.85 ? 87  THR A O   1 
ATOM   444 C CB  . THR A 1 62  ? 11.063  -3.477  0.275   1.00 11.71 ? 87  THR A CB  1 
ATOM   445 O OG1 . THR A 1 62  ? 11.627  -2.946  1.480   1.00 11.79 ? 87  THR A OG1 1 
ATOM   446 C CG2 . THR A 1 62  ? 9.984   -2.492  -0.255  1.00 11.21 ? 87  THR A CG2 1 
ATOM   447 N N   . GLU A 1 63  ? 12.083  -6.031  1.941   1.00 12.93 ? 88  GLU A N   1 
ATOM   448 C CA  . GLU A 1 63  ? 13.159  -6.982  2.185   1.00 14.48 ? 88  GLU A CA  1 
ATOM   449 C C   . GLU A 1 63  ? 12.675  -8.415  2.093   1.00 15.03 ? 88  GLU A C   1 
ATOM   450 O O   . GLU A 1 63  ? 13.447  -9.307  1.730   1.00 15.22 ? 88  GLU A O   1 
ATOM   451 C CB  . GLU A 1 63  ? 13.809  -6.731  3.533   1.00 15.29 ? 88  GLU A CB  1 
ATOM   452 C CG  . GLU A 1 63  ? 14.975  -7.678  3.777   1.00 18.69 ? 88  GLU A CG  1 
ATOM   453 C CD  . GLU A 1 63  ? 16.118  -7.419  2.823   1.00 23.31 ? 88  GLU A CD  1 
ATOM   454 O OE1 . GLU A 1 63  ? 16.272  -6.247  2.342   1.00 26.77 ? 88  GLU A OE1 1 
ATOM   455 O OE2 . GLU A 1 63  ? 16.884  -8.359  2.581   1.00 24.76 ? 88  GLU A OE2 1 
ATOM   456 N N   . GLU A 1 64  ? 11.401  -8.624  2.426   1.00 14.74 ? 89  GLU A N   1 
ATOM   457 C CA  . GLU A 1 64  ? 10.778  -9.943  2.474   1.00 16.10 ? 89  GLU A CA  1 
ATOM   458 C C   . GLU A 1 64  ? 10.360  -10.402 1.077   1.00 15.22 ? 89  GLU A C   1 
ATOM   459 O O   . GLU A 1 64  ? 10.493  -11.577 0.730   1.00 15.70 ? 89  GLU A O   1 
ATOM   460 C CB  . GLU A 1 64  ? 9.550   -9.896  3.400   1.00 16.24 ? 89  GLU A CB  1 
ATOM   461 C CG  . GLU A 1 64  ? 8.821   -11.236 3.602   1.00 18.98 ? 89  GLU A CG  1 
ATOM   462 C CD  . GLU A 1 64  ? 7.694   -11.139 4.633   1.00 19.38 ? 89  GLU A CD  1 
ATOM   463 O OE1 . GLU A 1 64  ? 6.902   -10.169 4.585   1.00 17.37 ? 89  GLU A OE1 1 
ATOM   464 O OE2 . GLU A 1 64  ? 7.614   -12.041 5.508   1.00 28.96 ? 89  GLU A OE2 1 
ATOM   465 N N   . SER A 1 65  ? 9.834   -9.471  0.293   1.00 13.80 ? 90  SER A N   1 
ATOM   466 C CA  . SER A 1 65  ? 9.325   -9.765  -1.050  1.00 13.70 ? 90  SER A CA  1 
ATOM   467 C C   . SER A 1 65  ? 10.051  -8.910  -2.091  1.00 13.98 ? 90  SER A C   1 
ATOM   468 O O   . SER A 1 65  ? 9.461   -7.997  -2.696  1.00 13.11 ? 90  SER A O   1 
ATOM   469 C CB  . SER A 1 65  ? 7.826   -9.495  -1.103  1.00 14.80 ? 90  SER A CB  1 
ATOM   470 O OG  . SER A 1 65  ? 7.158   -10.251 -0.100  1.00 16.76 ? 90  SER A OG  1 
ATOM   471 N N   . GLN A 1 66  ? 11.350  -9.187  -2.266  1.00 12.75 ? 91  GLN A N   1 
ATOM   472 C CA  . GLN A 1 66  ? 12.203  -8.348  -3.097  1.00 13.40 ? 91  GLN A CA  1 
ATOM   473 C C   . GLN A 1 66  ? 11.786  -8.347  -4.562  1.00 13.40 ? 91  GLN A C   1 
ATOM   474 O O   . GLN A 1 66  ? 11.942  -7.322  -5.260  1.00 14.56 ? 91  GLN A O   1 
ATOM   475 C CB  . GLN A 1 66  ? 13.669  -8.776  -2.946  1.00 12.63 ? 91  GLN A CB  1 
ATOM   476 C CG  . GLN A 1 66  ? 14.166  -8.715  -1.471  1.00 13.17 ? 91  GLN A CG  1 
ATOM   477 C CD  . GLN A 1 66  ? 15.665  -8.946  -1.366  1.00 15.38 ? 91  GLN A CD  1 
ATOM   478 O OE1 . GLN A 1 66  ? 16.317  -9.223  -2.366  1.00 19.38 ? 91  GLN A OE1 1 
ATOM   479 N NE2 . GLN A 1 66  ? 16.212  -8.856  -0.160  1.00 18.18 ? 91  GLN A NE2 1 
ATOM   480 N N   . ASP A 1 67  ? 11.267  -9.491  -5.031  1.00 13.17 ? 92  ASP A N   1 
ATOM   481 C CA  . ASP A 1 67  ? 10.801  -9.611  -6.426  1.00 13.05 ? 92  ASP A CA  1 
ATOM   482 C C   . ASP A 1 67  ? 9.615   -8.681  -6.748  1.00 12.25 ? 92  ASP A C   1 
ATOM   483 O O   . ASP A 1 67  ? 9.570   -8.061  -7.829  1.00 11.20 ? 92  ASP A O   1 
ATOM   484 C CB  . ASP A 1 67  ? 10.508  -11.077 -6.792  1.00 14.30 ? 92  ASP A CB  1 
ATOM   485 C CG  . ASP A 1 67  ? 9.481   -11.736 -5.885  1.00 16.34 ? 92  ASP A CG  1 
ATOM   486 O OD1 . ASP A 1 67  ? 9.256   -11.296 -4.722  1.00 19.20 ? 92  ASP A OD1 1 
ATOM   487 O OD2 . ASP A 1 67  ? 8.897   -12.744 -6.328  1.00 19.87 ? 92  ASP A OD2 1 
ATOM   488 N N   . ILE A 1 68  ? 8.702   -8.522  -5.792  1.00 9.99  ? 93  ILE A N   1 
ATOM   489 C CA  . ILE A 1 68  ? 7.590   -7.555  -5.948  1.00 10.54 ? 93  ILE A CA  1 
ATOM   490 C C   . ILE A 1 68  ? 8.084   -6.088  -5.955  1.00 10.32 ? 93  ILE A C   1 
ATOM   491 O O   . ILE A 1 68  ? 7.699   -5.290  -6.825  1.00 10.67 ? 93  ILE A O   1 
ATOM   492 C CB  . ILE A 1 68  ? 6.480   -7.783  -4.873  1.00 10.94 ? 93  ILE A CB  1 
ATOM   493 C CG1 . ILE A 1 68  ? 5.974   -9.245  -4.914  1.00 11.40 ? 93  ILE A CG1 1 
ATOM   494 C CG2 . ILE A 1 68  ? 5.334   -6.773  -5.056  1.00 10.20 ? 93  ILE A CG2 1 
ATOM   495 C CD1 . ILE A 1 68  ? 5.380   -9.691  -6.275  1.00 13.29 ? 93  ILE A CD1 1 
ATOM   496 N N   . ALA A 1 69  ? 8.927   -5.749  -4.970  1.00 9.79  ? 94  ALA A N   1 
ATOM   497 C CA  . ALA A 1 69  ? 9.646   -4.479  -4.923  1.00 11.61 ? 94  ALA A CA  1 
ATOM   498 C C   . ALA A 1 69  ? 10.353  -4.152  -6.242  1.00 12.08 ? 94  ALA A C   1 
ATOM   499 O O   . ALA A 1 69  ? 10.166  -3.060  -6.789  1.00 11.48 ? 94  ALA A O   1 
ATOM   500 C CB  . ALA A 1 69  ? 10.653  -4.444  -3.697  1.00 10.13 ? 94  ALA A CB  1 
ATOM   501 N N   . MET A 1 70  ? 11.103  -5.105  -6.782  1.00 11.90 ? 95  MET A N   1 
ATOM   502 C CA  . MET A 1 70  ? 11.829  -4.832  -8.018  1.00 15.59 ? 95  MET A CA  1 
ATOM   503 C C   . MET A 1 70  ? 10.931  -4.680  -9.225  1.00 13.35 ? 95  MET A C   1 
ATOM   504 O O   . MET A 1 70  ? 11.150  -3.799  -10.068 1.00 13.71 ? 95  MET A O   1 
ATOM   505 C CB  . MET A 1 70  ? 12.873  -5.896  -8.309  1.00 15.11 ? 95  MET A CB  1 
ATOM   506 C CG  . MET A 1 70  ? 13.614  -5.599  -9.618  1.00 19.30 ? 95  MET A CG  1 
ATOM   507 S SD  . MET A 1 70  ? 15.312  -6.075  -9.467  1.00 23.98 ? 95  MET A SD  1 
ATOM   508 C CE  . MET A 1 70  ? 15.639  -5.229  -7.943  1.00 13.84 ? 95  MET A CE  1 
ATOM   509 N N   . ARG A 1 71  ? 9.935   -5.547  -9.316  1.00 13.04 ? 96  ARG A N   1 
ATOM   510 C CA  . ARG A 1 71  ? 9.003   -5.510  -10.439 1.00 14.06 ? 96  ARG A CA  1 
ATOM   511 C C   . ARG A 1 71  ? 8.359   -4.140  -10.563 1.00 13.78 ? 96  ARG A C   1 
ATOM   512 O O   . ARG A 1 71  ? 8.206   -3.630  -11.673 1.00 14.33 ? 96  ARG A O   1 
ATOM   513 C CB  . ARG A 1 71  ? 7.944   -6.592  -10.262 1.00 14.45 ? 96  ARG A CB  1 
ATOM   514 C CG  . ARG A 1 71  ? 6.973   -6.689  -11.406 1.00 17.38 ? 96  ARG A CG  1 
ATOM   515 C CD  . ARG A 1 71  ? 5.562   -6.930  -10.869 1.00 22.11 ? 96  ARG A CD  1 
ATOM   516 N NE  . ARG A 1 71  ? 5.352   -8.250  -10.308 1.00 21.98 ? 96  ARG A NE  1 
ATOM   517 C CZ  . ARG A 1 71  ? 4.143   -8.756  -10.000 1.00 21.22 ? 96  ARG A CZ  1 
ATOM   518 N NH1 . ARG A 1 71  ? 2.985   -8.056  -10.182 1.00 19.26 ? 96  ARG A NH1 1 
ATOM   519 N NH2 . ARG A 1 71  ? 4.088   -9.977  -9.510  1.00 19.61 ? 96  ARG A NH2 1 
ATOM   520 N N   . TYR A 1 72  ? 7.996   -3.535  -9.424  1.00 13.41 ? 97  TYR A N   1 
ATOM   521 C CA  . TYR A 1 72  ? 7.422   -2.181  -9.411  1.00 13.57 ? 97  TYR A CA  1 
ATOM   522 C C   . TYR A 1 72  ? 8.411   -1.016  -9.372  1.00 13.81 ? 97  TYR A C   1 
ATOM   523 O O   . TYR A 1 72  ? 7.984   0.131   -9.454  1.00 14.84 ? 97  TYR A O   1 
ATOM   524 C CB  . TYR A 1 72  ? 6.361   -2.050  -8.304  1.00 13.23 ? 97  TYR A CB  1 
ATOM   525 C CG  . TYR A 1 72  ? 5.111   -2.817  -8.675  1.00 12.48 ? 97  TYR A CG  1 
ATOM   526 C CD1 . TYR A 1 72  ? 4.927   -4.107  -8.239  1.00 13.40 ? 97  TYR A CD1 1 
ATOM   527 C CD2 . TYR A 1 72  ? 4.119   -2.235  -9.476  1.00 12.40 ? 97  TYR A CD2 1 
ATOM   528 C CE1 . TYR A 1 72  ? 3.769   -4.847  -8.579  1.00 14.23 ? 97  TYR A CE1 1 
ATOM   529 C CE2 . TYR A 1 72  ? 2.951   -2.966  -9.848  1.00 10.28 ? 97  TYR A CE2 1 
ATOM   530 C CZ  . TYR A 1 72  ? 2.804   -4.281  -9.387  1.00 13.91 ? 97  TYR A CZ  1 
ATOM   531 O OH  . TYR A 1 72  ? 1.694   -5.056  -9.729  1.00 14.30 ? 97  TYR A OH  1 
ATOM   532 N N   . GLY A 1 73  ? 9.708   -1.319  -9.345  1.00 14.01 ? 98  GLY A N   1 
ATOM   533 C CA  . GLY A 1 73  ? 10.765  -0.298  -9.369  1.00 14.01 ? 98  GLY A CA  1 
ATOM   534 C C   . GLY A 1 73  ? 10.662  0.563   -8.127  1.00 14.12 ? 98  GLY A C   1 
ATOM   535 O O   . GLY A 1 73  ? 10.814  1.791   -8.190  1.00 15.80 ? 98  GLY A O   1 
ATOM   536 N N   . ILE A 1 74  ? 10.419  -0.089  -6.991  1.00 11.73 ? 99  ILE A N   1 
ATOM   537 C CA  . ILE A 1 74  ? 10.303  0.622   -5.731  1.00 12.25 ? 99  ILE A CA  1 
ATOM   538 C C   . ILE A 1 74  ? 11.684  1.171   -5.352  1.00 12.54 ? 99  ILE A C   1 
ATOM   539 O O   . ILE A 1 74  ? 12.674  0.472   -5.492  1.00 12.37 ? 99  ILE A O   1 
ATOM   540 C CB  . ILE A 1 74  ? 9.785   -0.308  -4.609  1.00 12.31 ? 99  ILE A CB  1 
ATOM   541 C CG1 . ILE A 1 74  ? 8.396   -0.860  -4.978  1.00 11.29 ? 99  ILE A CG1 1 
ATOM   542 C CG2 . ILE A 1 74  ? 9.757   0.449   -3.274  1.00 11.92 ? 99  ILE A CG2 1 
ATOM   543 C CD1 . ILE A 1 74  ? 7.283   0.197   -5.100  1.00 11.20 ? 99  ILE A CD1 1 
ATOM   544 N N   . MET A 1 75  ? 11.725  2.419   -4.887  1.00 14.03 ? 100 MET A N   1 
ATOM   545 C CA  . MET A 1 75  ? 13.002  3.028   -4.473  1.00 15.31 ? 100 MET A CA  1 
ATOM   546 C C   . MET A 1 75  ? 12.860  4.077   -3.362  1.00 14.97 ? 100 MET A C   1 
ATOM   547 O O   . MET A 1 75  ? 13.792  4.311   -2.615  1.00 14.85 ? 100 MET A O   1 
ATOM   548 C CB  . MET A 1 75  ? 13.702  3.652   -5.686  1.00 15.32 ? 100 MET A CB  1 
ATOM   549 C CG  . MET A 1 75  ? 12.890  4.738   -6.406  1.00 17.42 ? 100 MET A CG  1 
ATOM   550 S SD  . MET A 1 75  ? 13.597  5.086   -8.033  1.00 19.23 ? 100 MET A SD  1 
ATOM   551 C CE  . MET A 1 75  ? 12.632  4.028   -9.059  1.00 24.55 ? 100 MET A CE  1 
ATOM   552 N N   . SER A 1 76  ? 11.689  4.693   -3.258  1.00 14.46 ? 101 SER A N   1 
ATOM   553 C CA  . SER A 1 76  ? 11.497  5.829   -2.355  1.00 14.64 ? 101 SER A CA  1 
ATOM   554 C C   . SER A 1 76  ? 10.410  5.418   -1.366  1.00 14.46 ? 101 SER A C   1 
ATOM   555 O O   . SER A 1 76  ? 9.268   5.137   -1.767  1.00 15.77 ? 101 SER A O   1 
ATOM   556 C CB  . SER A 1 76  ? 11.119  7.060   -3.182  1.00 14.79 ? 101 SER A CB  1 
ATOM   557 O OG  . SER A 1 76  ? 10.884  8.207   -2.375  1.00 16.07 ? 101 SER A OG  1 
ATOM   558 N N   . LEU A 1 77  ? 10.778  5.320   -0.085  1.00 12.81 ? 102 LEU A N   1 
ATOM   559 C CA  . LEU A 1 77  ? 9.868   4.774   0.940   1.00 12.40 ? 102 LEU A CA  1 
ATOM   560 C C   . LEU A 1 77  ? 9.343   5.820   1.941   1.00 13.40 ? 102 LEU A C   1 
ATOM   561 O O   . LEU A 1 77  ? 10.036  6.810   2.199   1.00 13.00 ? 102 LEU A O   1 
ATOM   562 C CB  . LEU A 1 77  ? 10.600  3.671   1.715   1.00 12.90 ? 102 LEU A CB  1 
ATOM   563 C CG  . LEU A 1 77  ? 11.006  2.424   0.908   1.00 10.15 ? 102 LEU A CG  1 
ATOM   564 C CD1 . LEU A 1 77  ? 11.558  1.385   1.859   1.00 10.33 ? 102 LEU A CD1 1 
ATOM   565 C CD2 . LEU A 1 77  ? 9.852   1.858   0.070   1.00 11.96 ? 102 LEU A CD2 1 
ATOM   566 N N   . PRO A 1 78  ? 8.115   5.608   2.490   1.00 13.50 ? 103 PRO A N   1 
ATOM   567 C CA  . PRO A 1 78  ? 7.191   4.541   2.073   1.00 13.43 ? 103 PRO A CA  1 
ATOM   568 C C   . PRO A 1 78  ? 6.669   4.839   0.660   1.00 11.89 ? 103 PRO A C   1 
ATOM   569 O O   . PRO A 1 78  ? 6.698   5.985   0.225   1.00 11.11 ? 103 PRO A O   1 
ATOM   570 C CB  . PRO A 1 78  ? 6.058   4.602   3.111   1.00 14.28 ? 103 PRO A CB  1 
ATOM   571 C CG  . PRO A 1 78  ? 6.183   5.911   3.780   1.00 14.56 ? 103 PRO A CG  1 
ATOM   572 C CD  . PRO A 1 78  ? 7.575   6.436   3.594   1.00 14.60 ? 103 PRO A CD  1 
ATOM   573 N N   . THR A 1 79  ? 6.302   3.794   -0.080  1.00 11.35 ? 104 THR A N   1 
ATOM   574 C CA  . THR A 1 79  ? 5.568   3.973   -1.320  1.00 10.30 ? 104 THR A CA  1 
ATOM   575 C C   . THR A 1 79  ? 4.193   3.446   -1.064  1.00 11.02 ? 104 THR A C   1 
ATOM   576 O O   . THR A 1 79  ? 4.042   2.271   -0.735  1.00 10.77 ? 104 THR A O   1 
ATOM   577 C CB  . THR A 1 79  ? 6.213   3.187   -2.490  1.00 10.81 ? 104 THR A CB  1 
ATOM   578 O OG1 . THR A 1 79  ? 7.456   3.825   -2.821  1.00 12.59 ? 104 THR A OG1 1 
ATOM   579 C CG2 . THR A 1 79  ? 5.334   3.213   -3.749  1.00 9.58  ? 104 THR A CG2 1 
ATOM   580 N N   . ILE A 1 80  ? 3.198   4.322   -1.197  1.00 10.51 ? 105 ILE A N   1 
ATOM   581 C CA  . ILE A 1 80  ? 1.818   3.887   -1.041  1.00 10.77 ? 105 ILE A CA  1 
ATOM   582 C C   . ILE A 1 80  ? 1.254   3.836   -2.456  1.00 11.19 ? 105 ILE A C   1 
ATOM   583 O O   . ILE A 1 80  ? 1.175   4.873   -3.133  1.00 10.93 ? 105 ILE A O   1 
ATOM   584 C CB  . ILE A 1 80  ? 0.996   4.889   -0.219  1.00 10.64 ? 105 ILE A CB  1 
ATOM   585 C CG1 . ILE A 1 80  ? 1.582   5.120   1.177   1.00 14.33 ? 105 ILE A CG1 1 
ATOM   586 C CG2 . ILE A 1 80  ? -0.529  4.416   -0.130  1.00 10.63 ? 105 ILE A CG2 1 
ATOM   587 C CD1 . ILE A 1 80  ? 1.126   6.434   1.757   1.00 21.42 ? 105 ILE A CD1 1 
ATOM   588 N N   . MET A 1 81  ? 0.910   2.638   -2.923  1.00 10.96 ? 106 MET A N   1 
ATOM   589 C CA  . MET A 1 81  ? 0.392   2.470   -4.290  1.00 11.89 ? 106 MET A CA  1 
ATOM   590 C C   . MET A 1 81  ? -1.092  2.165   -4.246  1.00 12.04 ? 106 MET A C   1 
ATOM   591 O O   . MET A 1 81  ? -1.550  1.423   -3.373  1.00 10.38 ? 106 MET A O   1 
ATOM   592 C CB  . MET A 1 81  ? 1.084   1.313   -5.004  1.00 11.40 ? 106 MET A CB  1 
ATOM   593 C CG  . MET A 1 81  ? 2.557   1.589   -5.355  1.00 15.20 ? 106 MET A CG  1 
ATOM   594 S SD  . MET A 1 81  ? 3.194   0.430   -6.588  1.00 17.15 ? 106 MET A SD  1 
ATOM   595 C CE  . MET A 1 81  ? 4.530   1.410   -7.281  1.00 18.13 ? 106 MET A CE  1 
ATOM   596 N N   . PHE A 1 82  ? -1.815  2.740   -5.205  1.00 10.38 ? 107 PHE A N   1 
ATOM   597 C CA  . PHE A 1 82  ? -3.268  2.609   -5.324  1.00 10.58 ? 107 PHE A CA  1 
ATOM   598 C C   . PHE A 1 82  ? -3.551  1.848   -6.616  1.00 10.85 ? 107 PHE A C   1 
ATOM   599 O O   . PHE A 1 82  ? -3.089  2.244   -7.709  1.00 10.67 ? 107 PHE A O   1 
ATOM   600 C CB  . PHE A 1 82  ? -3.887  4.012   -5.464  1.00 10.77 ? 107 PHE A CB  1 
ATOM   601 C CG  . PHE A 1 82  ? -3.715  4.896   -4.237  1.00 9.44  ? 107 PHE A CG  1 
ATOM   602 C CD1 . PHE A 1 82  ? -2.498  5.571   -4.003  1.00 10.49 ? 107 PHE A CD1 1 
ATOM   603 C CD2 . PHE A 1 82  ? -4.772  5.056   -3.335  1.00 11.67 ? 107 PHE A CD2 1 
ATOM   604 C CE1 . PHE A 1 82  ? -2.324  6.382   -2.880  1.00 9.57  ? 107 PHE A CE1 1 
ATOM   605 C CE2 . PHE A 1 82  ? -4.612  5.873   -2.172  1.00 12.82 ? 107 PHE A CE2 1 
ATOM   606 C CZ  . PHE A 1 82  ? -3.406  6.548   -1.970  1.00 11.15 ? 107 PHE A CZ  1 
ATOM   607 N N   . PHE A 1 83  ? -4.302  0.762   -6.483  1.00 10.55 ? 108 PHE A N   1 
ATOM   608 C CA  . PHE A 1 83  ? -4.622  -0.128  -7.591  1.00 10.20 ? 108 PHE A CA  1 
ATOM   609 C C   . PHE A 1 83  ? -6.126  -0.122  -7.821  1.00 10.31 ? 108 PHE A C   1 
ATOM   610 O O   . PHE A 1 83  ? -6.900  -0.130  -6.895  1.00 9.94  ? 108 PHE A O   1 
ATOM   611 C CB  . PHE A 1 83  ? -4.175  -1.564  -7.271  1.00 10.05 ? 108 PHE A CB  1 
ATOM   612 C CG  . PHE A 1 83  ? -2.681  -1.751  -7.274  1.00 9.25  ? 108 PHE A CG  1 
ATOM   613 C CD1 . PHE A 1 83  ? -1.924  -1.498  -6.133  1.00 8.55  ? 108 PHE A CD1 1 
ATOM   614 C CD2 . PHE A 1 83  ? -2.027  -2.115  -8.438  1.00 11.00 ? 108 PHE A CD2 1 
ATOM   615 C CE1 . PHE A 1 83  ? -0.533  -1.652  -6.150  1.00 9.46  ? 108 PHE A CE1 1 
ATOM   616 C CE2 . PHE A 1 83  ? -0.631  -2.282  -8.459  1.00 7.78  ? 108 PHE A CE2 1 
ATOM   617 C CZ  . PHE A 1 83  ? 0.110   -2.044  -7.328  1.00 9.37  ? 108 PHE A CZ  1 
ATOM   618 N N   . LYS A 1 84  ? -6.524  -0.130  -9.083  1.00 11.98 ? 109 LYS A N   1 
ATOM   619 C CA  . LYS A 1 84  ? -7.929  -0.363  -9.407  1.00 12.78 ? 109 LYS A CA  1 
ATOM   620 C C   . LYS A 1 84  ? -7.924  -1.327  -10.576 1.00 12.88 ? 109 LYS A C   1 
ATOM   621 O O   . LYS A 1 84  ? -7.219  -1.101  -11.552 1.00 12.16 ? 109 LYS A O   1 
ATOM   622 C CB  . LYS A 1 84  ? -8.627  0.942   -9.790  1.00 13.94 ? 109 LYS A CB  1 
ATOM   623 C CG  . LYS A 1 84  ? -10.073 0.727   -10.336 1.00 14.93 ? 109 LYS A CG  1 
ATOM   624 C CD  . LYS A 1 84  ? -10.694 2.017   -10.801 1.00 16.07 ? 109 LYS A CD  1 
ATOM   625 C CE  . LYS A 1 84  ? -12.140 1.765   -11.278 1.00 19.76 ? 109 LYS A CE  1 
ATOM   626 N NZ  . LYS A 1 84  ? -12.717 3.090   -11.792 1.00 22.27 ? 109 LYS A NZ  1 
ATOM   627 N N   . ASN A 1 85  ? -8.683  -2.415  -10.447 1.00 13.50 ? 110 ASN A N   1 
ATOM   628 C CA  . ASN A 1 85  ? -8.710  -3.480  -11.449 1.00 14.19 ? 110 ASN A CA  1 
ATOM   629 C C   . ASN A 1 85  ? -7.334  -4.039  -11.796 1.00 14.05 ? 110 ASN A C   1 
ATOM   630 O O   . ASN A 1 85  ? -7.052  -4.362  -12.959 1.00 13.61 ? 110 ASN A O   1 
ATOM   631 C CB  . ASN A 1 85  ? -9.468  -2.997  -12.700 1.00 15.21 ? 110 ASN A CB  1 
ATOM   632 C CG  . ASN A 1 85  ? -10.972 -2.833  -12.434 1.00 17.42 ? 110 ASN A CG  1 
ATOM   633 O OD1 . ASN A 1 85  ? -11.576 -3.652  -11.753 1.00 20.94 ? 110 ASN A OD1 1 
ATOM   634 N ND2 . ASN A 1 85  ? -11.571 -1.793  -12.997 1.00 19.82 ? 110 ASN A ND2 1 
ATOM   635 N N   . GLY A 1 86  ? -6.481  -4.145  -10.773 1.00 13.50 ? 111 GLY A N   1 
ATOM   636 C CA  . GLY A 1 86  ? -5.146  -4.738  -10.929 1.00 13.01 ? 111 GLY A CA  1 
ATOM   637 C C   . GLY A 1 86  ? -4.103  -3.793  -11.478 1.00 12.60 ? 111 GLY A C   1 
ATOM   638 O O   . GLY A 1 86  ? -2.932  -4.140  -11.571 1.00 11.55 ? 111 GLY A O   1 
ATOM   639 N N   . GLU A 1 87  ? -4.536  -2.580  -11.803 1.00 12.66 ? 112 GLU A N   1 
ATOM   640 C CA  . GLU A 1 87  ? -3.681  -1.578  -12.405 1.00 13.44 ? 112 GLU A CA  1 
ATOM   641 C C   . GLU A 1 87  ? -3.248  -0.482  -11.425 1.00 12.09 ? 112 GLU A C   1 
ATOM   642 O O   . GLU A 1 87  ? -4.065  0.012   -10.674 1.00 11.15 ? 112 GLU A O   1 
ATOM   643 C CB  . GLU A 1 87  ? -4.435  -0.908  -13.541 1.00 13.74 ? 112 GLU A CB  1 
ATOM   644 C CG  . GLU A 1 87  ? -3.550  0.031   -14.295 1.00 15.60 ? 112 GLU A CG  1 
ATOM   645 C CD  . GLU A 1 87  ? -4.211  0.609   -15.531 1.00 18.36 ? 112 GLU A CD  1 
ATOM   646 O OE1 . GLU A 1 87  ? -5.411  0.952   -15.495 1.00 17.53 ? 112 GLU A OE1 1 
ATOM   647 O OE2 . GLU A 1 87  ? -3.474  0.765   -16.519 1.00 24.38 ? 112 GLU A OE2 1 
ATOM   648 N N   . LEU A 1 88  ? -1.969  -0.091  -11.467 1.00 12.27 ? 113 LEU A N   1 
ATOM   649 C CA  . LEU A 1 88  ? -1.476  1.021   -10.653 1.00 12.26 ? 113 LEU A CA  1 
ATOM   650 C C   . LEU A 1 88  ? -2.055  2.340   -11.216 1.00 12.63 ? 113 LEU A C   1 
ATOM   651 O O   . LEU A 1 88  ? -1.801  2.696   -12.378 1.00 13.56 ? 113 LEU A O   1 
ATOM   652 C CB  . LEU A 1 88  ? 0.064   1.089   -10.677 1.00 13.34 ? 113 LEU A CB  1 
ATOM   653 C CG  . LEU A 1 88  ? 0.636   2.282   -9.938  1.00 13.48 ? 113 LEU A CG  1 
ATOM   654 C CD1 . LEU A 1 88  ? 0.355   2.099   -8.441  1.00 14.56 ? 113 LEU A CD1 1 
ATOM   655 C CD2 . LEU A 1 88  ? 2.138   2.371   -10.162 1.00 15.55 ? 113 LEU A CD2 1 
ATOM   656 N N   . VAL A 1 89  ? -2.843  3.045   -10.406 1.00 11.49 ? 114 VAL A N   1 
ATOM   657 C CA  . VAL A 1 89  ? -3.518  4.272   -10.859 1.00 12.35 ? 114 VAL A CA  1 
ATOM   658 C C   . VAL A 1 89  ? -3.032  5.525   -10.094 1.00 12.63 ? 114 VAL A C   1 
ATOM   659 O O   . VAL A 1 89  ? -3.251  6.662   -10.538 1.00 13.72 ? 114 VAL A O   1 
ATOM   660 C CB  . VAL A 1 89  ? -5.093  4.169   -10.871 1.00 12.51 ? 114 VAL A CB  1 
ATOM   661 C CG1 . VAL A 1 89  ? -5.585  3.014   -11.758 1.00 12.32 ? 114 VAL A CG1 1 
ATOM   662 C CG2 . VAL A 1 89  ? -5.630  4.016   -9.466  1.00 13.98 ? 114 VAL A CG2 1 
ATOM   663 N N   . ASP A 1 90  ? -2.370  5.341   -8.953  1.00 12.34 ? 115 ASP A N   1 
ATOM   664 C CA  . ASP A 1 90  ? -1.853  6.492   -8.207  1.00 13.03 ? 115 ASP A CA  1 
ATOM   665 C C   . ASP A 1 90  ? -0.766  5.994   -7.278  1.00 13.96 ? 115 ASP A C   1 
ATOM   666 O O   . ASP A 1 90  ? -0.719  4.808   -6.961  1.00 12.17 ? 115 ASP A O   1 
ATOM   667 C CB  . ASP A 1 90  ? -2.990  7.155   -7.416  1.00 13.66 ? 115 ASP A CB  1 
ATOM   668 C CG  . ASP A 1 90  ? -2.737  8.650   -7.090  1.00 13.59 ? 115 ASP A CG  1 
ATOM   669 O OD1 . ASP A 1 90  ? -1.648  9.200   -7.299  1.00 13.08 ? 115 ASP A OD1 1 
ATOM   670 O OD2 . ASP A 1 90  ? -3.682  9.256   -6.599  1.00 14.69 ? 115 ASP A OD2 1 
ATOM   671 N N   . GLN A 1 91  ? 0.106   6.896   -6.846  1.00 14.97 ? 116 GLN A N   1 
ATOM   672 C CA  . GLN A 1 91  ? 1.035   6.568   -5.785  1.00 15.85 ? 116 GLN A CA  1 
ATOM   673 C C   . GLN A 1 91  ? 1.421   7.774   -4.964  1.00 15.81 ? 116 GLN A C   1 
ATOM   674 O O   . GLN A 1 91  ? 1.351   8.932   -5.414  1.00 15.07 ? 116 GLN A O   1 
ATOM   675 C CB  . GLN A 1 91  ? 2.288   5.883   -6.331  1.00 15.87 ? 116 GLN A CB  1 
ATOM   676 C CG  . GLN A 1 91  ? 3.112   6.767   -7.264  1.00 20.77 ? 116 GLN A CG  1 
ATOM   677 C CD  . GLN A 1 91  ? 4.505   6.236   -7.485  1.00 25.15 ? 116 GLN A CD  1 
ATOM   678 O OE1 . GLN A 1 91  ? 5.409   6.987   -7.863  1.00 25.64 ? 116 GLN A OE1 1 
ATOM   679 N NE2 . GLN A 1 91  ? 4.698   4.938   -7.244  1.00 23.79 ? 116 GLN A NE2 1 
ATOM   680 N N   . ILE A 1 92  ? 1.872   7.497   -3.755  1.00 15.25 ? 117 ILE A N   1 
ATOM   681 C CA  . ILE A 1 92  ? 2.454   8.541   -2.942  1.00 15.56 ? 117 ILE A CA  1 
ATOM   682 C C   . ILE A 1 92  ? 3.851   8.073   -2.565  1.00 16.43 ? 117 ILE A C   1 
ATOM   683 O O   . ILE A 1 92  ? 4.010   6.933   -2.121  1.00 15.26 ? 117 ILE A O   1 
ATOM   684 C CB  . ILE A 1 92  ? 1.627   8.811   -1.673  1.00 15.95 ? 117 ILE A CB  1 
ATOM   685 C CG1 . ILE A 1 92  ? 0.213   9.306   -2.016  1.00 16.13 ? 117 ILE A CG1 1 
ATOM   686 C CG2 . ILE A 1 92  ? 2.337   9.826   -0.816  1.00 17.17 ? 117 ILE A CG2 1 
ATOM   687 C CD1 . ILE A 1 92  ? -0.698  9.370   -0.821  1.00 14.91 ? 117 ILE A CD1 1 
ATOM   688 N N   . LEU A 1 93  ? 4.855   8.942   -2.748  1.00 17.41 ? 118 LEU A N   1 
ATOM   689 C CA  . LEU A 1 93  ? 6.227   8.627   -2.334  1.00 19.36 ? 118 LEU A CA  1 
ATOM   690 C C   . LEU A 1 93  ? 6.646   9.416   -1.095  1.00 21.40 ? 118 LEU A C   1 
ATOM   691 O O   . LEU A 1 93  ? 6.596   10.646  -1.120  1.00 21.36 ? 118 LEU A O   1 
ATOM   692 C CB  . LEU A 1 93  ? 7.201   8.875   -3.489  1.00 18.95 ? 118 LEU A CB  1 
ATOM   693 C CG  . LEU A 1 93  ? 6.966   8.063   -4.754  1.00 19.98 ? 118 LEU A CG  1 
ATOM   694 C CD1 . LEU A 1 93  ? 8.082   8.320   -5.763  1.00 22.70 ? 118 LEU A CD1 1 
ATOM   695 C CD2 . LEU A 1 93  ? 6.888   6.580   -4.427  1.00 21.40 ? 118 LEU A CD2 1 
ATOM   696 N N   . GLY A 1 94  ? 7.034   8.710   -0.026  1.00 22.60 ? 119 GLY A N   1 
ATOM   697 C CA  . GLY A 1 94  ? 7.376   9.338   1.269   1.00 24.76 ? 119 GLY A CA  1 
ATOM   698 C C   . GLY A 1 94  ? 6.170   9.483   2.188   1.00 25.47 ? 119 GLY A C   1 
ATOM   699 O O   . GLY A 1 94  ? 5.029   9.394   1.741   1.00 26.23 ? 119 GLY A O   1 
ATOM   700 N N   . ALA A 1 95  ? 6.401   9.673   3.482   1.00 27.09 ? 120 ALA A N   1 
ATOM   701 C CA  . ALA A 1 95  ? 5.291   9.951   4.419   1.00 27.50 ? 120 ALA A CA  1 
ATOM   702 C C   . ALA A 1 95  ? 4.512   11.225  4.018   1.00 27.49 ? 120 ALA A C   1 
ATOM   703 O O   . ALA A 1 95  ? 5.088   12.228  3.607   1.00 28.24 ? 120 ALA A O   1 
ATOM   704 C CB  . ALA A 1 95  ? 5.796   10.061  5.858   1.00 27.52 ? 120 ALA A CB  1 
ATOM   705 N N   . VAL A 1 96  ? 3.198   11.150  4.107   1.00 27.38 ? 121 VAL A N   1 
ATOM   706 C CA  . VAL A 1 96  ? 2.328   12.281  3.825   1.00 27.49 ? 121 VAL A CA  1 
ATOM   707 C C   . VAL A 1 96  ? 1.280   12.285  4.907   1.00 26.16 ? 121 VAL A C   1 
ATOM   708 O O   . VAL A 1 96  ? 1.128   11.276  5.599   1.00 27.16 ? 121 VAL A O   1 
ATOM   709 C CB  . VAL A 1 96  ? 1.623   12.117  2.467   1.00 27.71 ? 121 VAL A CB  1 
ATOM   710 C CG1 . VAL A 1 96  ? 2.616   12.300  1.322   1.00 27.84 ? 121 VAL A CG1 1 
ATOM   711 C CG2 . VAL A 1 96  ? 0.846   10.767  2.406   1.00 27.87 ? 121 VAL A CG2 1 
ATOM   712 N N   . PRO A 1 97  ? 0.548   13.407  5.072   1.00 25.48 ? 122 PRO A N   1 
ATOM   713 C CA  . PRO A 1 97  ? -0.554  13.341  6.013   1.00 23.83 ? 122 PRO A CA  1 
ATOM   714 C C   . PRO A 1 97  ? -1.610  12.300  5.646   1.00 22.81 ? 122 PRO A C   1 
ATOM   715 O O   . PRO A 1 97  ? -1.745  11.898  4.487   1.00 20.98 ? 122 PRO A O   1 
ATOM   716 C CB  . PRO A 1 97  ? -1.177  14.748  5.941   1.00 23.84 ? 122 PRO A CB  1 
ATOM   717 C CG  . PRO A 1 97  ? -0.093  15.627  5.408   1.00 24.39 ? 122 PRO A CG  1 
ATOM   718 C CD  . PRO A 1 97  ? 0.695   14.751  4.478   1.00 24.53 ? 122 PRO A CD  1 
ATOM   719 N N   . ARG A 1 98  ? -2.365  11.884  6.647   1.00 21.70 ? 123 ARG A N   1 
ATOM   720 C CA  . ARG A 1 98  ? -3.514  11.016  6.425   1.00 21.66 ? 123 ARG A CA  1 
ATOM   721 C C   . ARG A 1 98  ? -4.457  11.628  5.370   1.00 21.64 ? 123 ARG A C   1 
ATOM   722 O O   . ARG A 1 98  ? -4.993  10.913  4.529   1.00 20.46 ? 123 ARG A O   1 
ATOM   723 C CB  . ARG A 1 98  ? -4.233  10.721  7.759   1.00 21.73 ? 123 ARG A CB  1 
ATOM   724 C CG  . ARG A 1 98  ? -5.631  10.056  7.607   1.00 22.17 ? 123 ARG A CG  1 
ATOM   725 C CD  . ARG A 1 98  ? -6.374  9.850   8.945   1.00 22.57 ? 123 ARG A CD  1 
ATOM   726 N NE  . ARG A 1 98  ? -7.816  9.698   8.711   1.00 24.11 ? 123 ARG A NE  1 
ATOM   727 C CZ  . ARG A 1 98  ? -8.532  8.589   8.895   1.00 22.41 ? 123 ARG A CZ  1 
ATOM   728 N NH1 . ARG A 1 98  ? -7.982  7.467   9.356   1.00 25.90 ? 123 ARG A NH1 1 
ATOM   729 N NH2 . ARG A 1 98  ? -9.817  8.599   8.613   1.00 20.68 ? 123 ARG A NH2 1 
ATOM   730 N N   . GLU A 1 99  ? -4.626  12.955  5.402   1.00 21.96 ? 124 GLU A N   1 
ATOM   731 C CA  . GLU A 1 99  ? -5.514  13.647  4.453   1.00 22.25 ? 124 GLU A CA  1 
ATOM   732 C C   . GLU A 1 99  ? -5.106  13.415  3.002   1.00 21.79 ? 124 GLU A C   1 
ATOM   733 O O   . GLU A 1 99  ? -5.969  13.249  2.147   1.00 21.71 ? 124 GLU A O   1 
ATOM   734 C CB  . GLU A 1 99  ? -5.603  15.143  4.753   1.00 22.73 ? 124 GLU A CB  1 
ATOM   735 N N   . GLU A 1 100 ? -3.799  13.370  2.743   1.00 21.19 ? 125 GLU A N   1 
ATOM   736 C CA  . GLU A 1 100 ? -3.248  13.092  1.422   1.00 21.11 ? 125 GLU A CA  1 
ATOM   737 C C   . GLU A 1 100 ? -3.713  11.701  0.913   1.00 19.85 ? 125 GLU A C   1 
ATOM   738 O O   . GLU A 1 100 ? -4.158  11.546  -0.229  1.00 19.31 ? 125 GLU A O   1 
ATOM   739 C CB  . GLU A 1 100 ? -1.716  13.168  1.517   1.00 22.28 ? 125 GLU A CB  1 
ATOM   740 C CG  . GLU A 1 100 ? -0.979  13.428  0.242   1.00 25.33 ? 125 GLU A CG  1 
ATOM   741 C CD  . GLU A 1 100 ? -0.660  14.903  0.072   1.00 30.09 ? 125 GLU A CD  1 
ATOM   742 O OE1 . GLU A 1 100 ? 0.473   15.354  0.420   1.00 30.38 ? 125 GLU A OE1 1 
ATOM   743 O OE2 . GLU A 1 100 ? -1.571  15.609  -0.376  1.00 28.34 ? 125 GLU A OE2 1 
ATOM   744 N N   . ILE A 1 101 ? -3.627  10.695  1.777   1.00 17.75 ? 126 ILE A N   1 
ATOM   745 C CA  . ILE A 1 101 ? -4.070  9.352   1.432   1.00 17.23 ? 126 ILE A CA  1 
ATOM   746 C C   . ILE A 1 101 ? -5.585  9.301   1.286   1.00 17.19 ? 126 ILE A C   1 
ATOM   747 O O   . ILE A 1 101 ? -6.110  8.703   0.331   1.00 16.46 ? 126 ILE A O   1 
ATOM   748 C CB  . ILE A 1 101 ? -3.602  8.293   2.482   1.00 16.75 ? 126 ILE A CB  1 
ATOM   749 C CG1 . ILE A 1 101 ? -2.078  8.334   2.644   1.00 18.28 ? 126 ILE A CG1 1 
ATOM   750 C CG2 . ILE A 1 101 ? -4.086  6.896   2.068   1.00 15.35 ? 126 ILE A CG2 1 
ATOM   751 C CD1 . ILE A 1 101 ? -1.559  7.548   3.865   1.00 18.20 ? 126 ILE A CD1 1 
ATOM   752 N N   . GLU A 1 102 ? -6.281  9.968   2.205   1.00 17.87 ? 127 GLU A N   1 
ATOM   753 C CA  . GLU A 1 102 ? -7.743  9.906   2.237   1.00 19.02 ? 127 GLU A CA  1 
ATOM   754 C C   . GLU A 1 102 ? -8.349  10.611  1.018   1.00 18.92 ? 127 GLU A C   1 
ATOM   755 O O   . GLU A 1 102 ? -9.295  10.084  0.423   1.00 18.88 ? 127 GLU A O   1 
ATOM   756 C CB  . GLU A 1 102 ? -8.315  10.478  3.543   1.00 19.33 ? 127 GLU A CB  1 
ATOM   757 C CG  . GLU A 1 102 ? -9.796  10.109  3.696   1.00 20.04 ? 127 GLU A CG  1 
ATOM   758 C CD  . GLU A 1 102 ? -10.425 10.487  5.023   1.00 20.78 ? 127 GLU A CD  1 
ATOM   759 O OE1 . GLU A 1 102 ? -9.880  11.324  5.771   1.00 23.98 ? 127 GLU A OE1 1 
ATOM   760 O OE2 . GLU A 1 102 ? -11.515 9.957   5.296   1.00 21.58 ? 127 GLU A OE2 1 
ATOM   761 N N   . VAL A 1 103 ? -7.800  11.767  0.627   1.00 18.97 ? 128 VAL A N   1 
ATOM   762 C CA  . VAL A 1 103 ? -8.319  12.449  -0.576  1.00 19.77 ? 128 VAL A CA  1 
ATOM   763 C C   . VAL A 1 103 ? -8.137  11.548  -1.805  1.00 19.88 ? 128 VAL A C   1 
ATOM   764 O O   . VAL A 1 103 ? -9.030  11.464  -2.650  1.00 19.44 ? 128 VAL A O   1 
ATOM   765 C CB  . VAL A 1 103 ? -7.717  13.866  -0.830  1.00 20.59 ? 128 VAL A CB  1 
ATOM   766 C CG1 . VAL A 1 103 ? -8.484  14.592  -1.990  1.00 22.92 ? 128 VAL A CG1 1 
ATOM   767 C CG2 . VAL A 1 103 ? -7.829  14.721  0.400   1.00 21.87 ? 128 VAL A CG2 1 
ATOM   768 N N   . ARG A 1 104 ? -6.996  10.861  -1.901  1.00 20.25 ? 129 ARG A N   1 
ATOM   769 C CA  . ARG A 1 104 ? -6.761  10.005  -3.063  1.00 21.86 ? 129 ARG A CA  1 
ATOM   770 C C   . ARG A 1 104 ? -7.641  8.745   -3.043  1.00 22.41 ? 129 ARG A C   1 
ATOM   771 O O   . ARG A 1 104 ? -8.089  8.289   -4.106  1.00 22.72 ? 129 ARG A O   1 
ATOM   772 C CB  . ARG A 1 104 ? -5.260  9.711   -3.279  1.00 21.74 ? 129 ARG A CB  1 
ATOM   773 C CG  . ARG A 1 104 ? -4.445  10.965  -3.505  1.00 23.35 ? 129 ARG A CG  1 
ATOM   774 C CD  . ARG A 1 104 ? -3.060  10.665  -4.024  1.00 27.17 ? 129 ARG A CD  1 
ATOM   775 N NE  . ARG A 1 104 ? -2.132  11.760  -3.777  1.00 29.62 ? 129 ARG A NE  1 
ATOM   776 C CZ  . ARG A 1 104 ? -1.194  12.137  -4.636  1.00 31.90 ? 129 ARG A CZ  1 
ATOM   777 N NH1 . ARG A 1 104 ? -1.069  11.530  -5.822  1.00 32.43 ? 129 ARG A NH1 1 
ATOM   778 N NH2 . ARG A 1 104 ? -0.390  13.131  -4.321  1.00 34.06 ? 129 ARG A NH2 1 
ATOM   779 N N   . LEU A 1 105 ? -7.920  8.217   -1.850  1.00 22.24 ? 130 LEU A N   1 
ATOM   780 C CA  . LEU A 1 105 ? -8.829  7.082   -1.658  1.00 23.19 ? 130 LEU A CA  1 
ATOM   781 C C   . LEU A 1 105 ? -10.240 7.441   -2.112  1.00 23.50 ? 130 LEU A C   1 
ATOM   782 O O   . LEU A 1 105 ? -10.882 6.722   -2.881  1.00 23.81 ? 130 LEU A O   1 
ATOM   783 C CB  . LEU A 1 105 ? -8.931  6.707   -0.164  1.00 23.34 ? 130 LEU A CB  1 
ATOM   784 C CG  . LEU A 1 105 ? -8.080  5.688   0.588   1.00 25.27 ? 130 LEU A CG  1 
ATOM   785 C CD1 . LEU A 1 105 ? -8.366  5.752   2.093   1.00 24.78 ? 130 LEU A CD1 1 
ATOM   786 C CD2 . LEU A 1 105 ? -8.348  4.301   0.067   1.00 27.53 ? 130 LEU A CD2 1 
ATOM   787 N N   . LYS A 1 106 ? -10.737 8.567   -1.626  1.00 23.74 ? 131 LYS A N   1 
ATOM   788 C CA  . LYS A 1 106 ? -12.099 8.985   -1.959  1.00 25.05 ? 131 LYS A CA  1 
ATOM   789 C C   . LYS A 1 106 ? -12.290 9.192   -3.477  1.00 25.85 ? 131 LYS A C   1 
ATOM   790 O O   . LYS A 1 106 ? -13.375 8.943   -4.005  1.00 26.58 ? 131 LYS A O   1 
ATOM   791 C CB  . LYS A 1 106 ? -12.510 10.217  -1.131  1.00 24.53 ? 131 LYS A CB  1 
ATOM   792 C CG  . LYS A 1 106 ? -12.873 9.852   0.336   1.00 25.99 ? 131 LYS A CG  1 
ATOM   793 C CD  . LYS A 1 106 ? -13.116 11.074  1.235   1.00 25.62 ? 131 LYS A CD  1 
ATOM   794 N N   . SER A 1 107 ? -11.243 9.618   -4.179  1.00 27.09 ? 132 SER A N   1 
ATOM   795 C CA  . SER A 1 107 ? -11.350 9.837   -5.625  1.00 28.14 ? 132 SER A CA  1 
ATOM   796 C C   . SER A 1 107 ? -11.527 8.523   -6.364  1.00 28.38 ? 132 SER A C   1 
ATOM   797 O O   . SER A 1 107 ? -12.359 8.422   -7.275  1.00 28.70 ? 132 SER A O   1 
ATOM   798 C CB  . SER A 1 107 ? -10.155 10.628  -6.155  1.00 29.16 ? 132 SER A CB  1 
ATOM   799 O OG  . SER A 1 107 ? -10.159 11.926  -5.575  1.00 31.61 ? 132 SER A OG  1 
ATOM   800 N N   . LEU A 1 108 ? -10.789 7.511   -5.919  1.00 27.61 ? 133 LEU A N   1 
ATOM   801 C CA  . LEU A 1 108 ? -10.855 6.169   -6.469  1.00 27.31 ? 133 LEU A CA  1 
ATOM   802 C C   . LEU A 1 108 ? -12.134 5.420   -6.162  1.00 26.55 ? 133 LEU A C   1 
ATOM   803 O O   . LEU A 1 108 ? -12.501 4.484   -6.876  1.00 26.44 ? 133 LEU A O   1 
ATOM   804 C CB  . LEU A 1 108 ? -9.678  5.360   -5.962  1.00 26.74 ? 133 LEU A CB  1 
ATOM   805 C CG  . LEU A 1 108 ? -8.429  5.771   -6.727  1.00 28.89 ? 133 LEU A CG  1 
ATOM   806 C CD1 . LEU A 1 108 ? -7.202  5.369   -5.957  1.00 28.33 ? 133 LEU A CD1 1 
ATOM   807 C CD2 . LEU A 1 108 ? -8.446  5.160   -8.150  1.00 28.68 ? 133 LEU A CD2 1 
ATOM   808 N N   . LEU A 1 109 ? -12.794 5.811   -5.086  1.00 25.51 ? 134 LEU A N   1 
ATOM   809 C CA  . LEU A 1 109 ? -14.046 5.179   -4.734  1.00 25.04 ? 134 LEU A CA  1 
ATOM   810 C C   . LEU A 1 109 ? -15.223 5.772   -5.516  1.00 25.71 ? 134 LEU A C   1 
ATOM   811 O O   . LEU A 1 109 ? -16.355 5.304   -5.393  1.00 25.71 ? 134 LEU A O   1 
ATOM   812 C CB  . LEU A 1 109 ? -14.263 5.229   -3.218  1.00 24.36 ? 134 LEU A CB  1 
ATOM   813 C CG  . LEU A 1 109 ? -13.428 4.214   -2.408  1.00 22.47 ? 134 LEU A CG  1 
ATOM   814 C CD1 . LEU A 1 109 ? -13.488 4.565   -0.938  1.00 21.59 ? 134 LEU A CD1 1 
ATOM   815 C CD2 . LEU A 1 109 ? -13.882 2.765   -2.627  1.00 18.62 ? 134 LEU A CD2 1 
HETATM 816 O O   . HOH B 2 .   ? 13.518  -1.592  -7.212  1.00 12.22 ? 2   HOH A O   1 
HETATM 817 O O   . HOH B 2 .   ? -6.862  -3.739  -7.974  1.00 11.08 ? 3   HOH A O   1 
HETATM 818 O O   . HOH B 2 .   ? 8.953   -9.929  -9.997  1.00 18.20 ? 4   HOH A O   1 
HETATM 819 O O   . HOH B 2 .   ? -0.901  -14.297 -6.422  1.00 13.98 ? 5   HOH A O   1 
HETATM 820 O O   . HOH B 2 .   ? -10.072 -2.124  4.932   1.00 13.04 ? 6   HOH A O   1 
HETATM 821 O O   . HOH B 2 .   ? -15.768 4.730   4.866   1.00 20.11 ? 7   HOH A O   1 
HETATM 822 O O   . HOH B 2 .   ? 9.337   3.998   -4.999  1.00 11.17 ? 8   HOH A O   1 
HETATM 823 O O   . HOH B 2 .   ? 2.743   -11.221 -12.305 1.00 16.30 ? 9   HOH A O   1 
HETATM 824 O O   . HOH B 2 .   ? 12.374  -4.577  6.035   1.00 19.29 ? 10  HOH A O   1 
HETATM 825 O O   . HOH B 2 .   ? -1.576  -12.354 -12.379 1.00 23.73 ? 11  HOH A O   1 
HETATM 826 O O   . HOH B 2 .   ? 4.443   -6.700  5.646   1.00 12.71 ? 12  HOH A O   1 
HETATM 827 O O   . HOH B 2 .   ? 15.715  -3.509  2.866   0.50 13.20 ? 13  HOH A O   1 
HETATM 828 O O   . HOH B 2 .   ? 1.939   -12.795 -6.893  1.00 19.97 ? 14  HOH A O   1 
HETATM 829 O O   . HOH B 2 .   ? -8.014  -4.962  -15.361 1.00 20.95 ? 15  HOH A O   1 
HETATM 830 O O   . HOH B 2 .   ? -0.071  -1.557  -13.083 1.00 16.27 ? 16  HOH A O   1 
HETATM 831 O O   . HOH B 2 .   ? 12.354  -11.781 -1.416  1.00 20.35 ? 17  HOH A O   1 
HETATM 832 O O   . HOH B 2 .   ? 4.536   1.185   6.892   1.00 17.13 ? 18  HOH A O   1 
HETATM 833 O O   . HOH B 2 .   ? -8.106  -4.110  4.214   1.00 20.96 ? 19  HOH A O   1 
HETATM 834 O O   . HOH B 2 .   ? 7.892   -13.242 -0.335  1.00 22.45 ? 20  HOH A O   1 
HETATM 835 O O   . HOH B 2 .   ? 6.289   -8.935  2.321   1.00 22.71 ? 21  HOH A O   1 
HETATM 836 O O   . HOH B 2 .   ? 4.977   -1.008  8.575   1.00 25.62 ? 22  HOH A O   1 
HETATM 837 O O   . HOH B 2 .   ? -0.070  -4.142  -11.728 1.00 14.01 ? 23  HOH A O   1 
HETATM 838 O O   . HOH B 2 .   ? -16.060 6.379   -8.741  1.00 35.81 ? 24  HOH A O   1 
HETATM 839 O O   . HOH B 2 .   ? 5.731   0.990   -10.448 1.00 18.33 ? 136 HOH A O   1 
HETATM 840 O O   . HOH B 2 .   ? -8.310  -10.560 -0.185  1.00 22.45 ? 137 HOH A O   1 
HETATM 841 O O   . HOH B 2 .   ? -9.271  -6.158  -9.447  1.00 17.51 ? 138 HOH A O   1 
HETATM 842 O O   . HOH B 2 .   ? -10.230 0.630   -14.372 1.00 22.49 ? 139 HOH A O   1 
HETATM 843 O O   . HOH B 2 .   ? 11.130  8.726   0.292   1.00 22.32 ? 140 HOH A O   1 
HETATM 844 O O   . HOH B 2 .   ? -15.806 8.644   -2.865  1.00 34.01 ? 141 HOH A O   1 
HETATM 845 O O   . HOH B 2 .   ? -7.742  0.696   -13.456 1.00 21.53 ? 142 HOH A O   1 
HETATM 846 O O   . HOH B 2 .   ? 10.743  11.262  0.425   1.00 27.14 ? 143 HOH A O   1 
HETATM 847 O O   . HOH B 2 .   ? -11.823 -2.568  8.215   1.00 23.87 ? 144 HOH A O   1 
HETATM 848 O O   . HOH B 2 .   ? -4.288  14.409  7.948   1.00 23.60 ? 145 HOH A O   1 
HETATM 849 O O   . HOH B 2 .   ? 9.231   12.618  2.092   1.00 24.40 ? 146 HOH A O   1 
HETATM 850 O O   . HOH B 2 .   ? 4.564   9.640   -7.426  1.00 25.60 ? 147 HOH A O   1 
HETATM 851 O O   . HOH B 2 .   ? -13.544 -5.802  -4.966  1.00 23.60 ? 148 HOH A O   1 
HETATM 852 O O   . HOH B 2 .   ? -10.063 -2.262  11.926  1.00 34.35 ? 149 HOH A O   1 
HETATM 853 O O   . HOH B 2 .   ? 4.576   11.250  -4.240  1.00 29.52 ? 150 HOH A O   1 
HETATM 854 O O   . HOH B 2 .   ? 5.330   -1.195  11.469  1.00 19.71 ? 151 HOH A O   1 
HETATM 855 O O   . HOH B 2 .   ? -1.066  -5.270  9.824   1.00 27.29 ? 152 HOH A O   1 
HETATM 856 O O   . HOH B 2 .   ? -6.380  8.952   -6.859  1.00 26.96 ? 153 HOH A O   1 
HETATM 857 O O   . HOH B 2 .   ? 2.023   0.246   -13.804 1.00 25.78 ? 154 HOH A O   1 
HETATM 858 O O   . HOH B 2 .   ? -4.229  -4.962  10.312  1.00 22.31 ? 155 HOH A O   1 
HETATM 859 O O   . HOH B 2 .   ? 12.866  -2.093  -11.642 1.00 30.64 ? 156 HOH A O   1 
HETATM 860 O O   . HOH B 2 .   ? -11.772 -3.402  -3.103  1.00 27.26 ? 157 HOH A O   1 
HETATM 861 O O   . HOH B 2 .   ? 1.125   -13.394 3.412   1.00 27.11 ? 158 HOH A O   1 
HETATM 862 O O   . HOH B 2 .   ? 14.098  -11.993 0.773   1.00 35.30 ? 159 HOH A O   1 
HETATM 863 O O   . HOH B 2 .   ? 10.949  10.274  -3.818  1.00 19.45 ? 160 HOH A O   1 
HETATM 864 O O   . HOH B 2 .   ? 8.268   3.839   -8.244  1.00 37.97 ? 161 HOH A O   1 
HETATM 865 O O   . HOH B 2 .   ? 7.029   -14.332 3.080   1.00 35.16 ? 162 HOH A O   1 
HETATM 866 O O   . HOH B 2 .   ? -11.976 -5.976  -9.832  1.00 33.02 ? 163 HOH A O   1 
HETATM 867 O O   . HOH B 2 .   ? -1.404  -13.092 4.326   1.00 29.82 ? 164 HOH A O   1 
HETATM 868 O O   . HOH B 2 .   ? -13.386 16.912  0.816   1.00 32.08 ? 165 HOH A O   1 
HETATM 869 O O   . HOH B 2 .   ? 0.689   -2.257  10.302  1.00 36.18 ? 166 HOH A O   1 
HETATM 870 O O   . HOH B 2 .   ? -7.046  13.535  8.349   1.00 32.42 ? 167 HOH A O   1 
HETATM 871 O O   . HOH B 2 .   ? 2.917   -3.051  9.230   1.00 27.92 ? 168 HOH A O   1 
HETATM 872 O O   . HOH B 2 .   ? -15.728 7.482   -0.457  1.00 32.57 ? 169 HOH A O   1 
HETATM 873 O O   . HOH B 2 .   ? 9.248   12.004  -1.939  1.00 30.95 ? 170 HOH A O   1 
HETATM 874 O O   . HOH B 2 .   ? -7.980  2.310   14.264  1.00 28.96 ? 171 HOH A O   1 
HETATM 875 O O   . HOH B 2 .   ? 14.145  -10.147 -6.627  1.00 33.02 ? 172 HOH A O   1 
HETATM 876 O O   . HOH B 2 .   ? 6.127   -15.916 -0.774  1.00 34.64 ? 173 HOH A O   1 
HETATM 877 O O   . HOH B 2 .   ? -11.101 17.406  -0.192  1.00 46.25 ? 174 HOH A O   1 
HETATM 878 O O   . HOH B 2 .   ? 10.091  -13.766 -1.843  1.00 33.30 ? 175 HOH A O   1 
HETATM 879 O O   . HOH B 2 .   ? 14.679  -10.074 -9.804  0.50 11.17 ? 176 HOH A O   1 
HETATM 880 O O   . HOH B 2 .   ? -13.109 14.093  -0.315  1.00 25.22 ? 177 HOH A O   1 
HETATM 881 O O   . HOH B 2 .   ? -0.704  17.493  -1.883  1.00 32.25 ? 178 HOH A O   1 
HETATM 882 O O   . HOH B 2 .   ? -5.759  8.042   -10.755 1.00 32.39 ? 179 HOH A O   1 
HETATM 883 O O   . HOH B 2 .   ? 12.337  2.378   -10.582 1.00 31.58 ? 180 HOH A O   1 
HETATM 884 O O   . HOH B 2 .   ? 11.048  -11.755 -10.838 1.00 31.49 ? 181 HOH A O   1 
HETATM 885 O O   . HOH B 2 .   ? 7.653   -8.803  6.909   1.00 44.06 ? 182 HOH A O   1 
HETATM 886 O O   . HOH B 2 .   ? -2.032  -16.602 -4.707  1.00 30.97 ? 183 HOH A O   1 
HETATM 887 O O   . HOH B 2 .   ? -11.551 12.902  -2.880  1.00 39.28 ? 184 HOH A O   1 
HETATM 888 O O   . HOH B 2 .   ? 5.990   3.695   -9.202  1.00 34.95 ? 185 HOH A O   1 
HETATM 889 O O   . HOH B 2 .   ? -2.215  -11.339 6.145   1.00 22.51 ? 186 HOH A O   1 
HETATM 890 O O   . HOH B 2 .   ? 3.622   -10.631 9.175   1.00 22.72 ? 187 HOH A O   1 
HETATM 891 O O   . HOH B 2 .   ? -4.116  -12.894 -1.882  1.00 35.62 ? 188 HOH A O   1 
# 
